data_1WA7
#
_entry.id   1WA7
#
_cell.length_a   1.000
_cell.length_b   1.000
_cell.length_c   1.000
_cell.angle_alpha   90.00
_cell.angle_beta   90.00
_cell.angle_gamma   90.00
#
_symmetry.space_group_name_H-M   'P 1'
#
loop_
_entity.id
_entity.type
_entity.pdbx_description
1 polymer 'TYROSINE-PROTEIN KINASE LYN'
2 polymer "HYPOTHETICAL 28.7 KDA PROTEIN IN DHFR 3'REGION (ORF1)"
#
loop_
_entity_poly.entity_id
_entity_poly.type
_entity_poly.pdbx_seq_one_letter_code
_entity_poly.pdbx_strand_id
1 'polypeptide(L)' GSPEEQGDIVVALYPYDGIHPDDLSFKKGEKMKVLEEHGEWWKAKSLLTKKEGFIPSNYVAKLNT A
2 'polypeptide(L)' WDPGMPTPPLPPRPANLGERQA B
#
# COMPACT_ATOMS: atom_id res chain seq x y z
N GLN A 6 7.29 1.68 15.49
CA GLN A 6 5.81 1.54 15.52
C GLN A 6 5.25 1.64 14.10
N GLY A 7 5.01 2.84 13.64
CA GLY A 7 4.47 3.01 12.25
C GLY A 7 5.47 3.83 11.42
N ASP A 8 6.13 3.20 10.49
CA ASP A 8 7.11 3.94 9.65
C ASP A 8 6.38 4.60 8.48
N ILE A 9 7.05 5.41 7.72
CA ILE A 9 6.38 6.08 6.57
C ILE A 9 6.92 5.50 5.25
N VAL A 10 6.05 5.24 4.32
CA VAL A 10 6.49 4.67 3.01
C VAL A 10 5.86 5.48 1.88
N VAL A 11 6.40 5.41 0.70
CA VAL A 11 5.79 6.17 -0.42
C VAL A 11 5.39 5.20 -1.54
N ALA A 12 4.24 5.40 -2.12
CA ALA A 12 3.78 4.49 -3.20
C ALA A 12 4.61 4.71 -4.46
N LEU A 13 5.04 3.65 -5.09
CA LEU A 13 5.82 3.79 -6.34
C LEU A 13 4.86 3.58 -7.52
N TYR A 14 3.72 3.04 -7.23
CA TYR A 14 2.69 2.80 -8.28
C TYR A 14 1.33 2.71 -7.58
N PRO A 15 0.23 2.98 -8.29
CA PRO A 15 -1.10 2.92 -7.70
C PRO A 15 -1.42 1.50 -7.24
N TYR A 16 -2.15 1.36 -6.17
CA TYR A 16 -2.43 -0.01 -5.64
C TYR A 16 -3.48 -0.75 -6.47
N ASP A 17 -4.71 -0.29 -6.41
CA ASP A 17 -5.83 -0.96 -7.14
C ASP A 17 -6.89 -1.33 -6.10
N GLY A 18 -7.59 -0.36 -5.57
CA GLY A 18 -8.63 -0.65 -4.54
C GLY A 18 -9.61 -1.68 -5.07
N ILE A 19 -9.40 -2.94 -4.78
CA ILE A 19 -10.36 -3.98 -5.25
C ILE A 19 -11.19 -4.42 -4.05
N HIS A 20 -10.54 -4.64 -2.95
CA HIS A 20 -11.29 -5.04 -1.71
C HIS A 20 -11.99 -3.81 -1.16
N PRO A 21 -13.07 -4.01 -0.39
CA PRO A 21 -13.83 -2.90 0.18
C PRO A 21 -13.07 -2.21 1.33
N ASP A 22 -12.00 -2.81 1.79
CA ASP A 22 -11.23 -2.21 2.91
C ASP A 22 -9.84 -1.78 2.45
N ASP A 23 -9.39 -2.25 1.32
CA ASP A 23 -8.02 -1.88 0.84
C ASP A 23 -7.90 -0.36 0.74
N LEU A 24 -6.77 0.17 1.15
CA LEU A 24 -6.55 1.64 1.05
C LEU A 24 -5.94 1.93 -0.31
N SER A 25 -6.61 2.71 -1.11
CA SER A 25 -6.07 3.03 -2.46
C SER A 25 -4.97 4.09 -2.35
N PHE A 26 -3.91 3.92 -3.08
CA PHE A 26 -2.82 4.93 -3.07
C PHE A 26 -2.25 5.03 -4.48
N LYS A 27 -1.66 6.13 -4.83
CA LYS A 27 -1.11 6.26 -6.21
C LYS A 27 0.42 6.30 -6.14
N LYS A 28 1.06 6.36 -7.28
CA LYS A 28 2.55 6.41 -7.26
C LYS A 28 2.99 7.75 -6.67
N GLY A 29 4.13 7.78 -6.06
CA GLY A 29 4.64 9.05 -5.47
C GLY A 29 3.80 9.47 -4.26
N GLU A 30 2.71 8.78 -4.00
CA GLU A 30 1.86 9.16 -2.83
C GLU A 30 2.53 8.72 -1.53
N LYS A 31 2.39 9.50 -0.49
CA LYS A 31 3.02 9.12 0.81
C LYS A 31 1.98 8.41 1.69
N MET A 32 2.39 7.36 2.35
CA MET A 32 1.45 6.60 3.21
C MET A 32 2.12 6.26 4.53
N LYS A 33 1.36 6.11 5.57
CA LYS A 33 1.95 5.78 6.90
C LYS A 33 1.66 4.32 7.23
N VAL A 34 2.68 3.56 7.50
CA VAL A 34 2.48 2.13 7.85
C VAL A 34 2.08 2.03 9.33
N LEU A 35 1.12 1.21 9.64
CA LEU A 35 0.69 1.07 11.06
C LEU A 35 1.04 -0.33 11.58
N GLU A 36 0.85 -1.33 10.77
CA GLU A 36 1.15 -2.72 11.21
C GLU A 36 1.55 -3.55 9.99
N GLU A 37 2.82 -3.60 9.70
CA GLU A 37 3.28 -4.39 8.51
C GLU A 37 3.34 -5.88 8.87
N HIS A 38 2.52 -6.67 8.24
CA HIS A 38 2.51 -8.13 8.53
C HIS A 38 3.70 -8.79 7.81
N GLY A 39 3.45 -9.39 6.68
CA GLY A 39 4.58 -10.05 5.94
C GLY A 39 4.40 -9.86 4.44
N GLU A 40 3.26 -9.41 4.00
CA GLU A 40 3.04 -9.22 2.53
C GLU A 40 2.08 -8.05 2.29
N TRP A 41 1.23 -7.75 3.23
CA TRP A 41 0.26 -6.63 3.03
C TRP A 41 0.20 -5.78 4.30
N TRP A 42 0.85 -4.63 4.29
CA TRP A 42 0.82 -3.76 5.51
C TRP A 42 -0.35 -2.78 5.44
N LYS A 43 -0.99 -2.54 6.54
CA LYS A 43 -2.14 -1.58 6.55
C LYS A 43 -1.59 -0.18 6.84
N ALA A 44 -1.55 0.67 5.85
CA ALA A 44 -1.01 2.05 6.07
C ALA A 44 -2.16 3.05 6.15
N LYS A 45 -1.83 4.30 6.27
CA LYS A 45 -2.89 5.35 6.36
C LYS A 45 -2.66 6.40 5.27
N SER A 46 -3.67 6.71 4.50
CA SER A 46 -3.51 7.72 3.43
C SER A 46 -3.42 9.12 4.04
N LEU A 47 -2.38 9.85 3.73
CA LEU A 47 -2.27 11.23 4.27
C LEU A 47 -3.31 12.10 3.57
N LEU A 48 -3.95 11.57 2.57
CA LEU A 48 -4.98 12.34 1.84
C LEU A 48 -6.01 12.89 2.83
N THR A 49 -6.60 12.04 3.62
CA THR A 49 -7.60 12.52 4.60
C THR A 49 -7.81 11.47 5.70
N LYS A 50 -6.80 10.69 5.99
CA LYS A 50 -6.93 9.67 7.08
C LYS A 50 -7.52 8.37 6.53
N LYS A 51 -7.06 7.93 5.38
CA LYS A 51 -7.58 6.65 4.83
C LYS A 51 -6.76 5.50 5.39
N GLU A 52 -7.40 4.46 5.85
CA GLU A 52 -6.62 3.32 6.41
C GLU A 52 -6.99 2.05 5.66
N GLY A 53 -6.03 1.42 5.02
CA GLY A 53 -6.34 0.18 4.27
C GLY A 53 -5.07 -0.65 4.08
N PHE A 54 -5.24 -1.87 3.66
CA PHE A 54 -4.06 -2.76 3.45
C PHE A 54 -3.30 -2.33 2.19
N ILE A 55 -2.01 -2.22 2.29
CA ILE A 55 -1.20 -1.83 1.10
C ILE A 55 -0.18 -2.92 0.82
N PRO A 56 0.06 -3.26 -0.46
CA PRO A 56 1.00 -4.31 -0.82
C PRO A 56 2.45 -3.92 -0.53
N SER A 57 3.26 -4.86 -0.15
CA SER A 57 4.68 -4.55 0.17
C SER A 57 5.49 -4.33 -1.11
N ASN A 58 4.86 -4.34 -2.25
CA ASN A 58 5.62 -4.15 -3.52
C ASN A 58 5.37 -2.75 -4.09
N TYR A 59 4.14 -2.37 -4.26
CA TYR A 59 3.85 -1.02 -4.84
C TYR A 59 4.60 0.07 -4.08
N VAL A 60 4.35 0.20 -2.80
CA VAL A 60 5.02 1.28 -2.03
C VAL A 60 6.45 0.88 -1.66
N ALA A 61 7.26 1.87 -1.37
CA ALA A 61 8.67 1.63 -0.99
C ALA A 61 9.00 2.49 0.23
N LYS A 62 10.04 2.15 0.96
CA LYS A 62 10.38 2.97 2.16
C LYS A 62 11.00 4.29 1.71
N LEU A 63 10.82 5.33 2.48
CA LEU A 63 11.39 6.65 2.11
C LEU A 63 12.88 6.51 1.78
N ASN A 64 13.54 5.55 2.36
CA ASN A 64 15.00 5.38 2.07
C ASN A 64 15.17 4.71 0.71
N THR A 65 15.30 3.41 0.68
CA THR A 65 15.47 2.71 -0.63
C THR A 65 14.55 1.49 -0.68
N TRP B 1 12.06 8.08 -23.01
CA TRP B 1 10.90 7.35 -22.42
C TRP B 1 9.76 7.30 -23.45
N ASP B 2 8.62 6.82 -23.05
CA ASP B 2 7.47 6.74 -24.00
C ASP B 2 6.19 6.46 -23.21
N PRO B 3 6.19 5.36 -22.45
CA PRO B 3 5.04 4.97 -21.63
C PRO B 3 4.80 5.94 -20.47
N GLY B 4 5.41 5.69 -19.35
CA GLY B 4 5.23 6.61 -18.18
C GLY B 4 4.07 6.10 -17.31
N MET B 5 3.88 4.81 -17.27
CA MET B 5 2.77 4.24 -16.44
C MET B 5 3.10 2.81 -16.04
N PRO B 6 3.99 2.65 -15.05
CA PRO B 6 4.40 1.34 -14.56
C PRO B 6 3.54 0.87 -13.39
N THR B 7 3.72 -0.35 -12.96
CA THR B 7 2.92 -0.87 -11.82
C THR B 7 3.21 -2.37 -11.64
N PRO B 8 4.05 -2.70 -10.64
CA PRO B 8 4.41 -4.09 -10.36
C PRO B 8 3.25 -4.86 -9.72
N PRO B 9 3.28 -6.19 -9.80
CA PRO B 9 2.24 -7.04 -9.22
C PRO B 9 2.27 -7.00 -7.69
N LEU B 10 1.12 -7.03 -7.06
CA LEU B 10 1.10 -6.98 -5.58
C LEU B 10 1.37 -8.37 -5.02
N PRO B 11 1.53 -8.44 -3.69
CA PRO B 11 1.77 -9.71 -2.99
C PRO B 11 0.52 -10.60 -2.99
N PRO B 12 0.58 -11.73 -2.28
CA PRO B 12 -0.52 -12.69 -2.23
C PRO B 12 -1.51 -12.49 -1.08
N ARG B 13 -1.09 -11.83 -0.02
CA ARG B 13 -2.02 -11.63 1.13
C ARG B 13 -2.10 -12.92 1.95
N PRO B 14 -1.29 -13.01 3.02
CA PRO B 14 -1.28 -14.19 3.89
C PRO B 14 -2.59 -14.35 4.65
N ALA B 15 -3.30 -15.41 4.37
CA ALA B 15 -4.61 -15.63 5.06
C ALA B 15 -5.52 -14.42 4.86
N ASN B 16 -5.68 -13.99 3.64
CA ASN B 16 -6.55 -12.82 3.41
C ASN B 16 -6.01 -11.61 4.15
N LEU B 17 -4.72 -11.39 4.07
CA LEU B 17 -4.13 -10.22 4.78
C LEU B 17 -4.68 -8.93 4.17
N GLY B 18 -4.18 -8.54 3.04
CA GLY B 18 -4.68 -7.30 2.40
C GLY B 18 -6.06 -7.58 1.81
N GLU B 19 -6.58 -8.77 2.00
CA GLU B 19 -7.93 -9.08 1.46
C GLU B 19 -9.00 -8.54 2.40
N ARG B 20 -9.38 -9.31 3.38
CA ARG B 20 -10.42 -8.84 4.34
C ARG B 20 -9.80 -8.67 5.72
N GLN B 21 -10.53 -8.10 6.65
CA GLN B 21 -9.98 -7.91 8.02
C GLN B 21 -9.78 -9.28 8.68
N ALA B 22 -8.57 -9.77 8.69
CA ALA B 22 -8.32 -11.10 9.31
C ALA B 22 -8.89 -12.21 8.43
N GLN A 6 6.57 -0.48 15.51
CA GLN A 6 7.46 0.10 14.46
C GLN A 6 6.89 1.44 13.99
N GLY A 7 5.89 1.40 13.17
CA GLY A 7 5.28 2.67 12.68
C GLY A 7 6.31 3.43 11.82
N ASP A 8 6.34 3.15 10.55
CA ASP A 8 7.32 3.86 9.66
C ASP A 8 6.56 4.54 8.53
N ILE A 9 7.23 5.33 7.73
CA ILE A 9 6.54 6.02 6.61
C ILE A 9 7.04 5.46 5.27
N VAL A 10 6.14 5.22 4.36
CA VAL A 10 6.55 4.68 3.03
C VAL A 10 5.91 5.52 1.93
N VAL A 11 6.42 5.45 0.74
CA VAL A 11 5.81 6.25 -0.36
C VAL A 11 5.34 5.31 -1.47
N ALA A 12 4.20 5.59 -2.05
CA ALA A 12 3.66 4.71 -3.13
C ALA A 12 4.47 4.93 -4.41
N LEU A 13 4.86 3.87 -5.05
CA LEU A 13 5.63 4.01 -6.33
C LEU A 13 4.64 3.80 -7.48
N TYR A 14 3.50 3.25 -7.17
CA TYR A 14 2.46 3.00 -8.21
C TYR A 14 1.10 2.95 -7.51
N PRO A 15 0.02 3.26 -8.22
CA PRO A 15 -1.33 3.22 -7.63
C PRO A 15 -1.68 1.80 -7.22
N TYR A 16 -2.49 1.62 -6.21
CA TYR A 16 -2.79 0.22 -5.78
C TYR A 16 -4.06 -0.29 -6.46
N ASP A 17 -5.02 0.59 -6.71
CA ASP A 17 -6.28 0.15 -7.39
C ASP A 17 -7.45 0.15 -6.39
N GLY A 18 -7.29 -0.54 -5.30
CA GLY A 18 -8.41 -0.62 -4.31
C GLY A 18 -9.43 -1.64 -4.83
N ILE A 19 -9.14 -2.91 -4.64
CA ILE A 19 -10.09 -3.94 -5.11
C ILE A 19 -10.94 -4.37 -3.93
N HIS A 20 -10.32 -4.61 -2.80
CA HIS A 20 -11.10 -5.01 -1.60
C HIS A 20 -11.82 -3.77 -1.09
N PRO A 21 -13.03 -3.95 -0.52
CA PRO A 21 -13.81 -2.81 -0.01
C PRO A 21 -13.13 -2.17 1.20
N ASP A 22 -12.12 -2.81 1.73
CA ASP A 22 -11.41 -2.28 2.91
C ASP A 22 -9.96 -1.91 2.54
N ASP A 23 -9.46 -2.44 1.46
CA ASP A 23 -8.06 -2.14 1.06
C ASP A 23 -7.87 -0.64 0.90
N LEU A 24 -6.73 -0.14 1.25
CA LEU A 24 -6.48 1.33 1.11
C LEU A 24 -5.86 1.57 -0.26
N SER A 25 -6.52 2.31 -1.09
CA SER A 25 -5.99 2.61 -2.44
C SER A 25 -5.01 3.79 -2.34
N PHE A 26 -3.98 3.79 -3.12
CA PHE A 26 -3.02 4.91 -3.09
C PHE A 26 -2.45 5.09 -4.49
N LYS A 27 -1.89 6.23 -4.79
CA LYS A 27 -1.33 6.44 -6.15
C LYS A 27 0.20 6.52 -6.08
N LYS A 28 0.85 6.55 -7.21
CA LYS A 28 2.34 6.62 -7.19
C LYS A 28 2.78 7.97 -6.62
N GLY A 29 3.93 8.02 -6.02
CA GLY A 29 4.42 9.30 -5.44
C GLY A 29 3.61 9.66 -4.18
N GLU A 30 2.57 8.93 -3.91
CA GLU A 30 1.75 9.23 -2.70
C GLU A 30 2.46 8.74 -1.44
N LYS A 31 2.38 9.47 -0.38
CA LYS A 31 3.06 9.05 0.89
C LYS A 31 2.04 8.32 1.78
N MET A 32 2.46 7.26 2.39
CA MET A 32 1.54 6.48 3.27
C MET A 32 2.26 6.10 4.57
N LYS A 33 1.53 5.94 5.63
CA LYS A 33 2.17 5.57 6.93
C LYS A 33 1.81 4.12 7.28
N VAL A 34 2.79 3.31 7.53
CA VAL A 34 2.52 1.89 7.90
C VAL A 34 2.18 1.82 9.38
N LEU A 35 1.10 1.18 9.73
CA LEU A 35 0.71 1.09 11.17
C LEU A 35 1.07 -0.30 11.71
N GLU A 36 0.78 -1.33 10.97
CA GLU A 36 1.10 -2.70 11.44
C GLU A 36 1.44 -3.58 10.24
N GLU A 37 2.70 -3.84 10.03
CA GLU A 37 3.11 -4.69 8.87
C GLU A 37 2.92 -6.17 9.22
N HIS A 38 2.22 -6.88 8.39
CA HIS A 38 2.00 -8.33 8.66
C HIS A 38 3.17 -9.13 8.07
N GLY A 39 2.95 -9.81 6.98
CA GLY A 39 4.05 -10.61 6.37
C GLY A 39 4.21 -10.24 4.90
N GLU A 40 3.20 -9.65 4.30
CA GLU A 40 3.32 -9.27 2.86
C GLU A 40 2.33 -8.15 2.52
N TRP A 41 1.40 -7.86 3.39
CA TRP A 41 0.42 -6.77 3.12
C TRP A 41 0.26 -5.93 4.39
N TRP A 42 0.89 -4.79 4.45
CA TRP A 42 0.80 -3.94 5.68
C TRP A 42 -0.34 -2.93 5.55
N LYS A 43 -0.95 -2.58 6.65
CA LYS A 43 -2.07 -1.59 6.61
C LYS A 43 -1.49 -0.19 6.85
N ALA A 44 -1.44 0.61 5.83
CA ALA A 44 -0.88 1.98 5.99
C ALA A 44 -2.02 3.00 6.02
N LYS A 45 -1.67 4.26 6.03
CA LYS A 45 -2.71 5.32 6.07
C LYS A 45 -2.49 6.31 4.93
N SER A 46 -3.51 6.63 4.17
CA SER A 46 -3.33 7.59 3.05
C SER A 46 -3.27 9.01 3.59
N LEU A 47 -2.25 9.75 3.22
CA LEU A 47 -2.15 11.15 3.70
C LEU A 47 -3.21 12.00 2.98
N LEU A 48 -3.89 11.41 2.03
CA LEU A 48 -4.94 12.16 1.28
C LEU A 48 -5.94 12.74 2.27
N THR A 49 -6.52 11.91 3.09
CA THR A 49 -7.50 12.42 4.09
C THR A 49 -7.67 11.41 5.23
N LYS A 50 -6.65 10.63 5.50
CA LYS A 50 -6.75 9.64 6.62
C LYS A 50 -7.37 8.32 6.15
N LYS A 51 -6.96 7.84 5.02
CA LYS A 51 -7.50 6.53 4.55
C LYS A 51 -6.66 5.42 5.17
N GLU A 52 -7.28 4.41 5.72
CA GLU A 52 -6.49 3.31 6.34
C GLU A 52 -6.86 1.98 5.70
N GLY A 53 -5.92 1.32 5.09
CA GLY A 53 -6.24 0.02 4.43
C GLY A 53 -4.96 -0.79 4.23
N PHE A 54 -5.10 -2.03 3.85
CA PHE A 54 -3.91 -2.89 3.63
C PHE A 54 -3.18 -2.44 2.36
N ILE A 55 -1.89 -2.29 2.44
CA ILE A 55 -1.11 -1.88 1.24
C ILE A 55 -0.06 -2.95 0.95
N PRO A 56 0.19 -3.23 -0.33
CA PRO A 56 1.15 -4.27 -0.72
C PRO A 56 2.59 -3.87 -0.42
N SER A 57 3.46 -4.83 -0.22
CA SER A 57 4.87 -4.50 0.07
C SER A 57 5.62 -4.23 -1.24
N ASN A 58 4.93 -4.19 -2.35
CA ASN A 58 5.62 -3.96 -3.64
C ASN A 58 5.34 -2.54 -4.17
N TYR A 59 4.10 -2.16 -4.25
CA TYR A 59 3.77 -0.80 -4.76
C TYR A 59 4.56 0.28 -4.03
N VAL A 60 4.35 0.39 -2.75
CA VAL A 60 5.06 1.47 -1.98
C VAL A 60 6.49 1.06 -1.65
N ALA A 61 7.32 2.03 -1.42
CA ALA A 61 8.74 1.77 -1.08
C ALA A 61 9.12 2.63 0.13
N LYS A 62 10.14 2.28 0.84
CA LYS A 62 10.55 3.09 2.02
C LYS A 62 11.22 4.38 1.54
N LEU A 63 11.12 5.43 2.31
CA LEU A 63 11.75 6.71 1.90
C LEU A 63 12.72 7.17 2.99
N ASN A 64 13.80 7.81 2.61
CA ASN A 64 14.78 8.28 3.63
C ASN A 64 14.52 9.76 3.93
N THR A 65 15.07 10.64 3.14
CA THR A 65 14.85 12.10 3.38
C THR A 65 13.50 12.52 2.80
N TRP B 1 5.94 6.00 -26.43
CA TRP B 1 5.28 5.96 -25.10
C TRP B 1 3.78 6.17 -25.28
N ASP B 2 3.02 6.01 -24.23
CA ASP B 2 1.55 6.21 -24.32
C ASP B 2 0.93 6.15 -22.93
N PRO B 3 1.20 5.05 -22.20
CA PRO B 3 0.68 4.86 -20.83
C PRO B 3 1.30 5.86 -19.85
N GLY B 4 2.40 5.52 -19.25
CA GLY B 4 3.05 6.45 -18.28
C GLY B 4 2.67 6.03 -16.86
N MET B 5 2.56 4.76 -16.62
CA MET B 5 2.20 4.28 -15.26
C MET B 5 2.57 2.80 -15.12
N PRO B 6 3.71 2.53 -14.47
CA PRO B 6 4.19 1.17 -14.28
C PRO B 6 3.43 0.46 -13.14
N THR B 7 3.98 -0.59 -12.61
CA THR B 7 3.31 -1.33 -11.51
C THR B 7 3.97 -2.70 -11.35
N PRO B 8 4.63 -2.92 -10.20
CA PRO B 8 5.30 -4.18 -9.91
C PRO B 8 4.33 -5.27 -9.49
N PRO B 9 4.81 -6.52 -9.37
CA PRO B 9 3.98 -7.66 -8.97
C PRO B 9 3.54 -7.57 -7.50
N LEU B 10 2.31 -7.24 -7.27
CA LEU B 10 1.82 -7.13 -5.87
C LEU B 10 2.25 -8.35 -5.07
N PRO B 11 2.24 -8.21 -3.75
CA PRO B 11 2.60 -9.30 -2.83
C PRO B 11 1.57 -10.43 -2.88
N PRO B 12 1.80 -11.49 -2.08
CA PRO B 12 0.91 -12.68 -2.07
C PRO B 12 -0.41 -12.43 -1.32
N ARG B 13 -0.34 -11.89 -0.13
CA ARG B 13 -1.60 -11.67 0.64
C ARG B 13 -2.02 -12.99 1.31
N PRO B 14 -1.40 -13.31 2.45
CA PRO B 14 -1.69 -14.55 3.20
C PRO B 14 -3.04 -14.48 3.92
N ALA B 15 -3.76 -15.57 3.94
CA ALA B 15 -5.09 -15.59 4.63
C ALA B 15 -5.80 -14.25 4.41
N ASN B 16 -6.11 -13.94 3.18
CA ASN B 16 -6.80 -12.65 2.90
C ASN B 16 -6.16 -11.54 3.74
N LEU B 17 -4.86 -11.46 3.72
CA LEU B 17 -4.16 -10.40 4.51
C LEU B 17 -4.53 -9.03 3.96
N GLY B 18 -3.92 -8.63 2.89
CA GLY B 18 -4.24 -7.30 2.30
C GLY B 18 -5.70 -7.34 1.83
N GLU B 19 -6.28 -8.51 1.79
CA GLU B 19 -7.69 -8.61 1.36
C GLU B 19 -8.61 -8.12 2.48
N ARG B 20 -8.86 -8.97 3.45
CA ARG B 20 -9.74 -8.56 4.58
C ARG B 20 -8.93 -7.72 5.57
N GLN B 21 -9.53 -7.33 6.66
CA GLN B 21 -8.79 -6.50 7.66
C GLN B 21 -8.81 -7.21 9.02
N ALA B 22 -9.79 -8.04 9.25
CA ALA B 22 -9.86 -8.76 10.55
C ALA B 22 -9.78 -10.27 10.31
N GLN A 6 8.47 -3.50 10.70
CA GLN A 6 8.19 -2.16 11.28
C GLN A 6 7.14 -1.44 10.42
N GLY A 7 7.55 -0.86 9.34
CA GLY A 7 6.58 -0.14 8.46
C GLY A 7 6.93 1.35 8.43
N ASP A 8 6.42 2.10 9.37
CA ASP A 8 6.71 3.56 9.40
C ASP A 8 6.14 4.24 8.15
N ILE A 9 6.53 5.46 7.91
CA ILE A 9 6.02 6.17 6.72
C ILE A 9 6.63 5.59 5.45
N VAL A 10 5.80 5.34 4.47
CA VAL A 10 6.29 4.76 3.19
C VAL A 10 5.70 5.57 2.04
N VAL A 11 6.27 5.48 0.86
CA VAL A 11 5.71 6.26 -0.28
C VAL A 11 5.29 5.30 -1.39
N ALA A 12 4.16 5.55 -1.99
CA ALA A 12 3.67 4.65 -3.07
C ALA A 12 4.51 4.85 -4.34
N LEU A 13 4.91 3.76 -4.95
CA LEU A 13 5.71 3.87 -6.21
C LEU A 13 4.76 3.67 -7.39
N TYR A 14 3.57 3.21 -7.11
CA TYR A 14 2.57 2.97 -8.18
C TYR A 14 1.18 2.97 -7.55
N PRO A 15 0.14 3.28 -8.33
CA PRO A 15 -1.23 3.29 -7.80
C PRO A 15 -1.63 1.87 -7.41
N TYR A 16 -2.47 1.71 -6.42
CA TYR A 16 -2.81 0.32 -6.01
C TYR A 16 -4.14 -0.11 -6.65
N ASP A 17 -4.54 -1.33 -6.41
CA ASP A 17 -5.80 -1.84 -6.99
C ASP A 17 -6.83 -2.02 -5.86
N GLY A 18 -7.46 -0.97 -5.41
CA GLY A 18 -8.49 -1.14 -4.34
C GLY A 18 -9.51 -2.19 -4.79
N ILE A 19 -9.23 -3.45 -4.55
CA ILE A 19 -10.17 -4.51 -4.99
C ILE A 19 -10.92 -5.06 -3.77
N HIS A 20 -10.62 -4.56 -2.61
CA HIS A 20 -11.32 -5.03 -1.39
C HIS A 20 -12.03 -3.85 -0.74
N PRO A 21 -13.05 -4.11 0.09
CA PRO A 21 -13.82 -3.04 0.74
C PRO A 21 -12.97 -2.30 1.78
N ASP A 22 -11.89 -2.89 2.22
CA ASP A 22 -11.03 -2.24 3.24
C ASP A 22 -9.68 -1.84 2.63
N ASP A 23 -9.36 -2.33 1.46
CA ASP A 23 -8.05 -1.98 0.85
C ASP A 23 -7.97 -0.46 0.71
N LEU A 24 -6.82 0.08 0.99
CA LEU A 24 -6.64 1.56 0.86
C LEU A 24 -6.00 1.84 -0.50
N SER A 25 -6.66 2.62 -1.31
CA SER A 25 -6.10 2.94 -2.65
C SER A 25 -5.05 4.04 -2.53
N PHE A 26 -3.99 3.94 -3.27
CA PHE A 26 -2.94 5.00 -3.23
C PHE A 26 -2.34 5.16 -4.62
N LYS A 27 -1.76 6.28 -4.92
CA LYS A 27 -1.17 6.47 -6.26
C LYS A 27 0.35 6.51 -6.17
N LYS A 28 1.03 6.55 -7.28
CA LYS A 28 2.53 6.59 -7.23
C LYS A 28 2.97 7.92 -6.64
N GLY A 29 4.11 7.94 -6.00
CA GLY A 29 4.62 9.20 -5.40
C GLY A 29 3.77 9.59 -4.19
N GLU A 30 2.69 8.90 -3.94
CA GLU A 30 1.83 9.25 -2.77
C GLU A 30 2.51 8.76 -1.48
N LYS A 31 2.39 9.50 -0.43
CA LYS A 31 3.03 9.08 0.85
C LYS A 31 2.00 8.38 1.74
N MET A 32 2.41 7.32 2.38
CA MET A 32 1.49 6.56 3.27
C MET A 32 2.22 6.17 4.55
N LYS A 33 1.50 5.99 5.62
CA LYS A 33 2.17 5.62 6.90
C LYS A 33 1.87 4.14 7.20
N VAL A 34 2.89 3.36 7.49
CA VAL A 34 2.65 1.93 7.80
C VAL A 34 2.20 1.80 9.26
N LEU A 35 1.07 1.19 9.48
CA LEU A 35 0.57 1.03 10.88
C LEU A 35 0.86 -0.38 11.38
N GLU A 36 0.63 -1.37 10.57
CA GLU A 36 0.87 -2.78 11.01
C GLU A 36 1.36 -3.60 9.82
N GLU A 37 2.65 -3.78 9.70
CA GLU A 37 3.19 -4.58 8.57
C GLU A 37 3.08 -6.07 8.90
N HIS A 38 2.31 -6.80 8.14
CA HIS A 38 2.16 -8.25 8.42
C HIS A 38 3.31 -9.02 7.74
N GLY A 39 3.03 -9.71 6.67
CA GLY A 39 4.10 -10.48 5.98
C GLY A 39 4.10 -10.15 4.48
N GLU A 40 3.04 -9.58 3.97
CA GLU A 40 3.00 -9.27 2.52
C GLU A 40 2.05 -8.09 2.25
N TRP A 41 1.18 -7.78 3.18
CA TRP A 41 0.24 -6.66 2.96
C TRP A 41 0.15 -5.80 4.24
N TRP A 42 0.82 -4.67 4.26
CA TRP A 42 0.77 -3.82 5.49
C TRP A 42 -0.39 -2.82 5.38
N LYS A 43 -1.04 -2.56 6.49
CA LYS A 43 -2.16 -1.59 6.48
C LYS A 43 -1.61 -0.20 6.80
N ALA A 44 -1.50 0.66 5.82
CA ALA A 44 -0.95 2.01 6.07
C ALA A 44 -2.08 3.04 6.10
N LYS A 45 -1.73 4.29 6.23
CA LYS A 45 -2.77 5.36 6.28
C LYS A 45 -2.48 6.40 5.19
N SER A 46 -3.45 6.74 4.40
CA SER A 46 -3.22 7.75 3.33
C SER A 46 -3.14 9.14 3.94
N LEU A 47 -2.09 9.86 3.66
CA LEU A 47 -1.97 11.23 4.20
C LEU A 47 -2.97 12.13 3.46
N LEU A 48 -3.60 11.60 2.44
CA LEU A 48 -4.59 12.40 1.68
C LEU A 48 -5.63 12.97 2.64
N THR A 49 -6.26 12.13 3.41
CA THR A 49 -7.28 12.63 4.37
C THR A 49 -7.53 11.58 5.45
N LYS A 50 -6.54 10.77 5.77
CA LYS A 50 -6.72 9.75 6.85
C LYS A 50 -7.31 8.47 6.26
N LYS A 51 -6.82 8.03 5.14
CA LYS A 51 -7.34 6.76 4.55
C LYS A 51 -6.58 5.59 5.18
N GLU A 52 -7.27 4.58 5.62
CA GLU A 52 -6.56 3.43 6.23
C GLU A 52 -6.92 2.15 5.47
N GLY A 53 -5.95 1.48 4.92
CA GLY A 53 -6.26 0.24 4.17
C GLY A 53 -5.01 -0.60 3.97
N PHE A 54 -5.18 -1.83 3.59
CA PHE A 54 -4.02 -2.72 3.38
C PHE A 54 -3.27 -2.29 2.12
N ILE A 55 -1.97 -2.20 2.19
CA ILE A 55 -1.18 -1.81 1.00
C ILE A 55 -0.17 -2.91 0.71
N PRO A 56 0.09 -3.20 -0.57
CA PRO A 56 1.03 -4.25 -0.95
C PRO A 56 2.46 -3.90 -0.56
N SER A 57 3.29 -4.88 -0.34
CA SER A 57 4.69 -4.60 0.06
C SER A 57 5.56 -4.30 -1.16
N ASN A 58 4.98 -4.19 -2.32
CA ASN A 58 5.80 -3.91 -3.53
C ASN A 58 5.54 -2.49 -4.04
N TYR A 59 4.31 -2.14 -4.27
CA TYR A 59 4.00 -0.78 -4.80
C TYR A 59 4.72 0.30 -3.99
N VAL A 60 4.40 0.41 -2.74
CA VAL A 60 5.02 1.48 -1.91
C VAL A 60 6.43 1.07 -1.48
N ALA A 61 7.25 2.06 -1.21
CA ALA A 61 8.65 1.79 -0.78
C ALA A 61 8.96 2.66 0.44
N LYS A 62 9.98 2.32 1.18
CA LYS A 62 10.31 3.16 2.38
C LYS A 62 11.00 4.45 1.93
N LEU A 63 10.84 5.50 2.69
CA LEU A 63 11.49 6.79 2.30
C LEU A 63 12.99 6.72 2.61
N ASN A 64 13.63 7.84 2.77
CA ASN A 64 15.09 7.83 3.07
C ASN A 64 15.88 7.52 1.80
N THR A 65 16.76 8.40 1.41
CA THR A 65 17.56 8.15 0.18
C THR A 65 19.05 8.30 0.50
N TRP B 1 9.23 7.93 -26.10
CA TRP B 1 8.69 7.53 -24.76
C TRP B 1 9.54 6.40 -24.19
N ASP B 2 9.26 6.00 -22.97
CA ASP B 2 10.05 4.92 -22.34
C ASP B 2 9.37 4.50 -21.04
N PRO B 3 9.17 5.47 -20.14
CA PRO B 3 8.52 5.22 -18.84
C PRO B 3 7.04 4.86 -19.00
N GLY B 4 6.18 5.86 -18.99
CA GLY B 4 4.73 5.57 -19.14
C GLY B 4 4.14 5.19 -17.78
N MET B 5 4.86 5.47 -16.73
CA MET B 5 4.34 5.12 -15.37
C MET B 5 3.91 3.65 -15.35
N PRO B 6 4.83 2.75 -14.98
CA PRO B 6 4.55 1.32 -14.93
C PRO B 6 3.76 0.95 -13.68
N THR B 7 3.77 -0.30 -13.32
CA THR B 7 3.01 -0.74 -12.10
C THR B 7 3.25 -2.23 -11.88
N PRO B 8 4.12 -2.56 -10.90
CA PRO B 8 4.44 -3.96 -10.57
C PRO B 8 3.25 -4.67 -9.92
N PRO B 9 3.23 -6.01 -10.00
CA PRO B 9 2.16 -6.82 -9.40
C PRO B 9 2.21 -6.77 -7.87
N LEU B 10 1.08 -6.87 -7.22
CA LEU B 10 1.09 -6.84 -5.74
C LEU B 10 1.32 -8.24 -5.20
N PRO B 11 1.47 -8.34 -3.87
CA PRO B 11 1.69 -9.61 -3.19
C PRO B 11 0.42 -10.48 -3.21
N PRO B 12 0.45 -11.63 -2.53
CA PRO B 12 -0.67 -12.58 -2.51
C PRO B 12 -1.67 -12.36 -1.38
N ARG B 13 -1.25 -11.77 -0.29
CA ARG B 13 -2.20 -11.57 0.86
C ARG B 13 -2.36 -12.88 1.62
N PRO B 14 -1.57 -13.06 2.69
CA PRO B 14 -1.61 -14.27 3.53
C PRO B 14 -2.93 -14.37 4.30
N ALA B 15 -3.69 -15.40 4.05
CA ALA B 15 -4.99 -15.56 4.77
C ALA B 15 -5.82 -14.28 4.59
N ASN B 16 -6.09 -13.92 3.36
CA ASN B 16 -6.90 -12.69 3.12
C ASN B 16 -6.29 -11.52 3.91
N LEU B 17 -5.01 -11.31 3.77
CA LEU B 17 -4.36 -10.20 4.51
C LEU B 17 -4.78 -8.86 3.89
N GLY B 18 -4.17 -8.48 2.81
CA GLY B 18 -4.54 -7.19 2.16
C GLY B 18 -5.92 -7.34 1.52
N GLU B 19 -6.48 -8.51 1.59
CA GLU B 19 -7.83 -8.71 0.99
C GLU B 19 -8.89 -8.10 1.89
N ARG B 20 -9.30 -8.80 2.90
CA ARG B 20 -10.33 -8.25 3.83
C ARG B 20 -11.69 -8.24 3.12
N GLN B 21 -12.40 -9.34 3.18
CA GLN B 21 -13.73 -9.40 2.52
C GLN B 21 -14.80 -8.88 3.48
N ALA B 22 -15.81 -8.22 2.98
CA ALA B 22 -16.88 -7.70 3.86
C ALA B 22 -18.14 -8.55 3.71
N GLN A 6 4.25 0.12 12.84
CA GLN A 6 4.56 0.60 14.21
C GLN A 6 4.84 2.10 14.16
N GLY A 7 5.24 2.61 13.03
CA GLY A 7 5.53 4.07 12.94
C GLY A 7 6.53 4.32 11.81
N ASP A 8 6.39 3.60 10.72
CA ASP A 8 7.33 3.80 9.57
C ASP A 8 6.59 4.48 8.43
N ILE A 9 7.22 5.42 7.78
CA ILE A 9 6.55 6.12 6.65
C ILE A 9 7.05 5.55 5.32
N VAL A 10 6.16 5.33 4.40
CA VAL A 10 6.57 4.77 3.07
C VAL A 10 5.92 5.60 1.97
N VAL A 11 6.42 5.52 0.77
CA VAL A 11 5.80 6.31 -0.34
C VAL A 11 5.34 5.36 -1.44
N ALA A 12 4.19 5.61 -2.00
CA ALA A 12 3.68 4.72 -3.08
C ALA A 12 4.51 4.92 -4.35
N LEU A 13 4.90 3.85 -4.98
CA LEU A 13 5.69 3.97 -6.24
C LEU A 13 4.73 3.78 -7.42
N TYR A 14 3.56 3.30 -7.14
CA TYR A 14 2.55 3.08 -8.22
C TYR A 14 1.17 3.05 -7.58
N PRO A 15 0.11 3.38 -8.33
CA PRO A 15 -1.24 3.37 -7.80
C PRO A 15 -1.65 1.94 -7.43
N TYR A 16 -2.49 1.77 -6.44
CA TYR A 16 -2.83 0.38 -6.05
C TYR A 16 -4.16 -0.05 -6.68
N ASP A 17 -4.56 -1.27 -6.44
CA ASP A 17 -5.84 -1.76 -7.02
C ASP A 17 -6.86 -1.92 -5.89
N GLY A 18 -7.50 -0.86 -5.47
CA GLY A 18 -8.51 -1.00 -4.38
C GLY A 18 -9.58 -1.99 -4.85
N ILE A 19 -9.45 -3.23 -4.49
CA ILE A 19 -10.48 -4.23 -4.90
C ILE A 19 -11.30 -4.64 -3.68
N HIS A 20 -10.64 -4.84 -2.58
CA HIS A 20 -11.37 -5.22 -1.34
C HIS A 20 -12.03 -3.97 -0.76
N PRO A 21 -13.07 -4.15 0.06
CA PRO A 21 -13.79 -3.02 0.66
C PRO A 21 -12.94 -2.30 1.72
N ASP A 22 -11.86 -2.92 2.14
CA ASP A 22 -11.00 -2.28 3.18
C ASP A 22 -9.65 -1.87 2.58
N ASP A 23 -9.31 -2.35 1.41
CA ASP A 23 -8.01 -1.98 0.82
C ASP A 23 -7.90 -0.46 0.69
N LEU A 24 -6.75 0.09 1.00
CA LEU A 24 -6.56 1.55 0.88
C LEU A 24 -5.96 1.85 -0.50
N SER A 25 -6.63 2.63 -1.29
CA SER A 25 -6.10 2.95 -2.64
C SER A 25 -5.05 4.05 -2.50
N PHE A 26 -4.00 3.97 -3.27
CA PHE A 26 -2.95 5.02 -3.21
C PHE A 26 -2.36 5.20 -4.60
N LYS A 27 -1.77 6.33 -4.88
CA LYS A 27 -1.20 6.54 -6.23
C LYS A 27 0.33 6.58 -6.13
N LYS A 28 1.01 6.62 -7.25
CA LYS A 28 2.49 6.67 -7.21
C LYS A 28 2.94 8.00 -6.60
N GLY A 29 4.08 8.01 -5.98
CA GLY A 29 4.59 9.27 -5.37
C GLY A 29 3.75 9.65 -4.14
N GLU A 30 2.67 8.96 -3.91
CA GLU A 30 1.81 9.29 -2.73
C GLU A 30 2.48 8.79 -1.45
N LYS A 31 2.36 9.52 -0.38
CA LYS A 31 2.99 9.09 0.90
C LYS A 31 1.94 8.37 1.76
N MET A 32 2.34 7.29 2.38
CA MET A 32 1.39 6.52 3.22
C MET A 32 2.08 6.15 4.54
N LYS A 33 1.31 5.99 5.58
CA LYS A 33 1.91 5.62 6.90
C LYS A 33 1.53 4.18 7.23
N VAL A 34 2.51 3.36 7.53
CA VAL A 34 2.21 1.94 7.88
C VAL A 34 1.78 1.87 9.35
N LEU A 35 0.85 1.01 9.67
CA LEU A 35 0.40 0.91 11.09
C LEU A 35 0.66 -0.50 11.61
N GLU A 36 0.40 -1.51 10.81
CA GLU A 36 0.63 -2.91 11.25
C GLU A 36 1.22 -3.71 10.09
N GLU A 37 2.51 -3.79 10.02
CA GLU A 37 3.16 -4.55 8.91
C GLU A 37 3.01 -6.04 9.17
N HIS A 38 2.37 -6.75 8.27
CA HIS A 38 2.19 -8.22 8.47
C HIS A 38 3.35 -8.97 7.80
N GLY A 39 3.10 -9.61 6.69
CA GLY A 39 4.19 -10.36 6.01
C GLY A 39 4.20 -10.05 4.51
N GLU A 40 3.13 -9.50 3.99
CA GLU A 40 3.10 -9.17 2.54
C GLU A 40 2.13 -8.03 2.26
N TRP A 41 1.25 -7.74 3.18
CA TRP A 41 0.29 -6.61 2.97
C TRP A 41 0.18 -5.79 4.25
N TRP A 42 0.83 -4.66 4.30
CA TRP A 42 0.76 -3.82 5.54
C TRP A 42 -0.40 -2.82 5.44
N LYS A 43 -1.12 -2.62 6.51
CA LYS A 43 -2.24 -1.66 6.49
C LYS A 43 -1.69 -0.26 6.79
N ALA A 44 -1.63 0.58 5.80
CA ALA A 44 -1.09 1.95 6.01
C ALA A 44 -2.22 2.96 6.12
N LYS A 45 -1.88 4.21 6.27
CA LYS A 45 -2.91 5.27 6.38
C LYS A 45 -2.67 6.31 5.29
N SER A 46 -3.51 6.35 4.29
CA SER A 46 -3.32 7.35 3.20
C SER A 46 -3.23 8.76 3.79
N LEU A 47 -2.19 9.47 3.45
CA LEU A 47 -2.03 10.86 3.97
C LEU A 47 -2.99 11.76 3.21
N LEU A 48 -3.57 11.26 2.15
CA LEU A 48 -4.52 12.07 1.36
C LEU A 48 -5.49 12.77 2.33
N THR A 49 -5.61 12.25 3.52
CA THR A 49 -6.52 12.89 4.51
C THR A 49 -6.72 11.95 5.71
N LYS A 50 -6.50 10.66 5.54
CA LYS A 50 -6.68 9.70 6.67
C LYS A 50 -7.31 8.40 6.17
N LYS A 51 -6.88 7.91 5.04
CA LYS A 51 -7.43 6.64 4.52
C LYS A 51 -6.67 5.48 5.16
N GLU A 52 -7.36 4.47 5.62
CA GLU A 52 -6.66 3.33 6.26
C GLU A 52 -7.02 2.04 5.52
N GLY A 53 -6.07 1.42 4.87
CA GLY A 53 -6.39 0.16 4.14
C GLY A 53 -5.13 -0.68 3.99
N PHE A 54 -5.28 -1.90 3.56
CA PHE A 54 -4.10 -2.79 3.39
C PHE A 54 -3.28 -2.33 2.18
N ILE A 55 -2.00 -2.22 2.33
CA ILE A 55 -1.15 -1.80 1.19
C ILE A 55 -0.12 -2.89 0.92
N PRO A 56 0.15 -3.19 -0.36
CA PRO A 56 1.09 -4.25 -0.71
C PRO A 56 2.54 -3.87 -0.36
N SER A 57 3.40 -4.84 -0.22
CA SER A 57 4.81 -4.54 0.13
C SER A 57 5.62 -4.24 -1.12
N ASN A 58 4.99 -4.16 -2.26
CA ASN A 58 5.76 -3.88 -3.51
C ASN A 58 5.48 -2.47 -4.01
N TYR A 59 4.24 -2.12 -4.20
CA TYR A 59 3.89 -0.77 -4.71
C TYR A 59 4.66 0.32 -3.95
N VAL A 60 4.41 0.45 -2.68
CA VAL A 60 5.09 1.53 -1.91
C VAL A 60 6.53 1.13 -1.57
N ALA A 61 7.36 2.12 -1.36
CA ALA A 61 8.78 1.86 -1.01
C ALA A 61 9.17 2.78 0.15
N LYS A 62 10.25 2.48 0.82
CA LYS A 62 10.67 3.35 1.96
C LYS A 62 11.29 4.64 1.40
N LEU A 63 11.14 5.73 2.10
CA LEU A 63 11.72 7.01 1.60
C LEU A 63 12.90 7.40 2.49
N ASN A 64 13.66 8.39 2.08
CA ASN A 64 14.82 8.83 2.89
C ASN A 64 14.69 10.32 3.22
N THR A 65 15.28 11.17 2.42
CA THR A 65 15.19 12.63 2.69
C THR A 65 13.90 13.18 2.05
N TRP B 1 14.57 11.67 -9.26
CA TRP B 1 13.15 11.49 -9.68
C TRP B 1 12.51 10.39 -8.85
N ASP B 2 11.24 10.13 -9.05
CA ASP B 2 10.56 9.06 -8.28
C ASP B 2 9.06 9.14 -8.54
N PRO B 3 8.66 9.00 -9.81
CA PRO B 3 7.26 9.05 -10.22
C PRO B 3 6.61 7.67 -10.25
N GLY B 4 6.80 6.94 -11.31
CA GLY B 4 6.19 5.58 -11.39
C GLY B 4 5.36 5.47 -12.67
N MET B 5 5.99 5.47 -13.80
CA MET B 5 5.24 5.37 -15.09
C MET B 5 4.57 4.00 -15.18
N PRO B 6 5.34 2.93 -14.89
CA PRO B 6 4.84 1.57 -14.94
C PRO B 6 4.04 1.21 -13.69
N THR B 7 3.83 -0.05 -13.44
CA THR B 7 3.06 -0.47 -12.25
C THR B 7 3.19 -1.98 -12.07
N PRO B 8 4.08 -2.42 -11.17
CA PRO B 8 4.30 -3.85 -10.89
C PRO B 8 3.11 -4.49 -10.18
N PRO B 9 3.02 -5.82 -10.23
CA PRO B 9 1.93 -6.57 -9.59
C PRO B 9 2.06 -6.52 -8.07
N LEU B 10 0.99 -6.79 -7.36
CA LEU B 10 1.07 -6.75 -5.87
C LEU B 10 1.34 -8.15 -5.34
N PRO B 11 1.54 -8.25 -4.02
CA PRO B 11 1.80 -9.52 -3.35
C PRO B 11 0.56 -10.41 -3.34
N PRO B 12 0.61 -11.55 -2.63
CA PRO B 12 -0.49 -12.51 -2.58
C PRO B 12 -1.46 -12.31 -1.42
N ARG B 13 -1.02 -11.74 -0.33
CA ARG B 13 -1.95 -11.55 0.83
C ARG B 13 -2.03 -12.85 1.62
N PRO B 14 -1.22 -12.99 2.68
CA PRO B 14 -1.18 -14.19 3.52
C PRO B 14 -2.46 -14.32 4.36
N ALA B 15 -3.01 -15.50 4.44
CA ALA B 15 -4.25 -15.69 5.25
C ALA B 15 -5.19 -14.52 5.01
N ASN B 16 -5.57 -14.27 3.79
CA ASN B 16 -6.47 -13.13 3.50
C ASN B 16 -5.95 -11.88 4.19
N LEU B 17 -4.69 -11.59 4.02
CA LEU B 17 -4.10 -10.38 4.66
C LEU B 17 -4.71 -9.12 4.02
N GLY B 18 -4.14 -8.65 2.95
CA GLY B 18 -4.69 -7.45 2.28
C GLY B 18 -6.03 -7.82 1.65
N GLU B 19 -6.38 -9.08 1.69
CA GLU B 19 -7.67 -9.52 1.09
C GLU B 19 -8.82 -9.05 1.98
N ARG B 20 -8.95 -9.60 3.13
CA ARG B 20 -10.05 -9.19 4.05
C ARG B 20 -11.36 -9.85 3.59
N GLN B 21 -11.81 -10.84 4.30
CA GLN B 21 -13.08 -11.52 3.91
C GLN B 21 -13.31 -12.74 4.83
N ALA B 22 -14.31 -13.52 4.55
CA ALA B 22 -14.59 -14.70 5.41
C ALA B 22 -15.13 -14.25 6.76
N GLN A 6 8.63 -0.34 15.29
CA GLN A 6 7.61 0.72 15.49
C GLN A 6 6.94 1.06 14.15
N GLY A 7 6.20 2.13 14.09
CA GLY A 7 5.53 2.51 12.82
C GLY A 7 6.55 3.16 11.87
N ASP A 8 6.42 2.93 10.61
CA ASP A 8 7.39 3.52 9.63
C ASP A 8 6.61 4.20 8.50
N ILE A 9 7.20 5.18 7.86
CA ILE A 9 6.49 5.88 6.75
C ILE A 9 6.99 5.31 5.41
N VAL A 10 6.09 5.11 4.49
CA VAL A 10 6.50 4.57 3.16
C VAL A 10 5.87 5.42 2.06
N VAL A 11 6.40 5.37 0.87
CA VAL A 11 5.81 6.18 -0.23
C VAL A 11 5.36 5.26 -1.35
N ALA A 12 4.23 5.54 -1.93
CA ALA A 12 3.70 4.68 -3.03
C ALA A 12 4.53 4.91 -4.30
N LEU A 13 4.90 3.86 -4.97
CA LEU A 13 5.68 4.02 -6.23
C LEU A 13 4.71 3.86 -7.40
N TYR A 14 3.61 3.21 -7.17
CA TYR A 14 2.59 3.01 -8.23
C TYR A 14 1.21 3.00 -7.58
N PRO A 15 0.16 3.37 -8.32
CA PRO A 15 -1.20 3.38 -7.79
C PRO A 15 -1.62 1.96 -7.43
N TYR A 16 -2.46 1.78 -6.45
CA TYR A 16 -2.83 0.39 -6.06
C TYR A 16 -4.18 -0.01 -6.69
N ASP A 17 -4.60 -1.22 -6.46
CA ASP A 17 -5.89 -1.70 -7.01
C ASP A 17 -6.90 -1.86 -5.88
N GLY A 18 -7.51 -0.81 -5.43
CA GLY A 18 -8.52 -0.95 -4.34
C GLY A 18 -9.60 -1.92 -4.79
N ILE A 19 -9.49 -3.17 -4.43
CA ILE A 19 -10.52 -4.16 -4.85
C ILE A 19 -11.34 -4.56 -3.63
N HIS A 20 -10.69 -4.77 -2.52
CA HIS A 20 -11.43 -5.15 -1.28
C HIS A 20 -12.08 -3.90 -0.71
N PRO A 21 -13.14 -4.08 0.10
CA PRO A 21 -13.84 -2.95 0.71
C PRO A 21 -12.99 -2.24 1.77
N ASP A 22 -11.90 -2.86 2.17
CA ASP A 22 -11.03 -2.24 3.21
C ASP A 22 -9.68 -1.84 2.61
N ASP A 23 -9.35 -2.32 1.45
CA ASP A 23 -8.03 -1.96 0.86
C ASP A 23 -7.91 -0.44 0.73
N LEU A 24 -6.75 0.08 1.02
CA LEU A 24 -6.56 1.55 0.91
C LEU A 24 -5.95 1.85 -0.46
N SER A 25 -6.62 2.64 -1.25
CA SER A 25 -6.08 2.98 -2.60
C SER A 25 -5.00 4.07 -2.47
N PHE A 26 -3.95 3.96 -3.22
CA PHE A 26 -2.90 5.01 -3.16
C PHE A 26 -2.31 5.19 -4.56
N LYS A 27 -1.73 6.32 -4.82
CA LYS A 27 -1.14 6.54 -6.18
C LYS A 27 0.38 6.58 -6.07
N LYS A 28 1.06 6.64 -7.19
CA LYS A 28 2.55 6.67 -7.14
C LYS A 28 3.00 8.00 -6.53
N GLY A 29 4.13 8.01 -5.90
CA GLY A 29 4.64 9.27 -5.27
C GLY A 29 3.80 9.62 -4.04
N GLU A 30 2.73 8.92 -3.81
CA GLU A 30 1.88 9.24 -2.62
C GLU A 30 2.56 8.72 -1.34
N LYS A 31 2.45 9.44 -0.26
CA LYS A 31 3.08 8.99 1.01
C LYS A 31 2.04 8.29 1.88
N MET A 32 2.43 7.21 2.50
CA MET A 32 1.48 6.45 3.35
C MET A 32 2.16 6.06 4.67
N LYS A 33 1.40 5.93 5.71
CA LYS A 33 1.99 5.55 7.02
C LYS A 33 1.68 4.08 7.33
N VAL A 34 2.69 3.29 7.55
CA VAL A 34 2.45 1.86 7.86
C VAL A 34 2.11 1.72 9.35
N LEU A 35 0.93 1.28 9.66
CA LEU A 35 0.54 1.14 11.09
C LEU A 35 0.86 -0.28 11.57
N GLU A 36 0.62 -1.27 10.76
CA GLU A 36 0.89 -2.67 11.17
C GLU A 36 1.45 -3.45 9.97
N GLU A 37 2.73 -3.67 9.94
CA GLU A 37 3.33 -4.41 8.80
C GLU A 37 3.24 -5.92 9.07
N HIS A 38 2.55 -6.63 8.23
CA HIS A 38 2.42 -8.10 8.43
C HIS A 38 3.57 -8.82 7.72
N GLY A 39 3.33 -9.41 6.59
CA GLY A 39 4.43 -10.12 5.87
C GLY A 39 4.34 -9.85 4.36
N GLU A 40 3.25 -9.32 3.89
CA GLU A 40 3.14 -9.05 2.43
C GLU A 40 2.13 -7.93 2.16
N TRP A 41 1.24 -7.68 3.07
CA TRP A 41 0.23 -6.58 2.84
C TRP A 41 0.10 -5.75 4.13
N TRP A 42 0.81 -4.66 4.23
CA TRP A 42 0.72 -3.83 5.47
C TRP A 42 -0.42 -2.83 5.36
N LYS A 43 -1.12 -2.60 6.44
CA LYS A 43 -2.24 -1.62 6.42
C LYS A 43 -1.66 -0.24 6.72
N ALA A 44 -1.59 0.61 5.73
CA ALA A 44 -1.02 1.96 5.95
C ALA A 44 -2.15 2.99 5.99
N LYS A 45 -1.80 4.25 6.04
CA LYS A 45 -2.82 5.32 6.08
C LYS A 45 -2.55 6.35 4.98
N SER A 46 -3.54 6.69 4.21
CA SER A 46 -3.32 7.69 3.12
C SER A 46 -3.24 9.10 3.70
N LEU A 47 -2.21 9.83 3.38
CA LEU A 47 -2.09 11.21 3.91
C LEU A 47 -3.12 12.10 3.20
N LEU A 48 -3.77 11.55 2.20
CA LEU A 48 -4.80 12.35 1.46
C LEU A 48 -5.81 12.92 2.45
N THR A 49 -6.42 12.07 3.23
CA THR A 49 -7.40 12.58 4.23
C THR A 49 -7.63 11.54 5.33
N LYS A 50 -6.64 10.72 5.60
CA LYS A 50 -6.79 9.70 6.69
C LYS A 50 -7.43 8.41 6.16
N LYS A 51 -7.00 7.94 5.03
CA LYS A 51 -7.56 6.67 4.50
C LYS A 51 -6.73 5.52 5.08
N GLU A 52 -7.37 4.51 5.60
CA GLU A 52 -6.59 3.38 6.18
C GLU A 52 -6.97 2.08 5.48
N GLY A 53 -6.03 1.42 4.87
CA GLY A 53 -6.35 0.14 4.17
C GLY A 53 -5.09 -0.70 4.01
N PHE A 54 -5.25 -1.93 3.61
CA PHE A 54 -4.07 -2.83 3.43
C PHE A 54 -3.29 -2.39 2.19
N ILE A 55 -1.99 -2.31 2.31
CA ILE A 55 -1.16 -1.90 1.15
C ILE A 55 -0.15 -3.01 0.87
N PRO A 56 0.14 -3.29 -0.41
CA PRO A 56 1.08 -4.35 -0.76
C PRO A 56 2.53 -3.97 -0.42
N SER A 57 3.39 -4.93 -0.30
CA SER A 57 4.80 -4.64 0.05
C SER A 57 5.61 -4.36 -1.22
N ASN A 58 4.96 -4.27 -2.35
CA ASN A 58 5.70 -4.01 -3.61
C ASN A 58 5.44 -2.58 -4.10
N TYR A 59 4.20 -2.22 -4.28
CA TYR A 59 3.87 -0.86 -4.78
C TYR A 59 4.64 0.21 -4.01
N VAL A 60 4.38 0.33 -2.73
CA VAL A 60 5.06 1.38 -1.92
C VAL A 60 6.48 0.96 -1.55
N ALA A 61 7.31 1.93 -1.29
CA ALA A 61 8.72 1.65 -0.90
C ALA A 61 9.06 2.49 0.32
N LYS A 62 10.09 2.13 1.05
CA LYS A 62 10.44 2.93 2.26
C LYS A 62 11.14 4.22 1.83
N LEU A 63 11.03 5.26 2.61
CA LEU A 63 11.69 6.54 2.25
C LEU A 63 13.19 6.46 2.54
N ASN A 64 13.91 5.71 1.76
CA ASN A 64 15.38 5.59 2.00
C ASN A 64 16.06 5.01 0.75
N THR A 65 17.01 5.71 0.20
CA THR A 65 17.70 5.19 -1.01
C THR A 65 19.13 4.76 -0.63
N TRP B 1 14.03 13.18 -16.53
CA TRP B 1 13.78 11.77 -16.07
C TRP B 1 13.42 10.90 -17.27
N ASP B 2 13.16 9.64 -17.05
CA ASP B 2 12.80 8.74 -18.16
C ASP B 2 12.69 7.31 -17.64
N PRO B 3 11.81 7.09 -16.66
CA PRO B 3 11.59 5.79 -16.05
C PRO B 3 10.44 5.03 -16.72
N GLY B 4 9.22 5.37 -16.41
CA GLY B 4 8.07 4.67 -17.02
C GLY B 4 6.86 4.74 -16.07
N MET B 5 7.10 4.98 -14.81
CA MET B 5 5.99 5.07 -13.83
C MET B 5 4.94 4.00 -14.15
N PRO B 6 5.39 2.75 -14.29
CA PRO B 6 4.49 1.62 -14.60
C PRO B 6 3.74 1.14 -13.35
N THR B 7 3.21 -0.04 -13.39
CA THR B 7 2.47 -0.58 -12.21
C THR B 7 2.55 -2.11 -12.22
N PRO B 8 3.57 -2.67 -11.54
CA PRO B 8 3.76 -4.12 -11.47
C PRO B 8 2.68 -4.81 -10.64
N PRO B 9 2.69 -6.15 -10.61
CA PRO B 9 1.71 -6.93 -9.86
C PRO B 9 1.93 -6.78 -8.35
N LEU B 10 0.93 -7.06 -7.56
CA LEU B 10 1.09 -6.93 -6.08
C LEU B 10 1.40 -8.30 -5.48
N PRO B 11 1.64 -8.31 -4.16
CA PRO B 11 1.94 -9.54 -3.43
C PRO B 11 0.73 -10.49 -3.36
N PRO B 12 0.85 -11.59 -2.60
CA PRO B 12 -0.19 -12.60 -2.48
C PRO B 12 -1.14 -12.39 -1.29
N ARG B 13 -0.68 -11.79 -0.23
CA ARG B 13 -1.57 -11.57 0.95
C ARG B 13 -1.57 -12.83 1.83
N PRO B 14 -0.88 -12.76 2.97
CA PRO B 14 -0.79 -13.88 3.92
C PRO B 14 -2.12 -14.13 4.63
N ALA B 15 -2.62 -15.35 4.56
CA ALA B 15 -3.91 -15.66 5.23
C ALA B 15 -4.89 -14.50 5.02
N ASN B 16 -5.35 -14.30 3.82
CA ASN B 16 -6.29 -13.18 3.56
C ASN B 16 -5.84 -11.93 4.32
N LEU B 17 -4.58 -11.62 4.24
CA LEU B 17 -4.06 -10.42 4.93
C LEU B 17 -4.86 -9.20 4.49
N GLY B 18 -4.38 -8.48 3.51
CA GLY B 18 -5.14 -7.29 3.04
C GLY B 18 -6.28 -7.78 2.14
N GLU B 19 -6.38 -9.07 1.96
CA GLU B 19 -7.47 -9.63 1.11
C GLU B 19 -8.81 -9.44 1.81
N ARG B 20 -9.06 -10.19 2.84
CA ARG B 20 -10.36 -10.05 3.57
C ARG B 20 -10.27 -10.84 4.88
N GLN B 21 -10.71 -10.26 5.96
CA GLN B 21 -10.67 -10.97 7.27
C GLN B 21 -12.03 -10.88 7.96
N ALA B 22 -12.19 -11.53 9.07
CA ALA B 22 -13.50 -11.48 9.79
C ALA B 22 -14.60 -11.98 8.86
N GLN A 6 5.31 -2.76 14.84
CA GLN A 6 6.29 -1.68 14.57
C GLN A 6 5.57 -0.49 13.93
N GLY A 7 6.29 0.41 13.33
CA GLY A 7 5.65 1.59 12.69
C GLY A 7 6.69 2.36 11.87
N ASP A 8 6.31 2.82 10.70
CA ASP A 8 7.28 3.59 9.86
C ASP A 8 6.51 4.30 8.74
N ILE A 9 7.22 5.00 7.90
CA ILE A 9 6.53 5.72 6.77
C ILE A 9 7.04 5.19 5.44
N VAL A 10 6.15 4.99 4.50
CA VAL A 10 6.57 4.48 3.16
C VAL A 10 5.94 5.34 2.08
N VAL A 11 6.44 5.29 0.87
CA VAL A 11 5.84 6.13 -0.20
C VAL A 11 5.36 5.22 -1.34
N ALA A 12 4.23 5.51 -1.91
CA ALA A 12 3.70 4.67 -3.02
C ALA A 12 4.54 4.91 -4.28
N LEU A 13 4.92 3.86 -4.95
CA LEU A 13 5.71 4.03 -6.21
C LEU A 13 4.75 3.87 -7.39
N TYR A 14 3.60 3.34 -7.14
CA TYR A 14 2.60 3.15 -8.22
C TYR A 14 1.21 3.08 -7.58
N PRO A 15 0.15 3.42 -8.33
CA PRO A 15 -1.21 3.38 -7.80
C PRO A 15 -1.60 1.95 -7.44
N TYR A 16 -2.45 1.76 -6.46
CA TYR A 16 -2.79 0.36 -6.07
C TYR A 16 -4.12 -0.05 -6.70
N ASP A 17 -4.53 -1.25 -6.46
CA ASP A 17 -5.81 -1.75 -7.02
C ASP A 17 -6.83 -1.91 -5.89
N GLY A 18 -7.47 -0.85 -5.46
CA GLY A 18 -8.48 -1.00 -4.37
C GLY A 18 -9.55 -1.98 -4.82
N ILE A 19 -9.41 -3.23 -4.47
CA ILE A 19 -10.43 -4.23 -4.88
C ILE A 19 -11.25 -4.64 -3.65
N HIS A 20 -10.59 -4.85 -2.55
CA HIS A 20 -11.32 -5.23 -1.31
C HIS A 20 -11.98 -3.97 -0.73
N PRO A 21 -13.03 -4.16 0.08
CA PRO A 21 -13.74 -3.03 0.68
C PRO A 21 -12.90 -2.32 1.74
N ASP A 22 -11.82 -2.92 2.16
CA ASP A 22 -10.96 -2.29 3.21
C ASP A 22 -9.61 -1.87 2.61
N ASP A 23 -9.27 -2.33 1.43
CA ASP A 23 -7.96 -1.95 0.85
C ASP A 23 -7.86 -0.44 0.72
N LEU A 24 -6.71 0.11 1.02
CA LEU A 24 -6.53 1.58 0.89
C LEU A 24 -5.93 1.86 -0.48
N SER A 25 -6.61 2.64 -1.28
CA SER A 25 -6.08 2.97 -2.63
C SER A 25 -5.01 4.05 -2.50
N PHE A 26 -3.95 3.95 -3.24
CA PHE A 26 -2.90 5.00 -3.18
C PHE A 26 -2.30 5.18 -4.58
N LYS A 27 -1.73 6.32 -4.84
CA LYS A 27 -1.14 6.54 -6.20
C LYS A 27 0.38 6.59 -6.08
N LYS A 28 1.07 6.65 -7.19
CA LYS A 28 2.56 6.70 -7.12
C LYS A 28 2.99 8.03 -6.49
N GLY A 29 4.13 8.03 -5.85
CA GLY A 29 4.63 9.29 -5.22
C GLY A 29 3.79 9.62 -3.97
N GLU A 30 2.73 8.91 -3.73
CA GLU A 30 1.88 9.21 -2.54
C GLU A 30 2.56 8.68 -1.27
N LYS A 31 2.46 9.41 -0.20
CA LYS A 31 3.10 8.96 1.08
C LYS A 31 2.04 8.26 1.95
N MET A 32 2.44 7.19 2.58
CA MET A 32 1.49 6.42 3.43
C MET A 32 2.17 6.07 4.76
N LYS A 33 1.40 5.93 5.79
CA LYS A 33 1.99 5.58 7.12
C LYS A 33 1.71 4.11 7.41
N VAL A 34 2.72 3.33 7.65
CA VAL A 34 2.50 1.89 7.97
C VAL A 34 2.13 1.75 9.45
N LEU A 35 0.93 1.33 9.73
CA LEU A 35 0.50 1.18 11.15
C LEU A 35 0.83 -0.23 11.64
N GLU A 36 0.55 -1.22 10.84
CA GLU A 36 0.83 -2.63 11.26
C GLU A 36 1.29 -3.43 10.03
N GLU A 37 2.57 -3.57 9.87
CA GLU A 37 3.10 -4.33 8.70
C GLU A 37 3.09 -5.82 9.01
N HIS A 38 2.32 -6.59 8.28
CA HIS A 38 2.28 -8.05 8.53
C HIS A 38 3.51 -8.72 7.92
N GLY A 39 3.39 -9.23 6.73
CA GLY A 39 4.57 -9.89 6.09
C GLY A 39 4.52 -9.71 4.57
N GLU A 40 3.39 -9.29 4.04
CA GLU A 40 3.31 -9.10 2.56
C GLU A 40 2.34 -7.96 2.23
N TRP A 41 1.40 -7.70 3.10
CA TRP A 41 0.43 -6.59 2.84
C TRP A 41 0.29 -5.75 4.10
N TRP A 42 0.92 -4.61 4.16
CA TRP A 42 0.83 -3.76 5.38
C TRP A 42 -0.35 -2.79 5.27
N LYS A 43 -0.96 -2.49 6.38
CA LYS A 43 -2.11 -1.54 6.36
C LYS A 43 -1.59 -0.14 6.70
N ALA A 44 -1.54 0.73 5.74
CA ALA A 44 -1.01 2.10 6.01
C ALA A 44 -2.15 3.10 6.06
N LYS A 45 -1.82 4.36 6.14
CA LYS A 45 -2.88 5.42 6.20
C LYS A 45 -2.63 6.44 5.09
N SER A 46 -3.62 6.70 4.29
CA SER A 46 -3.44 7.69 3.18
C SER A 46 -3.33 9.10 3.77
N LEU A 47 -2.30 9.81 3.44
CA LEU A 47 -2.16 11.20 3.95
C LEU A 47 -3.19 12.08 3.24
N LEU A 48 -3.84 11.55 2.25
CA LEU A 48 -4.85 12.34 1.50
C LEU A 48 -5.87 12.91 2.50
N THR A 49 -6.47 12.07 3.28
CA THR A 49 -7.46 12.58 4.28
C THR A 49 -7.68 11.53 5.38
N LYS A 50 -6.69 10.75 5.68
CA LYS A 50 -6.82 9.73 6.77
C LYS A 50 -7.44 8.44 6.22
N LYS A 51 -6.98 7.97 5.10
CA LYS A 51 -7.51 6.70 4.55
C LYS A 51 -6.72 5.55 5.16
N GLU A 52 -7.37 4.53 5.65
CA GLU A 52 -6.62 3.40 6.25
C GLU A 52 -6.97 2.11 5.51
N GLY A 53 -6.01 1.48 4.88
CA GLY A 53 -6.31 0.23 4.15
C GLY A 53 -5.03 -0.58 3.96
N PHE A 54 -5.17 -1.81 3.55
CA PHE A 54 -3.98 -2.68 3.33
C PHE A 54 -3.24 -2.25 2.06
N ILE A 55 -1.94 -2.17 2.13
CA ILE A 55 -1.15 -1.77 0.94
C ILE A 55 -0.15 -2.88 0.64
N PRO A 56 0.05 -3.22 -0.66
CA PRO A 56 0.97 -4.29 -1.02
C PRO A 56 2.43 -3.89 -0.83
N SER A 57 3.20 -4.72 -0.21
CA SER A 57 4.64 -4.38 0.02
C SER A 57 5.38 -4.24 -1.33
N ASN A 58 4.69 -4.35 -2.43
CA ASN A 58 5.38 -4.23 -3.75
C ASN A 58 5.22 -2.82 -4.31
N TYR A 59 4.03 -2.33 -4.40
CA TYR A 59 3.79 -0.97 -4.96
C TYR A 59 4.58 0.09 -4.19
N VAL A 60 4.33 0.20 -2.92
CA VAL A 60 5.02 1.26 -2.12
C VAL A 60 6.43 0.82 -1.74
N ALA A 61 7.25 1.78 -1.41
CA ALA A 61 8.66 1.48 -1.01
C ALA A 61 8.98 2.28 0.24
N LYS A 62 9.96 1.86 1.00
CA LYS A 62 10.31 2.61 2.23
C LYS A 62 11.02 3.91 1.87
N LEU A 63 10.92 4.91 2.69
CA LEU A 63 11.60 6.21 2.40
C LEU A 63 12.84 6.34 3.26
N ASN A 64 12.67 6.74 4.50
CA ASN A 64 13.85 6.90 5.40
C ASN A 64 14.77 5.68 5.25
N THR A 65 16.04 5.86 5.51
CA THR A 65 16.99 4.72 5.38
C THR A 65 18.13 4.90 6.40
N TRP B 1 3.98 12.32 -14.56
CA TRP B 1 3.23 11.05 -14.33
C TRP B 1 1.81 11.37 -13.85
N ASP B 2 0.90 10.46 -14.03
CA ASP B 2 -0.50 10.71 -13.59
C ASP B 2 -1.30 9.41 -13.70
N PRO B 3 -1.31 8.80 -14.89
CA PRO B 3 -2.03 7.54 -15.15
C PRO B 3 -1.39 6.36 -14.39
N GLY B 4 -0.46 5.69 -14.99
CA GLY B 4 0.18 4.53 -14.30
C GLY B 4 0.92 3.67 -15.34
N MET B 5 2.02 4.16 -15.83
CA MET B 5 2.79 3.37 -16.84
C MET B 5 3.52 2.21 -16.16
N PRO B 6 4.09 2.46 -14.97
CA PRO B 6 4.83 1.45 -14.22
C PRO B 6 3.93 0.73 -13.22
N THR B 7 4.40 -0.36 -12.67
CA THR B 7 3.60 -1.14 -11.69
C THR B 7 4.16 -2.56 -11.57
N PRO B 8 4.67 -2.91 -10.38
CA PRO B 8 5.24 -4.22 -10.13
C PRO B 8 4.18 -5.25 -9.71
N PRO B 9 4.59 -6.52 -9.59
CA PRO B 9 3.67 -7.61 -9.21
C PRO B 9 3.24 -7.49 -7.74
N LEU B 10 1.96 -7.39 -7.51
CA LEU B 10 1.45 -7.26 -6.12
C LEU B 10 1.85 -8.49 -5.32
N PRO B 11 1.98 -8.32 -4.00
CA PRO B 11 2.34 -9.42 -3.09
C PRO B 11 1.22 -10.46 -3.00
N PRO B 12 1.45 -11.55 -2.25
CA PRO B 12 0.50 -12.65 -2.12
C PRO B 12 -0.62 -12.39 -1.10
N ARG B 13 -0.32 -11.74 -0.01
CA ARG B 13 -1.38 -11.49 1.01
C ARG B 13 -1.55 -12.74 1.88
N PRO B 14 -0.91 -12.74 3.07
CA PRO B 14 -0.98 -13.86 4.02
C PRO B 14 -2.36 -14.00 4.66
N ALA B 15 -2.90 -15.19 4.65
CA ALA B 15 -4.24 -15.42 5.26
C ALA B 15 -5.13 -14.21 5.03
N ASN B 16 -5.59 -14.01 3.82
CA ASN B 16 -6.45 -12.84 3.53
C ASN B 16 -5.92 -11.62 4.26
N LEU B 17 -4.64 -11.41 4.21
CA LEU B 17 -4.05 -10.23 4.89
C LEU B 17 -4.77 -8.97 4.40
N GLY B 18 -4.23 -8.32 3.41
CA GLY B 18 -4.91 -7.11 2.88
C GLY B 18 -6.08 -7.56 2.01
N GLU B 19 -6.22 -8.84 1.83
CA GLU B 19 -7.34 -9.35 1.00
C GLU B 19 -8.64 -9.32 1.82
N ARG B 20 -8.78 -10.21 2.76
CA ARG B 20 -10.00 -10.22 3.59
C ARG B 20 -11.19 -10.71 2.76
N GLN B 21 -11.56 -11.96 2.91
CA GLN B 21 -12.71 -12.50 2.13
C GLN B 21 -14.02 -12.26 2.88
N ALA B 22 -15.11 -12.22 2.19
CA ALA B 22 -16.42 -12.00 2.87
C ALA B 22 -17.53 -12.75 2.13
N GLN A 6 6.44 0.68 16.40
CA GLN A 6 5.96 2.09 16.44
C GLN A 6 5.24 2.44 15.14
N GLY A 7 5.97 2.57 14.07
CA GLY A 7 5.32 2.91 12.77
C GLY A 7 6.37 3.48 11.81
N ASP A 8 6.28 3.13 10.55
CA ASP A 8 7.26 3.66 9.56
C ASP A 8 6.52 4.29 8.39
N ILE A 9 7.03 5.37 7.86
CA ILE A 9 6.34 6.03 6.72
C ILE A 9 6.87 5.46 5.40
N VAL A 10 6.00 5.23 4.46
CA VAL A 10 6.44 4.68 3.15
C VAL A 10 5.82 5.52 2.03
N VAL A 11 6.36 5.45 0.84
CA VAL A 11 5.76 6.25 -0.27
C VAL A 11 5.34 5.30 -1.39
N ALA A 12 4.20 5.56 -1.97
CA ALA A 12 3.70 4.67 -3.06
C ALA A 12 4.54 4.87 -4.33
N LEU A 13 4.96 3.80 -4.95
CA LEU A 13 5.76 3.92 -6.20
C LEU A 13 4.81 3.72 -7.38
N TYR A 14 3.64 3.20 -7.10
CA TYR A 14 2.64 2.97 -8.18
C TYR A 14 1.25 2.97 -7.53
N PRO A 15 0.20 3.32 -8.30
CA PRO A 15 -1.17 3.32 -7.78
C PRO A 15 -1.58 1.89 -7.39
N TYR A 16 -2.43 1.73 -6.42
CA TYR A 16 -2.78 0.34 -6.02
C TYR A 16 -4.12 -0.07 -6.66
N ASP A 17 -4.55 -1.28 -6.41
CA ASP A 17 -5.83 -1.76 -6.97
C ASP A 17 -6.85 -1.92 -5.85
N GLY A 18 -7.48 -0.86 -5.42
CA GLY A 18 -8.49 -1.00 -4.33
C GLY A 18 -9.55 -1.99 -4.78
N ILE A 19 -9.41 -3.23 -4.43
CA ILE A 19 -10.44 -4.24 -4.84
C ILE A 19 -11.24 -4.66 -3.61
N HIS A 20 -10.59 -4.85 -2.51
CA HIS A 20 -11.33 -5.23 -1.28
C HIS A 20 -11.99 -3.99 -0.69
N PRO A 21 -13.02 -4.17 0.14
CA PRO A 21 -13.75 -3.05 0.75
C PRO A 21 -12.90 -2.32 1.80
N ASP A 22 -11.80 -2.92 2.21
CA ASP A 22 -10.94 -2.27 3.24
C ASP A 22 -9.59 -1.86 2.65
N ASP A 23 -9.26 -2.34 1.47
CA ASP A 23 -7.96 -1.97 0.87
C ASP A 23 -7.85 -0.45 0.74
N LEU A 24 -6.71 0.10 1.02
CA LEU A 24 -6.53 1.57 0.90
C LEU A 24 -5.93 1.85 -0.47
N SER A 25 -6.60 2.64 -1.27
CA SER A 25 -6.07 2.96 -2.62
C SER A 25 -5.01 4.06 -2.50
N PHE A 26 -3.95 3.95 -3.24
CA PHE A 26 -2.90 5.01 -3.19
C PHE A 26 -2.30 5.17 -4.58
N LYS A 27 -1.73 6.31 -4.87
CA LYS A 27 -1.14 6.51 -6.21
C LYS A 27 0.38 6.55 -6.11
N LYS A 28 1.06 6.59 -7.23
CA LYS A 28 2.55 6.63 -7.17
C LYS A 28 3.00 7.97 -6.57
N GLY A 29 4.14 7.99 -5.94
CA GLY A 29 4.64 9.26 -5.34
C GLY A 29 3.80 9.63 -4.11
N GLU A 30 2.71 8.93 -3.87
CA GLU A 30 1.85 9.26 -2.69
C GLU A 30 2.52 8.75 -1.41
N LYS A 31 2.39 9.49 -0.34
CA LYS A 31 3.01 9.05 0.94
C LYS A 31 1.96 8.34 1.80
N MET A 32 2.35 7.27 2.45
CA MET A 32 1.39 6.51 3.29
C MET A 32 2.04 6.17 4.63
N LYS A 33 1.25 6.06 5.66
CA LYS A 33 1.81 5.73 7.00
C LYS A 33 1.56 4.25 7.31
N VAL A 34 2.60 3.52 7.58
CA VAL A 34 2.43 2.07 7.89
C VAL A 34 2.03 1.92 9.36
N LEU A 35 1.05 1.11 9.64
CA LEU A 35 0.61 0.93 11.06
C LEU A 35 0.99 -0.48 11.54
N GLU A 36 0.76 -1.47 10.73
CA GLU A 36 1.09 -2.87 11.14
C GLU A 36 1.48 -3.68 9.90
N GLU A 37 2.75 -3.73 9.60
CA GLU A 37 3.20 -4.51 8.41
C GLU A 37 3.21 -6.00 8.75
N HIS A 38 2.41 -6.77 8.08
CA HIS A 38 2.37 -8.23 8.36
C HIS A 38 3.53 -8.92 7.65
N GLY A 39 3.29 -9.53 6.53
CA GLY A 39 4.39 -10.22 5.81
C GLY A 39 4.31 -9.93 4.31
N GLU A 40 3.22 -9.37 3.86
CA GLU A 40 3.10 -9.07 2.39
C GLU A 40 2.08 -7.95 2.16
N TRP A 41 1.23 -7.68 3.11
CA TRP A 41 0.23 -6.59 2.90
C TRP A 41 0.13 -5.74 4.18
N TRP A 42 0.80 -4.61 4.22
CA TRP A 42 0.74 -3.76 5.45
C TRP A 42 -0.43 -2.78 5.34
N LYS A 43 -1.10 -2.54 6.45
CA LYS A 43 -2.24 -1.58 6.43
C LYS A 43 -1.72 -0.19 6.78
N ALA A 44 -1.64 0.68 5.82
CA ALA A 44 -1.12 2.05 6.08
C ALA A 44 -2.27 3.05 6.15
N LYS A 45 -1.95 4.31 6.27
CA LYS A 45 -3.01 5.35 6.36
C LYS A 45 -2.76 6.40 5.27
N SER A 46 -3.62 6.46 4.29
CA SER A 46 -3.43 7.45 3.20
C SER A 46 -3.35 8.86 3.80
N LEU A 47 -2.31 9.58 3.48
CA LEU A 47 -2.16 10.96 4.01
C LEU A 47 -3.11 11.87 3.24
N LEU A 48 -3.67 11.36 2.17
CA LEU A 48 -4.62 12.18 1.37
C LEU A 48 -5.60 12.86 2.33
N THR A 49 -5.74 12.34 3.51
CA THR A 49 -6.67 12.96 4.49
C THR A 49 -6.90 12.03 5.68
N LYS A 50 -6.67 10.75 5.51
CA LYS A 50 -6.87 9.78 6.64
C LYS A 50 -7.49 8.48 6.14
N LYS A 51 -7.04 8.00 5.01
CA LYS A 51 -7.59 6.72 4.49
C LYS A 51 -6.79 5.56 5.11
N GLU A 52 -7.45 4.54 5.57
CA GLU A 52 -6.70 3.40 6.19
C GLU A 52 -7.04 2.11 5.46
N GLY A 53 -6.08 1.47 4.86
CA GLY A 53 -6.38 0.21 4.14
C GLY A 53 -5.11 -0.62 3.97
N PHE A 54 -5.27 -1.84 3.55
CA PHE A 54 -4.08 -2.72 3.35
C PHE A 54 -3.30 -2.28 2.10
N ILE A 55 -2.01 -2.19 2.20
CA ILE A 55 -1.20 -1.78 1.02
C ILE A 55 -0.18 -2.87 0.74
N PRO A 56 0.07 -3.18 -0.55
CA PRO A 56 1.01 -4.24 -0.91
C PRO A 56 2.46 -3.86 -0.59
N SER A 57 3.22 -4.79 -0.12
CA SER A 57 4.65 -4.50 0.23
C SER A 57 5.49 -4.29 -1.04
N ASN A 58 4.88 -4.27 -2.19
CA ASN A 58 5.67 -4.08 -3.43
C ASN A 58 5.45 -2.68 -4.01
N TYR A 59 4.23 -2.28 -4.21
CA TYR A 59 3.96 -0.93 -4.79
C TYR A 59 4.70 0.15 -4.03
N VAL A 60 4.40 0.30 -2.76
CA VAL A 60 5.06 1.37 -1.97
C VAL A 60 6.48 0.98 -1.56
N ALA A 61 7.29 1.96 -1.30
CA ALA A 61 8.70 1.70 -0.89
C ALA A 61 9.00 2.55 0.35
N LYS A 62 10.01 2.19 1.11
CA LYS A 62 10.33 2.98 2.32
C LYS A 62 11.03 4.28 1.93
N LEU A 63 10.29 5.35 1.81
CA LEU A 63 10.92 6.66 1.43
C LEU A 63 12.20 6.87 2.26
N ASN A 64 13.33 6.55 1.70
CA ASN A 64 14.60 6.74 2.45
C ASN A 64 15.69 7.24 1.50
N THR A 65 16.23 8.39 1.75
CA THR A 65 17.30 8.93 0.87
C THR A 65 18.63 8.94 1.61
N TRP B 1 -0.30 4.44 -28.35
CA TRP B 1 0.24 4.27 -26.97
C TRP B 1 -0.39 3.02 -26.33
N ASP B 2 -0.13 2.80 -25.07
CA ASP B 2 -0.71 1.61 -24.39
C ASP B 2 -0.44 1.71 -22.89
N PRO B 3 0.83 1.86 -22.52
CA PRO B 3 1.24 1.97 -21.11
C PRO B 3 0.77 3.30 -20.49
N GLY B 4 1.57 4.32 -20.57
CA GLY B 4 1.17 5.63 -19.98
C GLY B 4 0.94 5.46 -18.47
N MET B 5 1.60 4.52 -17.87
CA MET B 5 1.44 4.30 -16.41
C MET B 5 1.92 2.89 -16.04
N PRO B 6 2.96 2.80 -15.21
CA PRO B 6 3.54 1.54 -14.78
C PRO B 6 2.88 1.04 -13.50
N THR B 7 3.18 -0.17 -13.10
CA THR B 7 2.58 -0.73 -11.86
C THR B 7 2.96 -2.20 -11.74
N PRO B 8 3.91 -2.53 -10.85
CA PRO B 8 4.35 -3.90 -10.63
C PRO B 8 3.28 -4.74 -9.95
N PRO B 9 3.41 -6.07 -9.99
CA PRO B 9 2.45 -7.00 -9.38
C PRO B 9 2.47 -6.90 -7.86
N LEU B 10 1.34 -6.98 -7.23
CA LEU B 10 1.31 -6.89 -5.74
C LEU B 10 1.60 -8.27 -5.14
N PRO B 11 1.73 -8.30 -3.82
CA PRO B 11 2.00 -9.53 -3.06
C PRO B 11 0.80 -10.49 -3.09
N PRO B 12 0.89 -11.62 -2.37
CA PRO B 12 -0.15 -12.64 -2.34
C PRO B 12 -1.20 -12.45 -1.24
N ARG B 13 -0.88 -11.75 -0.19
CA ARG B 13 -1.89 -11.57 0.91
C ARG B 13 -1.95 -12.84 1.75
N PRO B 14 -1.14 -12.90 2.82
CA PRO B 14 -1.08 -14.06 3.71
C PRO B 14 -2.34 -14.18 4.57
N ALA B 15 -2.88 -15.37 4.68
CA ALA B 15 -4.11 -15.55 5.52
C ALA B 15 -5.05 -14.37 5.30
N ASN B 16 -5.55 -14.21 4.11
CA ASN B 16 -6.47 -13.07 3.85
C ASN B 16 -5.91 -11.80 4.49
N LEU B 17 -4.67 -11.50 4.26
CA LEU B 17 -4.06 -10.28 4.86
C LEU B 17 -4.73 -9.05 4.25
N GLY B 18 -4.23 -8.58 3.13
CA GLY B 18 -4.85 -7.37 2.50
C GLY B 18 -6.26 -7.74 2.05
N GLU B 19 -6.62 -8.99 2.13
CA GLU B 19 -7.98 -9.40 1.72
C GLU B 19 -9.00 -8.90 2.73
N ARG B 20 -9.30 -9.69 3.73
CA ARG B 20 -10.28 -9.28 4.77
C ARG B 20 -11.70 -9.44 4.23
N GLN B 21 -12.38 -10.48 4.63
CA GLN B 21 -13.77 -10.70 4.15
C GLN B 21 -14.66 -11.13 5.31
N ALA B 22 -14.98 -10.22 6.20
CA ALA B 22 -15.84 -10.58 7.36
C ALA B 22 -17.16 -11.16 6.85
N GLN A 6 8.15 -0.03 15.34
CA GLN A 6 6.99 -0.85 14.88
C GLN A 6 6.52 -0.36 13.51
N GLY A 7 5.69 0.65 13.49
CA GLY A 7 5.19 1.17 12.19
C GLY A 7 6.22 2.15 11.61
N ASP A 8 6.01 2.57 10.39
CA ASP A 8 6.97 3.53 9.76
C ASP A 8 6.26 4.27 8.62
N ILE A 9 6.99 5.07 7.87
CA ILE A 9 6.35 5.80 6.76
C ILE A 9 6.89 5.28 5.42
N VAL A 10 6.03 5.10 4.46
CA VAL A 10 6.47 4.57 3.14
C VAL A 10 5.85 5.42 2.03
N VAL A 11 6.39 5.36 0.85
CA VAL A 11 5.80 6.17 -0.26
C VAL A 11 5.36 5.23 -1.38
N ALA A 12 4.22 5.50 -1.96
CA ALA A 12 3.71 4.63 -3.06
C ALA A 12 4.55 4.84 -4.31
N LEU A 13 4.95 3.77 -4.95
CA LEU A 13 5.75 3.90 -6.20
C LEU A 13 4.80 3.71 -7.39
N TYR A 14 3.62 3.25 -7.12
CA TYR A 14 2.62 3.04 -8.20
C TYR A 14 1.22 3.03 -7.56
N PRO A 15 0.18 3.35 -8.32
CA PRO A 15 -1.19 3.35 -7.80
C PRO A 15 -1.59 1.92 -7.43
N TYR A 16 -2.43 1.75 -6.45
CA TYR A 16 -2.79 0.35 -6.04
C TYR A 16 -4.13 -0.06 -6.67
N ASP A 17 -4.55 -1.27 -6.42
CA ASP A 17 -5.83 -1.76 -6.97
C ASP A 17 -6.85 -1.92 -5.85
N GLY A 18 -7.48 -0.86 -5.41
CA GLY A 18 -8.48 -1.01 -4.32
C GLY A 18 -9.56 -1.99 -4.77
N ILE A 19 -9.43 -3.23 -4.40
CA ILE A 19 -10.47 -4.23 -4.82
C ILE A 19 -11.28 -4.63 -3.59
N HIS A 20 -10.63 -4.83 -2.48
CA HIS A 20 -11.36 -5.20 -1.24
C HIS A 20 -12.02 -3.95 -0.67
N PRO A 21 -13.04 -4.12 0.17
CA PRO A 21 -13.75 -2.99 0.78
C PRO A 21 -12.89 -2.28 1.83
N ASP A 22 -11.80 -2.88 2.24
CA ASP A 22 -10.94 -2.25 3.26
C ASP A 22 -9.58 -1.85 2.66
N ASP A 23 -9.25 -2.34 1.49
CA ASP A 23 -7.94 -1.98 0.89
C ASP A 23 -7.84 -0.46 0.75
N LEU A 24 -6.69 0.08 1.04
CA LEU A 24 -6.51 1.56 0.91
C LEU A 24 -5.90 1.84 -0.46
N SER A 25 -6.59 2.62 -1.26
CA SER A 25 -6.05 2.95 -2.61
C SER A 25 -5.00 4.05 -2.49
N PHE A 26 -3.95 3.96 -3.24
CA PHE A 26 -2.91 5.02 -3.19
C PHE A 26 -2.30 5.19 -4.58
N LYS A 27 -1.72 6.33 -4.85
CA LYS A 27 -1.14 6.55 -6.21
C LYS A 27 0.39 6.59 -6.10
N LYS A 28 1.08 6.53 -7.20
CA LYS A 28 2.56 6.58 -7.14
C LYS A 28 3.01 7.91 -6.54
N GLY A 29 4.17 7.93 -5.94
CA GLY A 29 4.68 9.20 -5.34
C GLY A 29 3.85 9.58 -4.10
N GLU A 30 2.77 8.88 -3.85
CA GLU A 30 1.92 9.22 -2.68
C GLU A 30 2.59 8.72 -1.39
N LYS A 31 2.49 9.46 -0.32
CA LYS A 31 3.12 9.03 0.95
C LYS A 31 2.08 8.33 1.82
N MET A 32 2.46 7.27 2.46
CA MET A 32 1.51 6.51 3.33
C MET A 32 2.17 6.16 4.65
N LYS A 33 1.39 6.04 5.69
CA LYS A 33 1.96 5.68 7.01
C LYS A 33 1.65 4.22 7.33
N VAL A 34 2.67 3.44 7.59
CA VAL A 34 2.43 2.00 7.91
C VAL A 34 2.01 1.87 9.38
N LEU A 35 0.97 1.13 9.65
CA LEU A 35 0.52 0.97 11.06
C LEU A 35 0.86 -0.44 11.55
N GLU A 36 0.55 -1.44 10.77
CA GLU A 36 0.85 -2.84 11.19
C GLU A 36 1.28 -3.64 9.96
N GLU A 37 2.56 -3.79 9.76
CA GLU A 37 3.06 -4.55 8.58
C GLU A 37 3.07 -6.05 8.90
N HIS A 38 2.29 -6.81 8.21
CA HIS A 38 2.24 -8.28 8.46
C HIS A 38 3.44 -8.95 7.77
N GLY A 39 3.23 -9.52 6.61
CA GLY A 39 4.36 -10.19 5.91
C GLY A 39 4.29 -9.90 4.40
N GLU A 40 3.20 -9.36 3.92
CA GLU A 40 3.10 -9.07 2.46
C GLU A 40 2.07 -7.96 2.21
N TRP A 41 1.21 -7.70 3.14
CA TRP A 41 0.19 -6.63 2.93
C TRP A 41 0.09 -5.77 4.20
N TRP A 42 0.78 -4.67 4.24
CA TRP A 42 0.73 -3.81 5.46
C TRP A 42 -0.43 -2.82 5.36
N LYS A 43 -1.05 -2.51 6.47
CA LYS A 43 -2.17 -1.54 6.46
C LYS A 43 -1.62 -0.14 6.77
N ALA A 44 -1.55 0.70 5.78
CA ALA A 44 -1.01 2.07 6.02
C ALA A 44 -2.15 3.08 6.07
N LYS A 45 -1.81 4.34 6.14
CA LYS A 45 -2.85 5.40 6.20
C LYS A 45 -2.60 6.42 5.09
N SER A 46 -3.59 6.69 4.28
CA SER A 46 -3.41 7.67 3.18
C SER A 46 -3.31 9.08 3.75
N LEU A 47 -2.27 9.79 3.41
CA LEU A 47 -2.13 11.18 3.91
C LEU A 47 -3.16 12.06 3.20
N LEU A 48 -3.83 11.52 2.22
CA LEU A 48 -4.85 12.30 1.47
C LEU A 48 -5.85 12.90 2.46
N THR A 49 -6.45 12.06 3.26
CA THR A 49 -7.44 12.58 4.25
C THR A 49 -7.66 11.55 5.36
N LYS A 50 -6.67 10.75 5.66
CA LYS A 50 -6.79 9.74 6.75
C LYS A 50 -7.42 8.44 6.21
N LYS A 51 -6.96 7.97 5.10
CA LYS A 51 -7.49 6.69 4.55
C LYS A 51 -6.70 5.54 5.17
N GLU A 52 -7.36 4.53 5.67
CA GLU A 52 -6.62 3.39 6.29
C GLU A 52 -6.97 2.10 5.55
N GLY A 53 -6.02 1.49 4.91
CA GLY A 53 -6.33 0.22 4.19
C GLY A 53 -5.06 -0.61 4.02
N PHE A 54 -5.21 -1.83 3.59
CA PHE A 54 -4.03 -2.71 3.39
C PHE A 54 -3.26 -2.28 2.13
N ILE A 55 -1.97 -2.18 2.23
CA ILE A 55 -1.16 -1.78 1.06
C ILE A 55 -0.14 -2.89 0.76
N PRO A 56 0.11 -3.17 -0.53
CA PRO A 56 1.04 -4.23 -0.91
C PRO A 56 2.49 -3.86 -0.58
N SER A 57 3.31 -4.84 -0.33
CA SER A 57 4.73 -4.56 0.02
C SER A 57 5.54 -4.28 -1.27
N ASN A 58 4.89 -4.22 -2.40
CA ASN A 58 5.64 -3.97 -3.66
C ASN A 58 5.42 -2.55 -4.16
N TYR A 59 4.19 -2.13 -4.29
CA TYR A 59 3.91 -0.76 -4.81
C TYR A 59 4.68 0.30 -4.03
N VAL A 60 4.43 0.40 -2.76
CA VAL A 60 5.10 1.45 -1.95
C VAL A 60 6.53 1.04 -1.57
N ALA A 61 7.36 1.99 -1.32
CA ALA A 61 8.78 1.72 -0.95
C ALA A 61 9.13 2.60 0.26
N LYS A 62 10.17 2.25 0.97
CA LYS A 62 10.55 3.07 2.15
C LYS A 62 11.23 4.35 1.69
N LEU A 63 11.12 5.42 2.45
CA LEU A 63 11.76 6.69 2.03
C LEU A 63 12.64 7.21 3.17
N ASN A 64 12.36 6.82 4.38
CA ASN A 64 13.19 7.29 5.53
C ASN A 64 12.84 8.75 5.86
N THR A 65 13.39 9.66 5.13
CA THR A 65 13.10 11.11 5.40
C THR A 65 12.66 11.78 4.10
N TRP B 1 10.59 8.30 -23.21
CA TRP B 1 9.51 7.44 -22.62
C TRP B 1 8.15 8.06 -22.89
N ASP B 2 7.10 7.47 -22.38
CA ASP B 2 5.74 8.03 -22.62
C ASP B 2 4.71 7.04 -22.07
N PRO B 3 4.79 6.76 -20.75
CA PRO B 3 3.90 5.83 -20.10
C PRO B 3 2.63 6.52 -19.57
N GLY B 4 2.67 7.03 -18.37
CA GLY B 4 1.48 7.71 -17.81
C GLY B 4 1.22 7.20 -16.39
N MET B 5 1.47 5.94 -16.14
CA MET B 5 1.25 5.40 -14.77
C MET B 5 1.57 3.91 -14.77
N PRO B 6 2.68 3.53 -14.12
CA PRO B 6 3.13 2.15 -14.03
C PRO B 6 2.56 1.45 -12.78
N THR B 7 2.79 0.17 -12.65
CA THR B 7 2.27 -0.56 -11.46
C THR B 7 2.65 -2.04 -11.57
N PRO B 8 3.64 -2.48 -10.78
CA PRO B 8 4.08 -3.87 -10.78
C PRO B 8 3.10 -4.79 -10.04
N PRO B 9 3.35 -6.10 -10.08
CA PRO B 9 2.48 -7.09 -9.42
C PRO B 9 2.56 -6.97 -7.90
N LEU B 10 1.44 -7.05 -7.22
CA LEU B 10 1.45 -6.94 -5.74
C LEU B 10 1.67 -8.31 -5.12
N PRO B 11 1.76 -8.34 -3.79
CA PRO B 11 1.97 -9.58 -3.02
C PRO B 11 0.74 -10.51 -3.08
N PRO B 12 0.80 -11.63 -2.34
CA PRO B 12 -0.27 -12.63 -2.35
C PRO B 12 -1.32 -12.45 -1.25
N ARG B 13 -1.01 -11.74 -0.19
CA ARG B 13 -2.01 -11.56 0.90
C ARG B 13 -2.03 -12.82 1.77
N PRO B 14 -1.19 -12.85 2.81
CA PRO B 14 -1.10 -13.99 3.74
C PRO B 14 -2.34 -14.11 4.62
N ALA B 15 -2.83 -15.31 4.81
CA ALA B 15 -4.03 -15.50 5.67
C ALA B 15 -5.00 -14.34 5.46
N ASN B 16 -5.48 -14.17 4.26
CA ASN B 16 -6.42 -13.04 4.00
C ASN B 16 -5.87 -11.77 4.62
N LEU B 17 -4.61 -11.49 4.39
CA LEU B 17 -4.00 -10.25 4.97
C LEU B 17 -4.74 -9.03 4.44
N GLY B 18 -4.36 -8.54 3.29
CA GLY B 18 -5.06 -7.36 2.72
C GLY B 18 -6.40 -7.80 2.14
N GLU B 19 -7.01 -8.79 2.73
CA GLU B 19 -8.32 -9.27 2.23
C GLU B 19 -9.44 -8.77 3.14
N ARG B 20 -9.56 -9.32 4.30
CA ARG B 20 -10.62 -8.88 5.24
C ARG B 20 -10.42 -9.56 6.60
N GLN B 21 -11.08 -9.09 7.62
CA GLN B 21 -10.92 -9.71 8.96
C GLN B 21 -12.12 -10.61 9.25
N ALA B 22 -12.69 -11.20 8.24
CA ALA B 22 -13.86 -12.09 8.45
C ALA B 22 -13.38 -13.49 8.86
N GLN A 6 4.37 3.81 16.01
CA GLN A 6 3.69 2.87 15.06
C GLN A 6 4.75 2.12 14.25
N GLY A 7 4.43 1.76 13.03
CA GLY A 7 5.42 1.02 12.20
C GLY A 7 6.41 2.00 11.57
N ASP A 8 6.20 2.37 10.33
CA ASP A 8 7.12 3.32 9.66
C ASP A 8 6.38 4.06 8.55
N ILE A 9 7.08 4.88 7.81
CA ILE A 9 6.41 5.62 6.71
C ILE A 9 6.92 5.10 5.36
N VAL A 10 6.03 4.93 4.41
CA VAL A 10 6.45 4.42 3.08
C VAL A 10 5.84 5.30 2.00
N VAL A 11 6.37 5.26 0.80
CA VAL A 11 5.79 6.09 -0.28
C VAL A 11 5.32 5.19 -1.43
N ALA A 12 4.19 5.49 -2.01
CA ALA A 12 3.66 4.64 -3.12
C ALA A 12 4.48 4.86 -4.38
N LEU A 13 4.87 3.79 -5.03
CA LEU A 13 5.66 3.93 -6.29
C LEU A 13 4.70 3.73 -7.47
N TYR A 14 3.54 3.22 -7.20
CA TYR A 14 2.53 2.99 -8.27
C TYR A 14 1.14 2.99 -7.62
N PRO A 15 0.10 3.39 -8.36
CA PRO A 15 -1.26 3.39 -7.82
C PRO A 15 -1.67 1.98 -7.44
N TYR A 16 -2.50 1.81 -6.45
CA TYR A 16 -2.86 0.41 -6.06
C TYR A 16 -4.19 0.00 -6.68
N ASP A 17 -4.60 -1.22 -6.45
CA ASP A 17 -5.88 -1.72 -7.00
C ASP A 17 -6.89 -1.88 -5.87
N GLY A 18 -7.53 -0.83 -5.44
CA GLY A 18 -8.53 -0.98 -4.35
C GLY A 18 -9.60 -1.98 -4.79
N ILE A 19 -9.43 -3.23 -4.46
CA ILE A 19 -10.45 -4.23 -4.87
C ILE A 19 -11.23 -4.65 -3.64
N HIS A 20 -10.56 -4.87 -2.55
CA HIS A 20 -11.27 -5.26 -1.30
C HIS A 20 -11.93 -4.02 -0.71
N PRO A 21 -12.98 -4.22 0.10
CA PRO A 21 -13.70 -3.11 0.72
C PRO A 21 -12.86 -2.39 1.79
N ASP A 22 -11.78 -2.99 2.20
CA ASP A 22 -10.92 -2.34 3.24
C ASP A 22 -9.58 -1.92 2.63
N ASP A 23 -9.25 -2.38 1.46
CA ASP A 23 -7.94 -1.99 0.86
C ASP A 23 -7.86 -0.47 0.73
N LEU A 24 -6.71 0.08 1.00
CA LEU A 24 -6.53 1.56 0.88
C LEU A 24 -5.96 1.85 -0.50
N SER A 25 -6.63 2.64 -1.28
CA SER A 25 -6.11 2.98 -2.63
C SER A 25 -5.06 4.09 -2.52
N PHE A 26 -4.01 4.00 -3.28
CA PHE A 26 -2.97 5.06 -3.21
C PHE A 26 -2.36 5.23 -4.60
N LYS A 27 -1.76 6.36 -4.87
CA LYS A 27 -1.15 6.58 -6.21
C LYS A 27 0.37 6.64 -6.07
N LYS A 28 1.09 6.72 -7.17
CA LYS A 28 2.57 6.77 -7.06
C LYS A 28 2.98 8.08 -6.40
N GLY A 29 4.14 8.09 -5.80
CA GLY A 29 4.63 9.33 -5.13
C GLY A 29 3.77 9.65 -3.90
N GLU A 30 2.70 8.92 -3.69
CA GLU A 30 1.84 9.21 -2.51
C GLU A 30 2.52 8.69 -1.24
N LYS A 31 2.43 9.43 -0.16
CA LYS A 31 3.08 8.97 1.10
C LYS A 31 2.05 8.26 1.98
N MET A 32 2.44 7.18 2.59
CA MET A 32 1.51 6.40 3.46
C MET A 32 2.22 6.02 4.76
N LYS A 33 1.46 5.86 5.81
CA LYS A 33 2.08 5.47 7.11
C LYS A 33 1.71 4.02 7.44
N VAL A 34 2.69 3.20 7.71
CA VAL A 34 2.40 1.78 8.04
C VAL A 34 2.03 1.67 9.52
N LEU A 35 0.90 1.09 9.82
CA LEU A 35 0.48 0.95 11.24
C LEU A 35 0.82 -0.45 11.74
N GLU A 36 0.50 -1.46 10.97
CA GLU A 36 0.78 -2.85 11.39
C GLU A 36 1.33 -3.61 10.17
N GLU A 37 2.63 -3.61 10.01
CA GLU A 37 3.24 -4.32 8.85
C GLU A 37 3.24 -5.83 9.11
N HIS A 38 2.55 -6.58 8.29
CA HIS A 38 2.54 -8.05 8.47
C HIS A 38 3.72 -8.67 7.73
N GLY A 39 3.50 -9.19 6.56
CA GLY A 39 4.63 -9.80 5.80
C GLY A 39 4.37 -9.71 4.29
N GLU A 40 3.21 -9.27 3.89
CA GLU A 40 2.92 -9.18 2.43
C GLU A 40 1.93 -8.04 2.17
N TRP A 41 1.08 -7.74 3.10
CA TRP A 41 0.09 -6.64 2.90
C TRP A 41 -0.01 -5.80 4.18
N TRP A 42 0.70 -4.70 4.25
CA TRP A 42 0.63 -3.86 5.49
C TRP A 42 -0.51 -2.85 5.38
N LYS A 43 -1.14 -2.53 6.48
CA LYS A 43 -2.24 -1.54 6.45
C LYS A 43 -1.67 -0.16 6.75
N ALA A 44 -1.57 0.68 5.75
CA ALA A 44 -1.01 2.03 5.99
C ALA A 44 -2.12 3.07 6.01
N LYS A 45 -1.76 4.33 6.06
CA LYS A 45 -2.79 5.40 6.10
C LYS A 45 -2.53 6.41 4.98
N SER A 46 -3.53 6.72 4.20
CA SER A 46 -3.33 7.68 3.09
C SER A 46 -3.23 9.10 3.64
N LEU A 47 -2.21 9.81 3.28
CA LEU A 47 -2.06 11.21 3.76
C LEU A 47 -3.10 12.08 3.06
N LEU A 48 -3.76 11.54 2.07
CA LEU A 48 -4.79 12.34 1.34
C LEU A 48 -5.78 12.93 2.34
N THR A 49 -6.37 12.10 3.16
CA THR A 49 -7.35 12.62 4.15
C THR A 49 -7.56 11.60 5.27
N LYS A 50 -6.57 10.80 5.56
CA LYS A 50 -6.70 9.79 6.66
C LYS A 50 -7.32 8.50 6.14
N LYS A 51 -6.87 8.02 5.01
CA LYS A 51 -7.43 6.75 4.47
C LYS A 51 -6.65 5.59 5.11
N GLU A 52 -7.32 4.59 5.60
CA GLU A 52 -6.59 3.46 6.22
C GLU A 52 -6.96 2.16 5.51
N GLY A 53 -6.02 1.51 4.88
CA GLY A 53 -6.34 0.25 4.18
C GLY A 53 -5.08 -0.60 4.01
N PHE A 54 -5.25 -1.83 3.60
CA PHE A 54 -4.08 -2.71 3.40
C PHE A 54 -3.31 -2.30 2.15
N ILE A 55 -2.01 -2.20 2.25
CA ILE A 55 -1.19 -1.80 1.07
C ILE A 55 -0.18 -2.92 0.78
N PRO A 56 0.10 -3.18 -0.50
CA PRO A 56 1.03 -4.24 -0.88
C PRO A 56 2.49 -3.88 -0.54
N SER A 57 3.31 -4.85 -0.30
CA SER A 57 4.73 -4.57 0.04
C SER A 57 5.55 -4.30 -1.22
N ASN A 58 4.92 -4.21 -2.36
CA ASN A 58 5.70 -3.96 -3.61
C ASN A 58 5.44 -2.54 -4.12
N TYR A 59 4.22 -2.17 -4.29
CA TYR A 59 3.89 -0.80 -4.83
C TYR A 59 4.66 0.27 -4.05
N VAL A 60 4.40 0.39 -2.78
CA VAL A 60 5.08 1.45 -1.98
C VAL A 60 6.50 1.03 -1.61
N ALA A 61 7.34 2.00 -1.37
CA ALA A 61 8.75 1.71 -0.98
C ALA A 61 9.08 2.54 0.26
N LYS A 62 10.09 2.16 0.99
CA LYS A 62 10.46 2.94 2.21
C LYS A 62 11.17 4.22 1.80
N LEU A 63 10.45 5.30 1.67
CA LEU A 63 11.10 6.59 1.28
C LEU A 63 10.52 7.74 2.09
N ASN A 64 11.29 8.77 2.32
CA ASN A 64 10.77 9.92 3.10
C ASN A 64 11.80 11.06 3.07
N THR A 65 11.37 12.27 3.30
CA THR A 65 12.32 13.41 3.28
C THR A 65 12.84 13.68 4.69
N TRP B 1 13.84 5.42 -14.72
CA TRP B 1 12.50 5.91 -14.30
C TRP B 1 12.63 6.70 -13.00
N ASP B 2 11.53 7.09 -12.41
CA ASP B 2 11.59 7.86 -11.14
C ASP B 2 10.18 7.96 -10.56
N PRO B 3 9.25 8.51 -11.35
CA PRO B 3 7.85 8.66 -10.92
C PRO B 3 7.14 7.30 -10.77
N GLY B 4 6.54 6.81 -11.82
CA GLY B 4 5.83 5.50 -11.74
C GLY B 4 5.12 5.22 -13.06
N MET B 5 5.76 5.49 -14.16
CA MET B 5 5.11 5.24 -15.48
C MET B 5 4.56 3.82 -15.51
N PRO B 6 5.37 2.84 -15.10
CA PRO B 6 4.98 1.43 -15.07
C PRO B 6 4.15 1.10 -13.81
N THR B 7 4.00 -0.17 -13.53
CA THR B 7 3.21 -0.57 -12.33
C THR B 7 3.34 -2.09 -12.13
N PRO B 8 4.21 -2.51 -11.19
CA PRO B 8 4.43 -3.93 -10.90
C PRO B 8 3.21 -4.57 -10.22
N PRO B 9 3.15 -5.91 -10.25
CA PRO B 9 2.06 -6.67 -9.63
C PRO B 9 2.12 -6.59 -8.11
N LEU B 10 1.04 -6.85 -7.43
CA LEU B 10 1.08 -6.78 -5.95
C LEU B 10 1.41 -8.16 -5.38
N PRO B 11 1.56 -8.21 -4.04
CA PRO B 11 1.87 -9.45 -3.33
C PRO B 11 0.69 -10.43 -3.35
N PRO B 12 0.78 -11.53 -2.59
CA PRO B 12 -0.25 -12.57 -2.55
C PRO B 12 -1.35 -12.31 -1.52
N ARG B 13 -1.00 -11.87 -0.34
CA ARG B 13 -2.04 -11.63 0.71
C ARG B 13 -2.20 -12.89 1.56
N PRO B 14 -1.46 -12.97 2.67
CA PRO B 14 -1.50 -14.11 3.59
C PRO B 14 -2.81 -14.16 4.40
N ALA B 15 -3.41 -15.32 4.47
CA ALA B 15 -4.69 -15.44 5.24
C ALA B 15 -5.53 -14.18 5.06
N ASN B 16 -6.06 -13.98 3.89
CA ASN B 16 -6.88 -12.77 3.64
C ASN B 16 -6.25 -11.58 4.34
N LEU B 17 -4.96 -11.42 4.22
CA LEU B 17 -4.29 -10.28 4.88
C LEU B 17 -4.97 -8.98 4.46
N GLY B 18 -4.54 -8.38 3.38
CA GLY B 18 -5.20 -7.12 2.95
C GLY B 18 -6.47 -7.45 2.17
N GLU B 19 -7.07 -8.59 2.43
CA GLU B 19 -8.31 -8.96 1.70
C GLU B 19 -9.52 -8.67 2.57
N ARG B 20 -9.37 -8.75 3.86
CA ARG B 20 -10.51 -8.48 4.77
C ARG B 20 -11.75 -9.20 4.27
N GLN B 21 -11.59 -10.42 3.82
CA GLN B 21 -12.77 -11.19 3.32
C GLN B 21 -12.59 -12.67 3.66
N ALA B 22 -12.96 -13.07 4.84
CA ALA B 22 -12.81 -14.50 5.22
C ALA B 22 -13.74 -14.82 6.41
N GLN A 6 7.58 2.66 16.00
CA GLN A 6 7.14 1.39 15.35
C GLN A 6 6.49 1.71 14.01
N GLY A 7 5.72 2.76 13.94
CA GLY A 7 5.05 3.13 12.66
C GLY A 7 6.07 3.79 11.73
N ASP A 8 6.41 3.15 10.64
CA ASP A 8 7.38 3.74 9.70
C ASP A 8 6.65 4.43 8.55
N ILE A 9 7.31 5.28 7.82
CA ILE A 9 6.62 5.98 6.69
C ILE A 9 7.14 5.42 5.36
N VAL A 10 6.25 5.21 4.43
CA VAL A 10 6.66 4.66 3.11
C VAL A 10 6.02 5.51 2.01
N VAL A 11 6.52 5.44 0.81
CA VAL A 11 5.90 6.24 -0.29
C VAL A 11 5.44 5.30 -1.40
N ALA A 12 4.29 5.56 -1.96
CA ALA A 12 3.77 4.69 -3.04
C ALA A 12 4.59 4.89 -4.31
N LEU A 13 4.97 3.83 -4.97
CA LEU A 13 5.75 3.97 -6.23
C LEU A 13 4.79 3.80 -7.40
N TYR A 14 3.68 3.16 -7.16
CA TYR A 14 2.67 2.96 -8.22
C TYR A 14 1.28 2.94 -7.57
N PRO A 15 0.23 3.33 -8.32
CA PRO A 15 -1.14 3.33 -7.79
C PRO A 15 -1.57 1.92 -7.42
N TYR A 16 -2.41 1.76 -6.44
CA TYR A 16 -2.79 0.36 -6.05
C TYR A 16 -4.13 -0.03 -6.69
N ASP A 17 -4.56 -1.23 -6.45
CA ASP A 17 -5.85 -1.70 -7.01
C ASP A 17 -6.87 -1.87 -5.88
N GLY A 18 -7.48 -0.81 -5.42
CA GLY A 18 -8.49 -0.97 -4.33
C GLY A 18 -9.56 -1.95 -4.79
N ILE A 19 -9.42 -3.20 -4.44
CA ILE A 19 -10.44 -4.20 -4.86
C ILE A 19 -11.25 -4.61 -3.64
N HIS A 20 -10.60 -4.82 -2.54
CA HIS A 20 -11.32 -5.22 -1.30
C HIS A 20 -11.98 -3.98 -0.71
N PRO A 21 -13.01 -4.17 0.13
CA PRO A 21 -13.73 -3.05 0.75
C PRO A 21 -12.87 -2.33 1.79
N ASP A 22 -11.78 -2.93 2.19
CA ASP A 22 -10.91 -2.29 3.22
C ASP A 22 -9.57 -1.88 2.60
N ASP A 23 -9.26 -2.35 1.43
CA ASP A 23 -7.96 -1.98 0.80
C ASP A 23 -7.86 -0.46 0.69
N LEU A 24 -6.71 0.08 0.99
CA LEU A 24 -6.53 1.55 0.87
C LEU A 24 -5.91 1.84 -0.49
N SER A 25 -6.55 2.62 -1.29
CA SER A 25 -6.00 2.95 -2.63
C SER A 25 -4.95 4.05 -2.50
N PHE A 26 -3.89 3.95 -3.25
CA PHE A 26 -2.84 5.01 -3.18
C PHE A 26 -2.25 5.18 -4.57
N LYS A 27 -1.66 6.31 -4.85
CA LYS A 27 -1.08 6.53 -6.20
C LYS A 27 0.45 6.56 -6.09
N LYS A 28 1.13 6.61 -7.20
CA LYS A 28 2.62 6.65 -7.15
C LYS A 28 3.07 7.98 -6.54
N GLY A 29 4.20 7.99 -5.91
CA GLY A 29 4.70 9.24 -5.28
C GLY A 29 3.86 9.62 -4.06
N GLU A 30 2.78 8.93 -3.83
CA GLU A 30 1.92 9.26 -2.65
C GLU A 30 2.59 8.75 -1.37
N LYS A 31 2.53 9.51 -0.31
CA LYS A 31 3.14 9.07 0.97
C LYS A 31 2.09 8.36 1.83
N MET A 32 2.48 7.28 2.45
CA MET A 32 1.53 6.52 3.30
C MET A 32 2.18 6.14 4.62
N LYS A 33 1.40 6.00 5.65
CA LYS A 33 1.99 5.63 6.97
C LYS A 33 1.67 4.18 7.29
N VAL A 34 2.68 3.40 7.56
CA VAL A 34 2.44 1.96 7.90
C VAL A 34 2.08 1.86 9.38
N LEU A 35 1.03 1.13 9.70
CA LEU A 35 0.62 1.01 11.12
C LEU A 35 0.91 -0.41 11.63
N GLU A 36 0.59 -1.40 10.83
CA GLU A 36 0.83 -2.81 11.26
C GLU A 36 1.38 -3.60 10.07
N GLU A 37 2.68 -3.55 9.87
CA GLU A 37 3.28 -4.31 8.73
C GLU A 37 3.17 -5.80 9.02
N HIS A 38 2.44 -6.51 8.20
CA HIS A 38 2.29 -7.98 8.43
C HIS A 38 3.47 -8.71 7.76
N GLY A 39 3.23 -9.33 6.63
CA GLY A 39 4.34 -10.06 5.95
C GLY A 39 4.32 -9.76 4.45
N GLU A 40 3.25 -9.23 3.93
CA GLU A 40 3.19 -8.94 2.47
C GLU A 40 2.15 -7.86 2.17
N TRP A 41 1.22 -7.65 3.06
CA TRP A 41 0.18 -6.60 2.80
C TRP A 41 0.03 -5.76 4.07
N TRP A 42 0.73 -4.66 4.16
CA TRP A 42 0.64 -3.81 5.39
C TRP A 42 -0.54 -2.84 5.29
N LYS A 43 -1.15 -2.54 6.40
CA LYS A 43 -2.28 -1.58 6.39
C LYS A 43 -1.73 -0.19 6.73
N ALA A 44 -1.64 0.67 5.75
CA ALA A 44 -1.09 2.03 6.00
C ALA A 44 -2.22 3.05 6.06
N LYS A 45 -1.88 4.30 6.15
CA LYS A 45 -2.92 5.36 6.22
C LYS A 45 -2.67 6.39 5.12
N SER A 46 -3.65 6.68 4.31
CA SER A 46 -3.46 7.68 3.23
C SER A 46 -3.36 9.09 3.83
N LEU A 47 -2.31 9.80 3.52
CA LEU A 47 -2.18 11.17 4.06
C LEU A 47 -3.20 12.06 3.36
N LEU A 48 -3.86 11.54 2.36
CA LEU A 48 -4.88 12.34 1.62
C LEU A 48 -5.89 12.90 2.62
N THR A 49 -6.50 12.04 3.40
CA THR A 49 -7.49 12.54 4.40
C THR A 49 -7.71 11.49 5.48
N LYS A 50 -6.71 10.69 5.78
CA LYS A 50 -6.86 9.67 6.85
C LYS A 50 -7.48 8.39 6.29
N LYS A 51 -7.02 7.93 5.16
CA LYS A 51 -7.55 6.67 4.59
C LYS A 51 -6.77 5.50 5.18
N GLU A 52 -7.43 4.49 5.65
CA GLU A 52 -6.69 3.34 6.25
C GLU A 52 -7.05 2.06 5.50
N GLY A 53 -6.09 1.44 4.87
CA GLY A 53 -6.40 0.18 4.13
C GLY A 53 -5.13 -0.64 3.96
N PHE A 54 -5.29 -1.86 3.53
CA PHE A 54 -4.11 -2.76 3.32
C PHE A 54 -3.35 -2.32 2.08
N ILE A 55 -2.05 -2.25 2.17
CA ILE A 55 -1.23 -1.85 0.99
C ILE A 55 -0.23 -2.96 0.70
N PRO A 56 0.01 -3.26 -0.58
CA PRO A 56 0.94 -4.33 -0.95
C PRO A 56 2.40 -3.94 -0.70
N SER A 57 3.15 -4.82 -0.11
CA SER A 57 4.59 -4.51 0.18
C SER A 57 5.38 -4.34 -1.13
N ASN A 58 4.72 -4.38 -2.26
CA ASN A 58 5.46 -4.23 -3.55
C ASN A 58 5.29 -2.81 -4.11
N TYR A 59 4.07 -2.35 -4.23
CA TYR A 59 3.84 -0.99 -4.80
C TYR A 59 4.63 0.08 -4.04
N VAL A 60 4.38 0.21 -2.77
CA VAL A 60 5.08 1.28 -1.98
C VAL A 60 6.50 0.86 -1.62
N ALA A 61 7.32 1.83 -1.35
CA ALA A 61 8.74 1.57 -0.98
C ALA A 61 9.11 2.45 0.21
N LYS A 62 10.16 2.14 0.91
CA LYS A 62 10.55 2.97 2.07
C LYS A 62 11.22 4.26 1.57
N LEU A 63 10.46 5.30 1.40
CA LEU A 63 11.03 6.58 0.91
C LEU A 63 10.30 7.76 1.55
N ASN A 64 10.99 8.84 1.79
CA ASN A 64 10.33 10.02 2.41
C ASN A 64 11.39 11.06 2.79
N THR A 65 10.99 12.30 2.92
CA THR A 65 11.98 13.36 3.28
C THR A 65 11.30 14.40 4.16
N TRP B 1 13.22 7.30 -23.68
CA TRP B 1 12.22 6.87 -22.65
C TRP B 1 12.85 5.81 -21.74
N ASP B 2 12.13 5.36 -20.76
CA ASP B 2 12.68 4.32 -19.84
C ASP B 2 11.55 3.81 -18.94
N PRO B 3 10.88 4.72 -18.23
CA PRO B 3 9.76 4.38 -17.34
C PRO B 3 8.54 3.88 -18.11
N GLY B 4 7.67 4.76 -18.49
CA GLY B 4 6.45 4.34 -19.24
C GLY B 4 5.41 3.77 -18.28
N MET B 5 5.38 4.28 -17.07
CA MET B 5 4.39 3.77 -16.07
C MET B 5 4.71 2.31 -15.75
N PRO B 6 5.59 2.10 -14.75
CA PRO B 6 5.99 0.77 -14.32
C PRO B 6 4.98 0.16 -13.34
N THR B 7 5.35 -0.91 -12.69
CA THR B 7 4.43 -1.56 -11.71
C THR B 7 4.90 -3.00 -11.48
N PRO B 8 5.28 -3.33 -10.24
CA PRO B 8 5.75 -4.65 -9.88
C PRO B 8 4.60 -5.59 -9.51
N PRO B 9 4.89 -6.90 -9.40
CA PRO B 9 3.88 -7.92 -9.05
C PRO B 9 3.42 -7.77 -7.60
N LEU B 10 2.16 -7.44 -7.41
CA LEU B 10 1.64 -7.28 -6.03
C LEU B 10 1.99 -8.50 -5.19
N PRO B 11 1.99 -8.34 -3.86
CA PRO B 11 2.28 -9.43 -2.93
C PRO B 11 1.17 -10.49 -2.92
N PRO B 12 1.36 -11.58 -2.16
CA PRO B 12 0.40 -12.68 -2.10
C PRO B 12 -0.72 -12.50 -1.06
N ARG B 13 -0.49 -11.76 -0.01
CA ARG B 13 -1.56 -11.59 1.01
C ARG B 13 -1.61 -12.81 1.93
N PRO B 14 -0.92 -12.73 3.08
CA PRO B 14 -0.86 -13.82 4.06
C PRO B 14 -2.21 -14.06 4.75
N ALA B 15 -2.66 -15.28 4.81
CA ALA B 15 -3.95 -15.58 5.49
C ALA B 15 -4.94 -14.44 5.24
N ASN B 16 -5.39 -14.28 4.03
CA ASN B 16 -6.35 -13.18 3.73
C ASN B 16 -5.90 -11.91 4.43
N LEU B 17 -4.63 -11.60 4.34
CA LEU B 17 -4.11 -10.36 4.98
C LEU B 17 -4.91 -9.17 4.44
N GLY B 18 -4.42 -8.53 3.43
CA GLY B 18 -5.17 -7.38 2.86
C GLY B 18 -6.39 -7.94 2.13
N GLU B 19 -6.44 -9.24 1.99
CA GLU B 19 -7.60 -9.87 1.29
C GLU B 19 -8.83 -9.84 2.21
N ARG B 20 -8.66 -9.42 3.43
CA ARG B 20 -9.82 -9.36 4.36
C ARG B 20 -9.37 -8.79 5.71
N GLN B 21 -8.73 -9.57 6.53
CA GLN B 21 -8.27 -9.07 7.84
C GLN B 21 -7.11 -9.94 8.35
N ALA B 22 -5.93 -9.39 8.44
CA ALA B 22 -4.78 -10.20 8.94
C ALA B 22 -4.75 -11.54 8.21
N GLN A 6 7.22 -0.61 14.75
CA GLN A 6 6.00 0.23 14.94
C GLN A 6 5.49 0.68 13.58
N GLY A 7 4.87 1.84 13.52
CA GLY A 7 4.33 2.34 12.23
C GLY A 7 5.40 3.22 11.54
N ASP A 8 5.84 2.81 10.39
CA ASP A 8 6.88 3.63 9.68
C ASP A 8 6.21 4.38 8.52
N ILE A 9 6.92 5.28 7.90
CA ILE A 9 6.33 6.04 6.76
C ILE A 9 6.88 5.48 5.45
N VAL A 10 6.02 5.25 4.49
CA VAL A 10 6.46 4.70 3.18
C VAL A 10 5.84 5.52 2.06
N VAL A 11 6.40 5.47 0.88
CA VAL A 11 5.81 6.24 -0.25
C VAL A 11 5.40 5.28 -1.35
N ALA A 12 4.23 5.46 -1.90
CA ALA A 12 3.75 4.54 -2.96
C ALA A 12 4.55 4.74 -4.25
N LEU A 13 5.01 3.68 -4.85
CA LEU A 13 5.76 3.78 -6.12
C LEU A 13 4.81 3.47 -7.26
N TYR A 14 3.95 2.51 -7.04
CA TYR A 14 2.95 2.12 -8.08
C TYR A 14 1.56 2.26 -7.46
N PRO A 15 0.59 2.77 -8.24
CA PRO A 15 -0.78 2.97 -7.75
C PRO A 15 -1.49 1.66 -7.39
N TYR A 16 -2.40 1.74 -6.46
CA TYR A 16 -3.15 0.54 -5.99
C TYR A 16 -4.64 0.86 -6.01
N ASP A 17 -5.46 0.24 -6.80
CA ASP A 17 -6.90 0.64 -6.71
C ASP A 17 -7.63 -0.29 -5.74
N GLY A 18 -8.17 0.26 -4.69
CA GLY A 18 -8.87 -0.56 -3.68
C GLY A 18 -9.74 -1.63 -4.35
N ILE A 19 -9.26 -2.83 -4.42
CA ILE A 19 -10.07 -3.90 -5.05
C ILE A 19 -10.93 -4.53 -3.95
N HIS A 20 -10.31 -4.97 -2.89
CA HIS A 20 -11.08 -5.57 -1.76
C HIS A 20 -11.94 -4.49 -1.12
N PRO A 21 -12.57 -4.78 0.03
CA PRO A 21 -13.42 -3.84 0.72
C PRO A 21 -12.66 -3.03 1.77
N ASP A 22 -11.46 -3.45 2.11
CA ASP A 22 -10.67 -2.74 3.15
C ASP A 22 -9.38 -2.18 2.56
N ASP A 23 -9.03 -2.57 1.36
CA ASP A 23 -7.76 -2.07 0.76
C ASP A 23 -7.77 -0.53 0.69
N LEU A 24 -6.64 0.06 0.97
CA LEU A 24 -6.54 1.54 0.91
C LEU A 24 -5.94 1.93 -0.44
N SER A 25 -6.59 2.79 -1.17
CA SER A 25 -6.07 3.18 -2.51
C SER A 25 -4.99 4.26 -2.38
N PHE A 26 -3.94 4.12 -3.14
CA PHE A 26 -2.85 5.14 -3.10
C PHE A 26 -2.26 5.28 -4.50
N LYS A 27 -1.65 6.39 -4.80
CA LYS A 27 -1.07 6.57 -6.17
C LYS A 27 0.46 6.60 -6.08
N LYS A 28 1.13 6.41 -7.18
CA LYS A 28 2.61 6.44 -7.14
C LYS A 28 3.08 7.77 -6.55
N GLY A 29 4.22 7.80 -5.92
CA GLY A 29 4.73 9.06 -5.32
C GLY A 29 3.87 9.47 -4.12
N GLU A 30 2.76 8.80 -3.89
CA GLU A 30 1.90 9.17 -2.74
C GLU A 30 2.55 8.72 -1.42
N LYS A 31 2.39 9.49 -0.38
CA LYS A 31 3.00 9.11 0.93
C LYS A 31 1.95 8.39 1.78
N MET A 32 2.36 7.32 2.40
CA MET A 32 1.41 6.55 3.25
C MET A 32 2.06 6.19 4.58
N LYS A 33 1.28 6.06 5.60
CA LYS A 33 1.85 5.71 6.94
C LYS A 33 1.53 4.25 7.25
N VAL A 34 2.54 3.43 7.40
CA VAL A 34 2.29 2.00 7.71
C VAL A 34 1.94 1.86 9.20
N LEU A 35 0.90 1.13 9.51
CA LEU A 35 0.49 0.97 10.93
C LEU A 35 0.93 -0.41 11.44
N GLU A 36 0.59 -1.44 10.72
CA GLU A 36 0.97 -2.82 11.14
C GLU A 36 1.38 -3.62 9.91
N GLU A 37 2.65 -3.83 9.73
CA GLU A 37 3.13 -4.60 8.55
C GLU A 37 3.15 -6.10 8.89
N HIS A 38 2.40 -6.88 8.17
CA HIS A 38 2.37 -8.35 8.44
C HIS A 38 3.55 -9.01 7.72
N GLY A 39 3.32 -9.58 6.57
CA GLY A 39 4.43 -10.25 5.82
C GLY A 39 4.33 -9.94 4.33
N GLU A 40 3.22 -9.43 3.88
CA GLU A 40 3.08 -9.13 2.42
C GLU A 40 2.07 -7.98 2.21
N TRP A 41 1.28 -7.67 3.19
CA TRP A 41 0.28 -6.57 3.01
C TRP A 41 0.20 -5.75 4.30
N TRP A 42 0.85 -4.62 4.35
CA TRP A 42 0.80 -3.79 5.59
C TRP A 42 -0.33 -2.77 5.48
N LYS A 43 -0.99 -2.48 6.58
CA LYS A 43 -2.09 -1.49 6.54
C LYS A 43 -1.48 -0.08 6.71
N ALA A 44 -1.49 0.69 5.67
CA ALA A 44 -0.90 2.06 5.76
C ALA A 44 -2.01 3.10 5.85
N LYS A 45 -1.66 4.35 5.90
CA LYS A 45 -2.67 5.42 6.00
C LYS A 45 -2.47 6.43 4.86
N SER A 46 -3.53 6.78 4.17
CA SER A 46 -3.38 7.75 3.05
C SER A 46 -3.32 9.17 3.61
N LEU A 47 -2.33 9.93 3.20
CA LEU A 47 -2.22 11.32 3.69
C LEU A 47 -3.30 12.17 3.00
N LEU A 48 -4.01 11.58 2.07
CA LEU A 48 -5.08 12.34 1.36
C LEU A 48 -6.06 12.91 2.38
N THR A 49 -6.61 12.08 3.21
CA THR A 49 -7.56 12.57 4.23
C THR A 49 -7.69 11.56 5.37
N LYS A 50 -6.67 10.78 5.61
CA LYS A 50 -6.71 9.78 6.72
C LYS A 50 -7.33 8.47 6.26
N LYS A 51 -6.97 8.01 5.09
CA LYS A 51 -7.53 6.70 4.62
C LYS A 51 -6.67 5.58 5.20
N GLU A 52 -7.28 4.56 5.75
CA GLU A 52 -6.46 3.46 6.32
C GLU A 52 -6.87 2.13 5.66
N GLY A 53 -5.96 1.51 4.96
CA GLY A 53 -6.30 0.22 4.30
C GLY A 53 -5.05 -0.63 4.14
N PHE A 54 -5.22 -1.86 3.75
CA PHE A 54 -4.04 -2.76 3.58
C PHE A 54 -3.27 -2.34 2.32
N ILE A 55 -1.97 -2.21 2.43
CA ILE A 55 -1.16 -1.82 1.23
C ILE A 55 -0.12 -2.90 0.97
N PRO A 56 0.10 -3.23 -0.31
CA PRO A 56 1.06 -4.26 -0.71
C PRO A 56 2.51 -3.85 -0.43
N SER A 57 3.38 -4.80 -0.21
CA SER A 57 4.80 -4.47 0.07
C SER A 57 5.56 -4.27 -1.23
N ASN A 58 4.89 -4.29 -2.34
CA ASN A 58 5.60 -4.13 -3.65
C ASN A 58 5.34 -2.74 -4.22
N TYR A 59 4.10 -2.32 -4.23
CA TYR A 59 3.75 -0.98 -4.79
C TYR A 59 4.53 0.11 -4.06
N VAL A 60 4.36 0.24 -2.79
CA VAL A 60 5.05 1.32 -2.03
C VAL A 60 6.50 0.94 -1.73
N ALA A 61 7.28 1.93 -1.39
CA ALA A 61 8.72 1.69 -1.06
C ALA A 61 9.07 2.52 0.17
N LYS A 62 9.68 1.91 1.15
CA LYS A 62 10.03 2.67 2.38
C LYS A 62 10.72 3.99 2.01
N LEU A 63 11.09 4.77 2.98
CA LEU A 63 11.75 6.07 2.69
C LEU A 63 13.07 6.16 3.47
N ASN A 64 13.64 5.04 3.81
CA ASN A 64 14.92 5.07 4.57
C ASN A 64 16.08 5.36 3.61
N THR A 65 17.27 4.92 3.95
CA THR A 65 18.43 5.17 3.05
C THR A 65 19.19 3.87 2.83
N TRP B 1 1.39 2.77 -18.72
CA TRP B 1 2.75 3.27 -18.37
C TRP B 1 3.23 4.27 -19.43
N ASP B 2 4.14 5.13 -19.07
CA ASP B 2 4.65 6.13 -20.06
C ASP B 2 5.90 6.80 -19.49
N PRO B 3 5.76 7.40 -18.30
CA PRO B 3 6.87 8.09 -17.62
C PRO B 3 7.94 7.09 -17.17
N GLY B 4 7.82 6.57 -15.97
CA GLY B 4 8.83 5.60 -15.48
C GLY B 4 8.31 4.93 -14.21
N MET B 5 7.04 4.64 -14.14
CA MET B 5 6.47 4.00 -12.93
C MET B 5 5.38 3.02 -13.35
N PRO B 6 5.75 1.75 -13.56
CA PRO B 6 4.81 0.71 -13.96
C PRO B 6 3.99 0.20 -12.78
N THR B 7 3.42 -0.96 -12.90
CA THR B 7 2.59 -1.52 -11.80
C THR B 7 2.66 -3.05 -11.83
N PRO B 8 3.60 -3.63 -11.09
CA PRO B 8 3.78 -5.08 -11.03
C PRO B 8 2.68 -5.77 -10.20
N PRO B 9 2.66 -7.11 -10.19
CA PRO B 9 1.67 -7.88 -9.45
C PRO B 9 1.88 -7.78 -7.93
N LEU B 10 0.99 -7.11 -7.25
CA LEU B 10 1.14 -6.97 -5.77
C LEU B 10 1.38 -8.34 -5.16
N PRO B 11 1.60 -8.37 -3.85
CA PRO B 11 1.83 -9.62 -3.11
C PRO B 11 0.59 -10.51 -3.08
N PRO B 12 0.65 -11.64 -2.36
CA PRO B 12 -0.45 -12.61 -2.29
C PRO B 12 -1.43 -12.39 -1.13
N ARG B 13 -1.02 -11.72 -0.08
CA ARG B 13 -1.95 -11.51 1.06
C ARG B 13 -2.03 -12.80 1.88
N PRO B 14 -1.19 -12.91 2.92
CA PRO B 14 -1.15 -14.10 3.78
C PRO B 14 -2.42 -14.22 4.63
N ALA B 15 -3.04 -15.38 4.64
CA ALA B 15 -4.28 -15.56 5.45
C ALA B 15 -5.18 -14.35 5.26
N ASN B 16 -5.62 -14.11 4.05
CA ASN B 16 -6.51 -12.94 3.81
C ASN B 16 -5.91 -11.70 4.48
N LEU B 17 -4.66 -11.44 4.25
CA LEU B 17 -4.02 -10.25 4.88
C LEU B 17 -4.61 -8.98 4.27
N GLY B 18 -4.10 -8.55 3.15
CA GLY B 18 -4.65 -7.32 2.51
C GLY B 18 -6.05 -7.62 2.02
N GLU B 19 -6.46 -8.86 2.08
CA GLU B 19 -7.83 -9.22 1.62
C GLU B 19 -8.82 -8.92 2.74
N ARG B 20 -9.03 -9.84 3.62
CA ARG B 20 -9.99 -9.62 4.74
C ARG B 20 -11.39 -9.39 4.17
N GLN B 21 -12.33 -10.23 4.51
CA GLN B 21 -13.71 -10.07 4.00
C GLN B 21 -14.70 -10.76 4.94
N ALA B 22 -14.36 -10.87 6.20
CA ALA B 22 -15.28 -11.53 7.16
C ALA B 22 -16.69 -10.98 6.99
N GLN A 6 3.99 3.99 17.45
CA GLN A 6 4.68 4.58 16.28
C GLN A 6 4.82 3.53 15.18
N GLY A 7 5.69 3.74 14.23
CA GLY A 7 5.87 2.74 13.14
C GLY A 7 6.86 3.29 12.11
N ASP A 8 6.42 3.46 10.89
CA ASP A 8 7.34 3.99 9.84
C ASP A 8 6.51 4.58 8.70
N ILE A 9 7.07 5.48 7.95
CA ILE A 9 6.31 6.08 6.81
C ILE A 9 6.84 5.54 5.48
N VAL A 10 5.98 5.29 4.55
CA VAL A 10 6.43 4.76 3.23
C VAL A 10 5.77 5.57 2.11
N VAL A 11 6.30 5.50 0.92
CA VAL A 11 5.69 6.26 -0.20
C VAL A 11 5.28 5.30 -1.31
N ALA A 12 4.13 5.51 -1.89
CA ALA A 12 3.64 4.61 -2.97
C ALA A 12 4.49 4.82 -4.24
N LEU A 13 4.87 3.77 -4.89
CA LEU A 13 5.66 3.93 -6.15
C LEU A 13 4.70 3.78 -7.33
N TYR A 14 3.62 3.09 -7.12
CA TYR A 14 2.62 2.89 -8.21
C TYR A 14 1.23 2.88 -7.56
N PRO A 15 0.19 3.23 -8.33
CA PRO A 15 -1.19 3.24 -7.82
C PRO A 15 -1.61 1.82 -7.44
N TYR A 16 -2.48 1.66 -6.47
CA TYR A 16 -2.85 0.27 -6.07
C TYR A 16 -4.19 -0.13 -6.70
N ASP A 17 -4.61 -1.33 -6.45
CA ASP A 17 -5.90 -1.82 -7.01
C ASP A 17 -6.91 -2.00 -5.87
N GLY A 18 -7.52 -0.94 -5.41
CA GLY A 18 -8.51 -1.09 -4.32
C GLY A 18 -9.58 -2.09 -4.75
N ILE A 19 -9.43 -3.33 -4.40
CA ILE A 19 -10.45 -4.34 -4.82
C ILE A 19 -11.24 -4.79 -3.58
N HIS A 20 -10.57 -4.97 -2.47
CA HIS A 20 -11.29 -5.39 -1.24
C HIS A 20 -11.95 -4.15 -0.63
N PRO A 21 -12.98 -4.35 0.21
CA PRO A 21 -13.70 -3.25 0.86
C PRO A 21 -12.83 -2.52 1.89
N ASP A 22 -11.73 -3.11 2.30
CA ASP A 22 -10.88 -2.45 3.31
C ASP A 22 -9.56 -2.00 2.68
N ASP A 23 -9.26 -2.42 1.48
CA ASP A 23 -7.99 -2.00 0.85
C ASP A 23 -7.94 -0.47 0.73
N LEU A 24 -6.79 0.10 0.91
CA LEU A 24 -6.67 1.58 0.79
C LEU A 24 -6.04 1.87 -0.57
N SER A 25 -6.70 2.64 -1.39
CA SER A 25 -6.14 2.97 -2.72
C SER A 25 -5.06 4.04 -2.58
N PHE A 26 -3.98 3.90 -3.29
CA PHE A 26 -2.91 4.93 -3.21
C PHE A 26 -2.31 5.09 -4.61
N LYS A 27 -1.73 6.22 -4.89
CA LYS A 27 -1.13 6.43 -6.23
C LYS A 27 0.39 6.46 -6.12
N LYS A 28 1.08 6.50 -7.22
CA LYS A 28 2.57 6.54 -7.15
C LYS A 28 3.01 7.87 -6.54
N GLY A 29 4.16 7.88 -5.91
CA GLY A 29 4.65 9.13 -5.30
C GLY A 29 3.79 9.52 -4.08
N GLU A 30 2.70 8.83 -3.85
CA GLU A 30 1.84 9.18 -2.68
C GLU A 30 2.51 8.69 -1.39
N LYS A 31 2.37 9.44 -0.33
CA LYS A 31 2.99 9.01 0.95
C LYS A 31 1.95 8.29 1.81
N MET A 32 2.36 7.23 2.45
CA MET A 32 1.41 6.46 3.31
C MET A 32 2.09 6.11 4.64
N LYS A 33 1.32 5.97 5.67
CA LYS A 33 1.90 5.63 7.00
C LYS A 33 1.63 4.17 7.31
N VAL A 34 2.64 3.43 7.67
CA VAL A 34 2.43 1.99 7.98
C VAL A 34 1.93 1.85 9.42
N LEU A 35 0.93 1.04 9.64
CA LEU A 35 0.40 0.87 11.02
C LEU A 35 0.68 -0.56 11.51
N GLU A 36 0.51 -1.53 10.65
CA GLU A 36 0.78 -2.94 11.06
C GLU A 36 1.25 -3.74 9.85
N GLU A 37 2.53 -3.75 9.61
CA GLU A 37 3.06 -4.52 8.43
C GLU A 37 3.02 -6.01 8.75
N HIS A 38 2.22 -6.76 8.04
CA HIS A 38 2.15 -8.23 8.30
C HIS A 38 3.32 -8.93 7.62
N GLY A 39 3.09 -9.55 6.49
CA GLY A 39 4.20 -10.26 5.79
C GLY A 39 4.29 -9.80 4.33
N GLU A 40 3.28 -9.13 3.84
CA GLU A 40 3.32 -8.67 2.43
C GLU A 40 2.21 -7.64 2.17
N TRP A 41 1.29 -7.48 3.08
CA TRP A 41 0.20 -6.48 2.86
C TRP A 41 0.07 -5.62 4.13
N TRP A 42 0.80 -4.55 4.23
CA TRP A 42 0.70 -3.70 5.45
C TRP A 42 -0.48 -2.74 5.35
N LYS A 43 -1.17 -2.54 6.44
CA LYS A 43 -2.32 -1.59 6.43
C LYS A 43 -1.79 -0.21 6.82
N ALA A 44 -1.65 0.66 5.86
CA ALA A 44 -1.12 2.02 6.17
C ALA A 44 -2.26 3.04 6.20
N LYS A 45 -1.92 4.28 6.40
CA LYS A 45 -2.96 5.34 6.45
C LYS A 45 -2.63 6.41 5.40
N SER A 46 -3.40 6.49 4.36
CA SER A 46 -3.12 7.51 3.30
C SER A 46 -3.12 8.90 3.92
N LEU A 47 -2.09 9.65 3.66
CA LEU A 47 -2.00 11.04 4.20
C LEU A 47 -2.93 11.93 3.38
N LEU A 48 -3.45 11.41 2.30
CA LEU A 48 -4.36 12.24 1.46
C LEU A 48 -5.37 12.92 2.39
N THR A 49 -5.58 12.38 3.56
CA THR A 49 -6.52 13.01 4.51
C THR A 49 -6.80 12.07 5.68
N LYS A 50 -6.58 10.78 5.52
CA LYS A 50 -6.84 9.82 6.64
C LYS A 50 -7.47 8.54 6.11
N LYS A 51 -7.04 8.08 4.98
CA LYS A 51 -7.59 6.81 4.43
C LYS A 51 -6.76 5.65 5.01
N GLU A 52 -7.40 4.61 5.45
CA GLU A 52 -6.63 3.47 6.03
C GLU A 52 -6.96 2.20 5.25
N GLY A 53 -5.97 1.50 4.78
CA GLY A 53 -6.26 0.25 4.02
C GLY A 53 -4.99 -0.58 3.85
N PHE A 54 -5.15 -1.80 3.41
CA PHE A 54 -3.97 -2.68 3.21
C PHE A 54 -3.16 -2.19 2.00
N ILE A 55 -1.87 -2.10 2.14
CA ILE A 55 -1.02 -1.65 1.01
C ILE A 55 0.02 -2.73 0.75
N PRO A 56 0.18 -3.17 -0.51
CA PRO A 56 1.13 -4.23 -0.84
C PRO A 56 2.58 -3.75 -0.84
N SER A 57 3.43 -4.41 -0.11
CA SER A 57 4.86 -4.00 -0.06
C SER A 57 5.45 -3.95 -1.47
N ASN A 58 4.74 -4.45 -2.44
CA ASN A 58 5.25 -4.45 -3.84
C ASN A 58 4.87 -3.14 -4.54
N TYR A 59 4.19 -2.26 -3.87
CA TYR A 59 3.80 -0.98 -4.54
C TYR A 59 4.46 0.21 -3.82
N VAL A 60 4.50 0.19 -2.52
CA VAL A 60 5.11 1.34 -1.79
C VAL A 60 6.56 1.02 -1.42
N ALA A 61 7.33 2.05 -1.17
CA ALA A 61 8.76 1.86 -0.80
C ALA A 61 9.10 2.79 0.37
N LYS A 62 10.16 2.53 1.07
CA LYS A 62 10.54 3.41 2.20
C LYS A 62 11.15 4.71 1.67
N LEU A 63 10.93 5.79 2.35
CA LEU A 63 11.49 7.09 1.88
C LEU A 63 12.97 6.91 1.52
N ASN A 64 13.53 7.85 0.80
CA ASN A 64 14.96 7.73 0.42
C ASN A 64 15.54 9.13 0.18
N THR A 65 16.28 9.64 1.13
CA THR A 65 16.86 11.00 0.97
C THR A 65 18.27 10.88 0.37
N TRP B 1 5.78 14.41 -17.02
CA TRP B 1 6.16 12.96 -16.99
C TRP B 1 7.49 12.77 -17.72
N ASP B 2 8.10 11.63 -17.57
CA ASP B 2 9.39 11.38 -18.25
C ASP B 2 9.70 9.89 -18.19
N PRO B 3 9.76 9.34 -16.98
CA PRO B 3 10.04 7.91 -16.77
C PRO B 3 8.89 7.03 -17.26
N GLY B 4 7.94 6.73 -16.43
CA GLY B 4 6.79 5.88 -16.86
C GLY B 4 6.03 5.38 -15.62
N MET B 5 6.73 5.11 -14.55
CA MET B 5 6.04 4.63 -13.32
C MET B 5 4.99 3.59 -13.69
N PRO B 6 5.43 2.33 -13.86
CA PRO B 6 4.54 1.22 -14.21
C PRO B 6 3.76 0.70 -13.00
N THR B 7 3.23 -0.48 -13.09
CA THR B 7 2.47 -1.05 -11.93
C THR B 7 2.62 -2.58 -11.93
N PRO B 8 3.64 -3.08 -11.23
CA PRO B 8 3.90 -4.52 -11.14
C PRO B 8 2.83 -5.26 -10.34
N PRO B 9 2.90 -6.60 -10.33
CA PRO B 9 1.93 -7.44 -9.60
C PRO B 9 2.08 -7.29 -8.09
N LEU B 10 1.00 -7.20 -7.38
CA LEU B 10 1.09 -7.06 -5.89
C LEU B 10 1.36 -8.41 -5.27
N PRO B 11 1.54 -8.42 -3.94
CA PRO B 11 1.80 -9.64 -3.18
C PRO B 11 0.57 -10.56 -3.14
N PRO B 12 0.64 -11.69 -2.41
CA PRO B 12 -0.43 -12.67 -2.34
C PRO B 12 -1.45 -12.43 -1.22
N ARG B 13 -1.08 -11.79 -0.14
CA ARG B 13 -2.04 -11.57 0.98
C ARG B 13 -2.18 -12.87 1.78
N PRO B 14 -1.35 -13.02 2.84
CA PRO B 14 -1.39 -14.21 3.70
C PRO B 14 -2.66 -14.28 4.54
N ALA B 15 -3.27 -15.42 4.63
CA ALA B 15 -4.52 -15.54 5.45
C ALA B 15 -5.41 -14.33 5.20
N ASN B 16 -5.74 -14.06 3.97
CA ASN B 16 -6.61 -12.88 3.67
C ASN B 16 -6.01 -11.64 4.33
N LEU B 17 -4.75 -11.40 4.12
CA LEU B 17 -4.11 -10.20 4.74
C LEU B 17 -4.63 -8.94 4.06
N GLY B 18 -4.08 -8.58 2.94
CA GLY B 18 -4.55 -7.37 2.22
C GLY B 18 -5.95 -7.63 1.68
N GLU B 19 -6.43 -8.84 1.80
CA GLU B 19 -7.79 -9.15 1.29
C GLU B 19 -8.83 -8.53 2.22
N ARG B 20 -9.13 -9.18 3.31
CA ARG B 20 -10.14 -8.63 4.25
C ARG B 20 -11.53 -8.75 3.65
N GLN B 21 -12.17 -9.88 3.81
CA GLN B 21 -13.53 -10.07 3.25
C GLN B 21 -14.57 -9.89 4.35
N ALA B 22 -15.78 -9.55 4.00
CA ALA B 22 -16.83 -9.37 5.03
C ALA B 22 -16.94 -10.63 5.89
N GLN A 6 5.16 -1.96 14.32
CA GLN A 6 6.23 -0.92 14.19
C GLN A 6 5.62 0.36 13.61
N GLY A 7 6.45 1.30 13.26
CA GLY A 7 5.91 2.58 12.69
C GLY A 7 6.94 3.18 11.73
N ASP A 8 6.61 3.28 10.47
CA ASP A 8 7.56 3.86 9.48
C ASP A 8 6.79 4.53 8.36
N ILE A 9 7.42 5.39 7.60
CA ILE A 9 6.70 6.05 6.48
C ILE A 9 7.19 5.50 5.15
N VAL A 10 6.28 5.24 4.24
CA VAL A 10 6.68 4.69 2.92
C VAL A 10 5.99 5.50 1.82
N VAL A 11 6.49 5.44 0.62
CA VAL A 11 5.84 6.22 -0.48
C VAL A 11 5.37 5.26 -1.58
N ALA A 12 4.21 5.48 -2.12
CA ALA A 12 3.69 4.58 -3.19
C ALA A 12 4.49 4.81 -4.48
N LEU A 13 4.91 3.76 -5.12
CA LEU A 13 5.67 3.90 -6.40
C LEU A 13 4.69 3.67 -7.55
N TYR A 14 3.58 3.07 -7.26
CA TYR A 14 2.55 2.81 -8.30
C TYR A 14 1.18 2.77 -7.61
N PRO A 15 0.10 3.11 -8.33
CA PRO A 15 -1.24 3.09 -7.75
C PRO A 15 -1.58 1.66 -7.32
N TYR A 16 -2.37 1.49 -6.30
CA TYR A 16 -2.66 0.09 -5.86
C TYR A 16 -3.88 -0.46 -6.60
N ASP A 17 -4.84 0.38 -6.88
CA ASP A 17 -6.08 -0.05 -7.59
C ASP A 17 -7.24 -0.09 -6.60
N GLY A 18 -7.08 -0.78 -5.52
CA GLY A 18 -8.19 -0.88 -4.51
C GLY A 18 -9.24 -1.85 -5.04
N ILE A 19 -9.14 -3.09 -4.67
CA ILE A 19 -10.13 -4.10 -5.14
C ILE A 19 -11.02 -4.50 -3.96
N HIS A 20 -10.40 -4.71 -2.83
CA HIS A 20 -11.20 -5.08 -1.62
C HIS A 20 -11.91 -3.84 -1.11
N PRO A 21 -13.04 -4.03 -0.42
CA PRO A 21 -13.81 -2.91 0.12
C PRO A 21 -13.09 -2.23 1.28
N ASP A 22 -12.02 -2.83 1.75
CA ASP A 22 -11.26 -2.24 2.89
C ASP A 22 -9.85 -1.82 2.45
N ASP A 23 -9.39 -2.31 1.32
CA ASP A 23 -8.02 -1.95 0.87
C ASP A 23 -7.90 -0.42 0.74
N LEU A 24 -6.77 0.12 1.12
CA LEU A 24 -6.58 1.58 1.01
C LEU A 24 -5.98 1.87 -0.37
N SER A 25 -6.67 2.61 -1.18
CA SER A 25 -6.15 2.93 -2.53
C SER A 25 -5.06 3.99 -2.45
N PHE A 26 -3.99 3.83 -3.19
CA PHE A 26 -2.93 4.87 -3.16
C PHE A 26 -2.35 5.01 -4.56
N LYS A 27 -1.78 6.13 -4.88
CA LYS A 27 -1.21 6.31 -6.24
C LYS A 27 0.32 6.41 -6.15
N LYS A 28 0.99 6.49 -7.27
CA LYS A 28 2.48 6.59 -7.20
C LYS A 28 2.87 7.92 -6.57
N GLY A 29 4.04 7.98 -6.01
CA GLY A 29 4.51 9.24 -5.37
C GLY A 29 3.66 9.58 -4.14
N GLU A 30 2.59 8.85 -3.90
CA GLU A 30 1.73 9.16 -2.73
C GLU A 30 2.42 8.70 -1.45
N LYS A 31 2.31 9.47 -0.39
CA LYS A 31 2.96 9.06 0.89
C LYS A 31 1.94 8.33 1.76
N MET A 32 2.37 7.25 2.37
CA MET A 32 1.45 6.46 3.24
C MET A 32 2.18 6.05 4.52
N LYS A 33 1.44 5.84 5.57
CA LYS A 33 2.08 5.44 6.85
C LYS A 33 1.72 3.99 7.17
N VAL A 34 2.71 3.16 7.35
CA VAL A 34 2.42 1.73 7.68
C VAL A 34 2.30 1.60 9.20
N LEU A 35 1.15 1.24 9.70
CA LEU A 35 0.99 1.12 11.17
C LEU A 35 1.47 -0.26 11.64
N GLU A 36 1.18 -1.29 10.90
CA GLU A 36 1.62 -2.65 11.30
C GLU A 36 1.88 -3.49 10.05
N GLU A 37 3.05 -4.07 9.95
CA GLU A 37 3.37 -4.91 8.76
C GLU A 37 3.10 -6.38 9.10
N HIS A 38 2.39 -7.06 8.22
CA HIS A 38 2.10 -8.50 8.49
C HIS A 38 3.10 -9.35 7.70
N GLY A 39 2.63 -10.24 6.85
CA GLY A 39 3.57 -11.09 6.08
C GLY A 39 3.98 -10.39 4.78
N GLU A 40 3.13 -9.55 4.26
CA GLU A 40 3.48 -8.85 2.99
C GLU A 40 2.43 -7.78 2.65
N TRP A 41 1.47 -7.56 3.50
CA TRP A 41 0.44 -6.53 3.22
C TRP A 41 0.18 -5.72 4.50
N TRP A 42 0.81 -4.58 4.64
CA TRP A 42 0.62 -3.79 5.88
C TRP A 42 -0.51 -2.77 5.69
N LYS A 43 -1.24 -2.50 6.73
CA LYS A 43 -2.33 -1.49 6.62
C LYS A 43 -1.75 -0.11 6.84
N ALA A 44 -1.65 0.67 5.81
CA ALA A 44 -1.08 2.03 5.95
C ALA A 44 -2.19 3.07 6.03
N LYS A 45 -1.84 4.32 6.15
CA LYS A 45 -2.88 5.38 6.24
C LYS A 45 -2.66 6.40 5.12
N SER A 46 -3.69 6.72 4.39
CA SER A 46 -3.54 7.71 3.29
C SER A 46 -3.46 9.13 3.86
N LEU A 47 -2.45 9.86 3.50
CA LEU A 47 -2.35 11.26 4.02
C LEU A 47 -3.41 12.11 3.32
N LEU A 48 -4.05 11.55 2.33
CA LEU A 48 -5.11 12.32 1.60
C LEU A 48 -6.11 12.87 2.62
N THR A 49 -6.68 12.03 3.43
CA THR A 49 -7.66 12.51 4.44
C THR A 49 -7.83 11.48 5.55
N LYS A 50 -6.81 10.71 5.82
CA LYS A 50 -6.90 9.68 6.91
C LYS A 50 -7.50 8.38 6.39
N LYS A 51 -7.06 7.93 5.24
CA LYS A 51 -7.58 6.64 4.71
C LYS A 51 -6.77 5.50 5.31
N GLU A 52 -7.40 4.48 5.81
CA GLU A 52 -6.63 3.35 6.41
C GLU A 52 -7.00 2.04 5.69
N GLY A 53 -6.05 1.46 5.00
CA GLY A 53 -6.35 0.19 4.29
C GLY A 53 -5.07 -0.65 4.16
N PHE A 54 -5.20 -1.87 3.70
CA PHE A 54 -4.01 -2.74 3.55
C PHE A 54 -3.20 -2.30 2.33
N ILE A 55 -1.91 -2.16 2.48
CA ILE A 55 -1.06 -1.74 1.33
C ILE A 55 0.00 -2.82 1.08
N PRO A 56 0.24 -3.16 -0.19
CA PRO A 56 1.22 -4.20 -0.53
C PRO A 56 2.68 -3.73 -0.35
N SER A 57 3.50 -4.58 0.19
CA SER A 57 4.93 -4.21 0.39
C SER A 57 5.65 -4.07 -0.95
N ASN A 58 4.95 -4.21 -2.04
CA ASN A 58 5.61 -4.09 -3.38
C ASN A 58 5.35 -2.71 -3.97
N TYR A 59 4.11 -2.32 -4.09
CA TYR A 59 3.79 -0.99 -4.69
C TYR A 59 4.58 0.12 -3.99
N VAL A 60 4.38 0.29 -2.71
CA VAL A 60 5.08 1.37 -1.99
C VAL A 60 6.53 0.99 -1.68
N ALA A 61 7.36 1.99 -1.52
CA ALA A 61 8.80 1.75 -1.20
C ALA A 61 9.18 2.62 0.00
N LYS A 62 10.23 2.28 0.69
CA LYS A 62 10.63 3.10 1.87
C LYS A 62 11.26 4.40 1.38
N LEU A 63 11.12 5.46 2.15
CA LEU A 63 11.72 6.76 1.74
C LEU A 63 12.42 7.41 2.93
N ASN A 64 12.09 6.99 4.13
CA ASN A 64 12.74 7.59 5.33
C ASN A 64 12.16 8.99 5.58
N THR A 65 12.91 9.86 6.18
CA THR A 65 12.40 11.23 6.45
C THR A 65 12.73 12.14 5.26
N TRP B 1 2.00 -5.29 -20.22
CA TRP B 1 2.00 -3.92 -20.83
C TRP B 1 2.81 -2.98 -19.96
N ASP B 2 2.91 -1.73 -20.34
CA ASP B 2 3.69 -0.75 -19.54
C ASP B 2 3.89 0.52 -20.37
N PRO B 3 2.79 1.17 -20.74
CA PRO B 3 2.81 2.39 -21.54
C PRO B 3 2.80 3.64 -20.66
N GLY B 4 1.65 4.05 -20.22
CA GLY B 4 1.56 5.27 -19.37
C GLY B 4 1.12 4.88 -17.95
N MET B 5 1.49 3.71 -17.51
CA MET B 5 1.10 3.26 -16.14
C MET B 5 1.82 1.96 -15.80
N PRO B 6 2.83 2.04 -14.93
CA PRO B 6 3.61 0.89 -14.50
C PRO B 6 3.00 0.21 -13.27
N THR B 7 3.62 -0.82 -12.78
CA THR B 7 3.08 -1.52 -11.58
C THR B 7 3.81 -2.86 -11.38
N PRO B 8 4.68 -2.92 -10.37
CA PRO B 8 5.46 -4.13 -10.06
C PRO B 8 4.56 -5.25 -9.52
N PRO B 9 5.16 -6.43 -9.27
CA PRO B 9 4.43 -7.59 -8.74
C PRO B 9 3.97 -7.37 -7.30
N LEU B 10 2.68 -7.40 -7.07
CA LEU B 10 2.16 -7.19 -5.69
C LEU B 10 2.53 -8.40 -4.82
N PRO B 11 2.45 -8.23 -3.50
CA PRO B 11 2.75 -9.29 -2.55
C PRO B 11 1.68 -10.39 -2.57
N PRO B 12 1.89 -11.47 -1.80
CA PRO B 12 0.98 -12.61 -1.76
C PRO B 12 -0.30 -12.38 -0.97
N ARG B 13 -0.21 -11.74 0.18
CA ARG B 13 -1.44 -11.51 0.99
C ARG B 13 -1.78 -12.82 1.73
N PRO B 14 -1.09 -13.06 2.86
CA PRO B 14 -1.30 -14.27 3.67
C PRO B 14 -2.63 -14.24 4.43
N ALA B 15 -3.23 -15.39 4.60
CA ALA B 15 -4.53 -15.45 5.34
C ALA B 15 -5.37 -14.21 5.02
N ASN B 16 -5.72 -14.03 3.79
CA ASN B 16 -6.53 -12.83 3.42
C ASN B 16 -5.96 -11.61 4.14
N LEU B 17 -4.66 -11.46 4.11
CA LEU B 17 -4.03 -10.29 4.79
C LEU B 17 -4.53 -9.00 4.16
N GLY B 18 -3.91 -8.55 3.12
CA GLY B 18 -4.36 -7.30 2.45
C GLY B 18 -5.74 -7.55 1.84
N GLU B 19 -6.15 -8.79 1.80
CA GLU B 19 -7.47 -9.11 1.21
C GLU B 19 -8.58 -8.60 2.15
N ARG B 20 -8.92 -9.36 3.14
CA ARG B 20 -9.99 -8.91 4.08
C ARG B 20 -9.52 -9.14 5.53
N GLN B 21 -9.96 -8.31 6.44
CA GLN B 21 -9.55 -8.47 7.85
C GLN B 21 -9.97 -9.85 8.35
N ALA B 22 -11.25 -10.07 8.53
CA ALA B 22 -11.71 -11.40 9.01
C ALA B 22 -11.11 -11.68 10.40
N GLN A 6 9.14 3.90 16.20
CA GLN A 6 8.17 2.77 16.32
C GLN A 6 7.31 2.70 15.05
N GLY A 7 7.06 3.83 14.44
CA GLY A 7 6.22 3.83 13.21
C GLY A 7 7.13 3.79 11.98
N ASP A 8 6.55 3.64 10.81
CA ASP A 8 7.38 3.58 9.57
C ASP A 8 6.63 4.26 8.42
N ILE A 9 7.26 5.19 7.76
CA ILE A 9 6.57 5.89 6.64
C ILE A 9 7.07 5.31 5.31
N VAL A 10 6.17 5.09 4.38
CA VAL A 10 6.58 4.53 3.06
C VAL A 10 5.96 5.38 1.95
N VAL A 11 6.49 5.31 0.76
CA VAL A 11 5.91 6.13 -0.34
C VAL A 11 5.44 5.21 -1.47
N ALA A 12 4.30 5.48 -2.04
CA ALA A 12 3.78 4.62 -3.13
C ALA A 12 4.59 4.85 -4.42
N LEU A 13 4.96 3.79 -5.08
CA LEU A 13 5.73 3.95 -6.34
C LEU A 13 4.76 3.79 -7.52
N TYR A 14 3.61 3.22 -7.24
CA TYR A 14 2.58 3.04 -8.30
C TYR A 14 1.22 3.03 -7.62
N PRO A 15 0.15 3.39 -8.33
CA PRO A 15 -1.20 3.39 -7.77
C PRO A 15 -1.62 1.97 -7.40
N TYR A 16 -2.44 1.79 -6.40
CA TYR A 16 -2.80 0.39 -6.03
C TYR A 16 -4.15 0.00 -6.65
N ASP A 17 -4.57 -1.20 -6.42
CA ASP A 17 -5.87 -1.67 -6.97
C ASP A 17 -6.88 -1.83 -5.84
N GLY A 18 -7.50 -0.77 -5.40
CA GLY A 18 -8.50 -0.91 -4.30
C GLY A 18 -9.58 -1.89 -4.75
N ILE A 19 -9.41 -3.15 -4.45
CA ILE A 19 -10.43 -4.15 -4.86
C ILE A 19 -11.21 -4.59 -3.63
N HIS A 20 -10.53 -4.82 -2.55
CA HIS A 20 -11.24 -5.23 -1.31
C HIS A 20 -11.90 -4.00 -0.69
N PRO A 21 -12.95 -4.21 0.11
CA PRO A 21 -13.68 -3.10 0.74
C PRO A 21 -12.83 -2.40 1.81
N ASP A 22 -11.75 -3.00 2.21
CA ASP A 22 -10.88 -2.38 3.25
C ASP A 22 -9.55 -1.95 2.65
N ASP A 23 -9.22 -2.38 1.46
CA ASP A 23 -7.93 -1.98 0.86
C ASP A 23 -7.84 -0.46 0.76
N LEU A 24 -6.69 0.09 1.00
CA LEU A 24 -6.53 1.55 0.89
C LEU A 24 -5.92 1.88 -0.46
N SER A 25 -6.58 2.70 -1.24
CA SER A 25 -6.04 3.06 -2.58
C SER A 25 -4.97 4.13 -2.44
N PHE A 26 -3.92 4.04 -3.21
CA PHE A 26 -2.86 5.07 -3.15
C PHE A 26 -2.28 5.25 -4.55
N LYS A 27 -1.68 6.36 -4.83
CA LYS A 27 -1.10 6.57 -6.18
C LYS A 27 0.42 6.58 -6.09
N LYS A 28 1.09 6.64 -7.22
CA LYS A 28 2.58 6.66 -7.19
C LYS A 28 3.05 7.98 -6.58
N GLY A 29 4.20 7.97 -5.96
CA GLY A 29 4.72 9.22 -5.34
C GLY A 29 3.89 9.59 -4.10
N GLU A 30 2.80 8.90 -3.86
CA GLU A 30 1.97 9.25 -2.68
C GLU A 30 2.64 8.73 -1.41
N LYS A 31 2.53 9.46 -0.33
CA LYS A 31 3.15 9.01 0.95
C LYS A 31 2.09 8.30 1.80
N MET A 32 2.47 7.21 2.42
CA MET A 32 1.52 6.45 3.25
C MET A 32 2.19 6.04 4.56
N LYS A 33 1.41 5.89 5.60
CA LYS A 33 1.99 5.48 6.91
C LYS A 33 1.58 4.04 7.21
N VAL A 34 2.53 3.17 7.41
CA VAL A 34 2.19 1.75 7.74
C VAL A 34 2.08 1.61 9.25
N LEU A 35 0.93 1.24 9.75
CA LEU A 35 0.76 1.10 11.22
C LEU A 35 1.14 -0.32 11.67
N GLU A 36 0.76 -1.31 10.91
CA GLU A 36 1.07 -2.71 11.29
C GLU A 36 1.53 -3.48 10.05
N GLU A 37 2.73 -3.98 10.06
CA GLU A 37 3.25 -4.74 8.88
C GLU A 37 3.12 -6.24 9.16
N HIS A 38 2.41 -6.94 8.31
CA HIS A 38 2.26 -8.41 8.52
C HIS A 38 3.40 -9.14 7.79
N GLY A 39 3.11 -9.73 6.66
CA GLY A 39 4.18 -10.47 5.92
C GLY A 39 4.16 -10.08 4.44
N GLU A 40 3.10 -9.45 3.98
CA GLU A 40 3.05 -9.08 2.53
C GLU A 40 2.04 -7.94 2.30
N TRP A 41 1.19 -7.66 3.24
CA TRP A 41 0.20 -6.56 3.04
C TRP A 41 0.06 -5.75 4.33
N TRP A 42 0.71 -4.63 4.43
CA TRP A 42 0.60 -3.82 5.67
C TRP A 42 -0.52 -2.78 5.50
N LYS A 43 -1.25 -2.52 6.54
CA LYS A 43 -2.34 -1.51 6.46
C LYS A 43 -1.75 -0.13 6.71
N ALA A 44 -1.67 0.68 5.70
CA ALA A 44 -1.09 2.04 5.88
C ALA A 44 -2.21 3.07 5.96
N LYS A 45 -1.86 4.32 6.01
CA LYS A 45 -2.89 5.39 6.10
C LYS A 45 -2.66 6.41 4.98
N SER A 46 -3.67 6.73 4.23
CA SER A 46 -3.50 7.72 3.13
C SER A 46 -3.40 9.13 3.71
N LEU A 47 -2.37 9.85 3.37
CA LEU A 47 -2.24 11.24 3.89
C LEU A 47 -3.28 12.12 3.21
N LEU A 48 -3.98 11.58 2.24
CA LEU A 48 -5.01 12.38 1.53
C LEU A 48 -6.00 12.94 2.55
N THR A 49 -6.59 12.09 3.34
CA THR A 49 -7.56 12.58 4.36
C THR A 49 -7.74 11.53 5.46
N LYS A 50 -6.76 10.70 5.69
CA LYS A 50 -6.86 9.67 6.76
C LYS A 50 -7.50 8.39 6.23
N LYS A 51 -7.09 7.93 5.09
CA LYS A 51 -7.65 6.66 4.57
C LYS A 51 -6.82 5.52 5.14
N GLU A 52 -7.45 4.51 5.69
CA GLU A 52 -6.66 3.38 6.27
C GLU A 52 -7.04 2.09 5.55
N GLY A 53 -6.10 1.47 4.90
CA GLY A 53 -6.41 0.19 4.19
C GLY A 53 -5.13 -0.64 4.05
N PHE A 54 -5.24 -1.80 3.46
CA PHE A 54 -4.05 -2.67 3.29
C PHE A 54 -3.22 -2.19 2.09
N ILE A 55 -1.94 -2.07 2.26
CA ILE A 55 -1.08 -1.63 1.12
C ILE A 55 -0.05 -2.72 0.84
N PRO A 56 0.18 -3.04 -0.45
CA PRO A 56 1.10 -4.10 -0.82
C PRO A 56 2.57 -3.69 -0.64
N SER A 57 3.36 -4.56 -0.09
CA SER A 57 4.80 -4.23 0.14
C SER A 57 5.53 -4.09 -1.20
N ASN A 58 4.83 -4.15 -2.31
CA ASN A 58 5.52 -4.03 -3.61
C ASN A 58 5.34 -2.62 -4.19
N TYR A 59 4.14 -2.14 -4.27
CA TYR A 59 3.89 -0.78 -4.83
C TYR A 59 4.68 0.27 -4.07
N VAL A 60 4.44 0.39 -2.80
CA VAL A 60 5.15 1.44 -2.00
C VAL A 60 6.57 1.01 -1.64
N ALA A 61 7.41 1.96 -1.38
CA ALA A 61 8.82 1.68 -1.00
C ALA A 61 9.16 2.49 0.25
N LYS A 62 10.16 2.10 0.98
CA LYS A 62 10.53 2.88 2.20
C LYS A 62 11.24 4.16 1.81
N LEU A 63 10.53 5.26 1.73
CA LEU A 63 11.18 6.55 1.35
C LEU A 63 10.49 7.71 2.08
N ASN A 64 11.23 8.49 2.82
CA ASN A 64 10.62 9.63 3.55
C ASN A 64 11.68 10.71 3.78
N THR A 65 11.28 11.89 4.14
CA THR A 65 12.27 12.98 4.38
C THR A 65 12.38 13.24 5.89
N TRP B 1 5.83 -4.17 -19.34
CA TRP B 1 5.65 -2.72 -19.63
C TRP B 1 6.63 -1.91 -18.76
N ASP B 2 6.79 -0.65 -19.07
CA ASP B 2 7.73 0.18 -18.26
C ASP B 2 8.00 1.49 -19.02
N PRO B 3 6.94 2.27 -19.27
CA PRO B 3 7.04 3.53 -19.99
C PRO B 3 7.24 4.72 -19.04
N GLY B 4 6.17 5.34 -18.61
CA GLY B 4 6.30 6.50 -17.69
C GLY B 4 5.36 6.32 -16.50
N MET B 5 4.92 5.11 -16.26
CA MET B 5 3.99 4.88 -15.11
C MET B 5 3.57 3.40 -15.12
N PRO B 6 4.52 2.51 -14.81
CA PRO B 6 4.26 1.06 -14.78
C PRO B 6 3.54 0.64 -13.49
N THR B 7 3.57 -0.64 -13.20
CA THR B 7 2.91 -1.14 -11.97
C THR B 7 3.23 -2.62 -11.81
N PRO B 8 4.15 -2.95 -10.90
CA PRO B 8 4.57 -4.34 -10.64
C PRO B 8 3.47 -5.13 -9.92
N PRO B 9 3.59 -6.46 -9.92
CA PRO B 9 2.61 -7.34 -9.25
C PRO B 9 2.66 -7.17 -7.73
N LEU B 10 1.51 -7.10 -7.11
CA LEU B 10 1.50 -6.94 -5.63
C LEU B 10 1.73 -8.28 -4.97
N PRO B 11 1.81 -8.27 -3.63
CA PRO B 11 2.03 -9.47 -2.84
C PRO B 11 0.79 -10.40 -2.88
N PRO B 12 0.88 -11.55 -2.20
CA PRO B 12 -0.19 -12.55 -2.20
C PRO B 12 -1.25 -12.35 -1.10
N ARG B 13 -0.92 -11.64 -0.06
CA ARG B 13 -1.93 -11.45 1.04
C ARG B 13 -2.02 -12.74 1.86
N PRO B 14 -1.21 -12.83 2.92
CA PRO B 14 -1.19 -14.01 3.81
C PRO B 14 -2.45 -14.11 4.66
N ALA B 15 -3.00 -15.30 4.77
CA ALA B 15 -4.24 -15.46 5.60
C ALA B 15 -5.18 -14.29 5.35
N ASN B 16 -5.66 -14.14 4.15
CA ASN B 16 -6.57 -13.01 3.84
C ASN B 16 -6.02 -11.73 4.47
N LEU B 17 -4.76 -11.46 4.25
CA LEU B 17 -4.16 -10.23 4.83
C LEU B 17 -4.77 -8.99 4.16
N GLY B 18 -4.22 -8.57 3.06
CA GLY B 18 -4.78 -7.38 2.36
C GLY B 18 -6.20 -7.73 1.88
N GLU B 19 -6.58 -8.96 1.98
CA GLU B 19 -7.94 -9.36 1.53
C GLU B 19 -8.98 -8.43 2.15
N ARG B 20 -9.50 -8.78 3.29
CA ARG B 20 -10.52 -7.92 3.96
C ARG B 20 -10.68 -8.34 5.42
N GLN B 21 -11.67 -7.83 6.09
CA GLN B 21 -11.88 -8.21 7.51
C GLN B 21 -12.98 -9.26 7.61
N ALA B 22 -13.04 -9.97 8.72
CA ALA B 22 -14.08 -11.02 8.86
C ALA B 22 -15.42 -10.36 9.19
N GLN A 6 5.01 2.75 17.61
CA GLN A 6 6.06 2.70 16.54
C GLN A 6 5.40 2.81 15.16
N GLY A 7 6.17 2.76 14.12
CA GLY A 7 5.59 2.86 12.75
C GLY A 7 6.65 3.40 11.78
N ASP A 8 6.37 3.34 10.51
CA ASP A 8 7.36 3.86 9.51
C ASP A 8 6.61 4.53 8.36
N ILE A 9 7.28 5.35 7.59
CA ILE A 9 6.59 6.03 6.46
C ILE A 9 7.12 5.49 5.13
N VAL A 10 6.25 5.24 4.20
CA VAL A 10 6.67 4.71 2.87
C VAL A 10 5.98 5.51 1.78
N VAL A 11 6.46 5.44 0.57
CA VAL A 11 5.78 6.19 -0.53
C VAL A 11 5.28 5.20 -1.58
N ALA A 12 4.10 5.43 -2.09
CA ALA A 12 3.53 4.51 -3.11
C ALA A 12 4.26 4.65 -4.45
N LEU A 13 5.23 3.82 -4.69
CA LEU A 13 5.96 3.90 -5.99
C LEU A 13 4.97 3.65 -7.11
N TYR A 14 4.00 2.80 -6.87
CA TYR A 14 2.98 2.50 -7.91
C TYR A 14 1.60 2.54 -7.24
N PRO A 15 0.55 2.85 -8.03
CA PRO A 15 -0.83 2.92 -7.52
C PRO A 15 -1.36 1.54 -7.16
N TYR A 16 -2.26 1.45 -6.21
CA TYR A 16 -2.82 0.13 -5.83
C TYR A 16 -4.31 0.08 -6.17
N ASP A 17 -4.62 -0.63 -7.21
CA ASP A 17 -6.02 -0.76 -7.70
C ASP A 17 -7.07 -0.59 -6.59
N GLY A 18 -6.82 -1.09 -5.40
CA GLY A 18 -7.88 -1.00 -4.36
C GLY A 18 -9.02 -1.91 -4.82
N ILE A 19 -9.06 -3.12 -4.35
CA ILE A 19 -10.13 -4.06 -4.79
C ILE A 19 -11.02 -4.41 -3.61
N HIS A 20 -10.45 -4.57 -2.45
CA HIS A 20 -11.26 -4.91 -1.27
C HIS A 20 -11.96 -3.65 -0.78
N PRO A 21 -13.13 -3.81 -0.14
CA PRO A 21 -13.89 -2.67 0.38
C PRO A 21 -13.13 -1.99 1.52
N ASP A 22 -12.08 -2.61 1.99
CA ASP A 22 -11.28 -2.03 3.10
C ASP A 22 -9.88 -1.66 2.62
N ASP A 23 -9.44 -2.19 1.50
CA ASP A 23 -8.08 -1.88 1.02
C ASP A 23 -7.91 -0.37 0.86
N LEU A 24 -6.78 0.15 1.23
CA LEU A 24 -6.54 1.61 1.08
C LEU A 24 -5.96 1.83 -0.31
N SER A 25 -6.67 2.52 -1.15
CA SER A 25 -6.17 2.78 -2.52
C SER A 25 -5.11 3.88 -2.47
N PHE A 26 -4.07 3.75 -3.25
CA PHE A 26 -3.03 4.82 -3.25
C PHE A 26 -2.46 4.95 -4.66
N LYS A 27 -1.89 6.08 -4.98
CA LYS A 27 -1.33 6.27 -6.35
C LYS A 27 0.20 6.34 -6.25
N LYS A 28 0.87 6.40 -7.37
CA LYS A 28 2.35 6.45 -7.32
C LYS A 28 2.79 7.79 -6.71
N GLY A 29 3.92 7.82 -6.07
CA GLY A 29 4.41 9.08 -5.47
C GLY A 29 3.56 9.45 -4.23
N GLU A 30 2.50 8.74 -3.99
CA GLU A 30 1.64 9.06 -2.81
C GLU A 30 2.33 8.60 -1.53
N LYS A 31 2.19 9.35 -0.47
CA LYS A 31 2.85 8.96 0.81
C LYS A 31 1.84 8.24 1.70
N MET A 32 2.27 7.21 2.36
CA MET A 32 1.37 6.44 3.27
C MET A 32 2.09 6.13 4.57
N LYS A 33 1.34 5.98 5.63
CA LYS A 33 1.96 5.66 6.95
C LYS A 33 1.72 4.19 7.27
N VAL A 34 2.76 3.45 7.54
CA VAL A 34 2.59 2.00 7.87
C VAL A 34 2.03 1.87 9.29
N LEU A 35 1.01 1.07 9.46
CA LEU A 35 0.44 0.89 10.82
C LEU A 35 0.73 -0.52 11.33
N GLU A 36 0.49 -1.52 10.53
CA GLU A 36 0.74 -2.91 10.97
C GLU A 36 1.26 -3.73 9.78
N GLU A 37 2.55 -3.79 9.61
CA GLU A 37 3.11 -4.56 8.46
C GLU A 37 3.10 -6.05 8.78
N HIS A 38 2.33 -6.81 8.06
CA HIS A 38 2.29 -8.28 8.32
C HIS A 38 3.46 -8.95 7.63
N GLY A 39 3.24 -9.57 6.50
CA GLY A 39 4.36 -10.26 5.79
C GLY A 39 4.28 -9.95 4.29
N GLU A 40 3.18 -9.41 3.83
CA GLU A 40 3.06 -9.11 2.38
C GLU A 40 2.08 -7.96 2.15
N TRP A 41 1.22 -7.68 3.09
CA TRP A 41 0.26 -6.55 2.90
C TRP A 41 0.16 -5.73 4.20
N TRP A 42 0.85 -4.63 4.27
CA TRP A 42 0.79 -3.80 5.51
C TRP A 42 -0.39 -2.82 5.43
N LYS A 43 -0.99 -2.51 6.55
CA LYS A 43 -2.12 -1.55 6.55
C LYS A 43 -1.58 -0.15 6.84
N ALA A 44 -1.51 0.68 5.85
CA ALA A 44 -0.96 2.05 6.06
C ALA A 44 -2.10 3.07 6.11
N LYS A 45 -1.77 4.32 6.25
CA LYS A 45 -2.81 5.39 6.31
C LYS A 45 -2.54 6.42 5.23
N SER A 46 -3.53 6.73 4.42
CA SER A 46 -3.33 7.74 3.35
C SER A 46 -3.30 9.15 3.96
N LEU A 47 -2.28 9.90 3.67
CA LEU A 47 -2.21 11.29 4.21
C LEU A 47 -3.24 12.15 3.47
N LEU A 48 -3.87 11.60 2.47
CA LEU A 48 -4.88 12.37 1.71
C LEU A 48 -5.93 12.91 2.68
N THR A 49 -6.53 12.06 3.46
CA THR A 49 -7.55 12.54 4.42
C THR A 49 -7.77 11.48 5.52
N LYS A 50 -6.75 10.70 5.81
CA LYS A 50 -6.87 9.68 6.89
C LYS A 50 -7.44 8.37 6.32
N LYS A 51 -6.95 7.94 5.20
CA LYS A 51 -7.43 6.65 4.63
C LYS A 51 -6.65 5.51 5.28
N GLU A 52 -7.32 4.49 5.73
CA GLU A 52 -6.58 3.35 6.37
C GLU A 52 -6.92 2.06 5.64
N GLY A 53 -5.96 1.43 5.03
CA GLY A 53 -6.25 0.18 4.31
C GLY A 53 -4.99 -0.66 4.11
N PHE A 54 -5.16 -1.89 3.75
CA PHE A 54 -3.98 -2.78 3.53
C PHE A 54 -3.27 -2.39 2.25
N ILE A 55 -1.97 -2.29 2.30
CA ILE A 55 -1.20 -1.91 1.08
C ILE A 55 -0.17 -3.00 0.77
N PRO A 56 0.08 -3.27 -0.51
CA PRO A 56 1.03 -4.31 -0.91
C PRO A 56 2.47 -3.93 -0.53
N SER A 57 3.27 -4.88 -0.13
CA SER A 57 4.67 -4.57 0.28
C SER A 57 5.54 -4.30 -0.96
N ASN A 58 4.96 -4.25 -2.12
CA ASN A 58 5.79 -3.99 -3.34
C ASN A 58 5.52 -2.58 -3.89
N TYR A 59 4.29 -2.24 -4.09
CA TYR A 59 3.97 -0.89 -4.65
C TYR A 59 4.70 0.21 -3.89
N VAL A 60 4.44 0.35 -2.62
CA VAL A 60 5.08 1.45 -1.84
C VAL A 60 6.52 1.09 -1.48
N ALA A 61 7.31 2.10 -1.24
CA ALA A 61 8.73 1.90 -0.87
C ALA A 61 9.08 2.83 0.29
N LYS A 62 10.16 2.59 0.98
CA LYS A 62 10.53 3.47 2.12
C LYS A 62 11.12 4.77 1.57
N LEU A 63 10.93 5.86 2.28
CA LEU A 63 11.48 7.16 1.78
C LEU A 63 10.98 8.30 2.67
N ASN A 64 11.84 8.93 3.40
CA ASN A 64 11.40 10.06 4.28
C ASN A 64 12.30 11.27 4.02
N THR A 65 11.81 12.46 4.26
CA THR A 65 12.64 13.67 4.02
C THR A 65 12.99 14.32 5.36
N TRP B 1 1.05 4.18 -20.95
CA TRP B 1 2.38 4.84 -20.99
C TRP B 1 3.46 3.83 -20.62
N ASP B 2 4.69 4.27 -20.51
CA ASP B 2 5.79 3.34 -20.14
C ASP B 2 7.11 4.10 -20.16
N PRO B 3 7.20 5.18 -19.35
CA PRO B 3 8.39 6.00 -19.26
C PRO B 3 9.33 5.53 -18.14
N GLY B 4 9.07 5.92 -16.93
CA GLY B 4 9.95 5.50 -15.80
C GLY B 4 9.10 5.25 -14.55
N MET B 5 7.85 4.91 -14.74
CA MET B 5 6.98 4.65 -13.56
C MET B 5 5.94 3.58 -13.91
N PRO B 6 6.39 2.32 -14.02
CA PRO B 6 5.53 1.19 -14.34
C PRO B 6 4.68 0.76 -13.14
N THR B 7 4.19 -0.44 -13.17
CA THR B 7 3.36 -0.93 -12.03
C THR B 7 3.37 -2.47 -12.02
N PRO B 8 4.28 -3.05 -11.24
CA PRO B 8 4.42 -4.51 -11.12
C PRO B 8 3.23 -5.13 -10.37
N PRO B 9 3.19 -6.46 -10.30
CA PRO B 9 2.13 -7.18 -9.60
C PRO B 9 2.22 -7.01 -8.08
N LEU B 10 1.16 -7.31 -7.38
CA LEU B 10 1.20 -7.15 -5.89
C LEU B 10 1.48 -8.50 -5.25
N PRO B 11 1.64 -8.49 -3.92
CA PRO B 11 1.90 -9.71 -3.14
C PRO B 11 0.67 -10.63 -3.11
N PRO B 12 0.74 -11.73 -2.35
CA PRO B 12 -0.33 -12.72 -2.28
C PRO B 12 -1.37 -12.45 -1.17
N ARG B 13 -0.97 -11.84 -0.09
CA ARG B 13 -1.94 -11.57 1.02
C ARG B 13 -2.08 -12.84 1.87
N PRO B 14 -1.31 -12.92 2.97
CA PRO B 14 -1.34 -14.06 3.89
C PRO B 14 -2.68 -14.17 4.63
N ALA B 15 -3.30 -15.32 4.60
CA ALA B 15 -4.61 -15.48 5.30
C ALA B 15 -5.47 -14.24 5.03
N ASN B 16 -5.88 -14.05 3.81
CA ASN B 16 -6.72 -12.86 3.49
C ASN B 16 -6.14 -11.64 4.20
N LEU B 17 -4.85 -11.50 4.17
CA LEU B 17 -4.20 -10.33 4.82
C LEU B 17 -4.82 -9.04 4.28
N GLY B 18 -4.22 -8.48 3.27
CA GLY B 18 -4.78 -7.23 2.69
C GLY B 18 -6.09 -7.58 1.98
N GLU B 19 -6.37 -8.85 1.86
CA GLU B 19 -7.64 -9.27 1.19
C GLU B 19 -8.82 -8.94 2.10
N ARG B 20 -9.17 -9.83 2.99
CA ARG B 20 -10.31 -9.56 3.91
C ARG B 20 -9.84 -8.69 5.07
N GLN B 21 -10.66 -8.55 6.08
CA GLN B 21 -10.26 -7.71 7.24
C GLN B 21 -8.81 -8.03 7.63
N ALA B 22 -8.59 -9.17 8.21
CA ALA B 22 -7.20 -9.55 8.63
C ALA B 22 -6.82 -10.89 7.99
N GLN A 6 4.96 -1.92 12.25
CA GLN A 6 5.48 -1.00 13.30
C GLN A 6 5.23 0.45 12.88
N GLY A 7 6.07 1.36 13.31
CA GLY A 7 5.88 2.78 12.95
C GLY A 7 6.92 3.19 11.90
N ASP A 8 6.54 3.24 10.66
CA ASP A 8 7.50 3.64 9.59
C ASP A 8 6.75 4.32 8.45
N ILE A 9 7.37 5.23 7.76
CA ILE A 9 6.69 5.92 6.63
C ILE A 9 7.22 5.39 5.30
N VAL A 10 6.34 5.13 4.38
CA VAL A 10 6.76 4.60 3.05
C VAL A 10 6.06 5.41 1.96
N VAL A 11 6.55 5.35 0.75
CA VAL A 11 5.88 6.11 -0.34
C VAL A 11 5.43 5.13 -1.43
N ALA A 12 4.25 5.31 -1.94
CA ALA A 12 3.74 4.38 -2.99
C ALA A 12 4.53 4.57 -4.29
N LEU A 13 4.99 3.51 -4.88
CA LEU A 13 5.74 3.61 -6.15
C LEU A 13 4.78 3.35 -7.30
N TYR A 14 3.79 2.53 -7.05
CA TYR A 14 2.78 2.21 -8.10
C TYR A 14 1.39 2.37 -7.49
N PRO A 15 0.43 2.86 -8.28
CA PRO A 15 -0.95 3.07 -7.81
C PRO A 15 -1.63 1.77 -7.40
N TYR A 16 -2.53 1.88 -6.45
CA TYR A 16 -3.27 0.69 -5.94
C TYR A 16 -4.76 0.97 -5.95
N ASP A 17 -5.56 0.31 -6.75
CA ASP A 17 -7.01 0.65 -6.68
C ASP A 17 -7.70 -0.39 -5.79
N GLY A 18 -8.27 0.06 -4.71
CA GLY A 18 -8.96 -0.86 -3.76
C GLY A 18 -9.74 -1.92 -4.51
N ILE A 19 -9.14 -3.03 -4.81
CA ILE A 19 -9.87 -4.12 -5.51
C ILE A 19 -10.66 -4.91 -4.46
N HIS A 20 -10.54 -4.51 -3.22
CA HIS A 20 -11.27 -5.20 -2.13
C HIS A 20 -12.16 -4.17 -1.42
N PRO A 21 -12.80 -4.55 -0.30
CA PRO A 21 -13.68 -3.66 0.44
C PRO A 21 -12.94 -2.86 1.52
N ASP A 22 -11.77 -3.31 1.90
CA ASP A 22 -11.00 -2.63 2.98
C ASP A 22 -9.67 -2.08 2.45
N ASP A 23 -9.28 -2.48 1.27
CA ASP A 23 -7.97 -2.00 0.72
C ASP A 23 -7.94 -0.47 0.64
N LEU A 24 -6.82 0.12 0.92
CA LEU A 24 -6.70 1.60 0.83
C LEU A 24 -6.04 1.94 -0.50
N SER A 25 -6.69 2.74 -1.30
CA SER A 25 -6.13 3.09 -2.64
C SER A 25 -5.02 4.14 -2.48
N PHE A 26 -3.94 3.97 -3.20
CA PHE A 26 -2.83 4.97 -3.15
C PHE A 26 -2.22 5.10 -4.54
N LYS A 27 -1.62 6.22 -4.84
CA LYS A 27 -1.03 6.39 -6.20
C LYS A 27 0.49 6.43 -6.09
N LYS A 28 1.18 6.29 -7.19
CA LYS A 28 2.67 6.34 -7.13
C LYS A 28 3.09 7.66 -6.51
N GLY A 29 4.22 7.69 -5.86
CA GLY A 29 4.70 8.95 -5.22
C GLY A 29 3.80 9.31 -4.03
N GLU A 30 2.73 8.61 -3.83
CA GLU A 30 1.82 8.94 -2.69
C GLU A 30 2.47 8.50 -1.37
N LYS A 31 2.27 9.24 -0.32
CA LYS A 31 2.88 8.86 0.99
C LYS A 31 1.85 8.14 1.85
N MET A 32 2.26 7.11 2.53
CA MET A 32 1.33 6.34 3.41
C MET A 32 2.00 6.06 4.75
N LYS A 33 1.22 5.94 5.78
CA LYS A 33 1.80 5.67 7.12
C LYS A 33 1.59 4.19 7.47
N VAL A 34 2.65 3.48 7.71
CA VAL A 34 2.51 2.03 8.06
C VAL A 34 2.20 1.90 9.55
N LEU A 35 1.12 1.24 9.89
CA LEU A 35 0.77 1.08 11.33
C LEU A 35 1.21 -0.30 11.82
N GLU A 36 0.94 -1.32 11.05
CA GLU A 36 1.34 -2.69 11.45
C GLU A 36 1.64 -3.52 10.21
N GLU A 37 2.91 -3.62 9.86
CA GLU A 37 3.29 -4.40 8.65
C GLU A 37 3.27 -5.89 8.97
N HIS A 38 2.50 -6.65 8.25
CA HIS A 38 2.44 -8.11 8.52
C HIS A 38 3.62 -8.80 7.81
N GLY A 39 3.39 -9.43 6.69
CA GLY A 39 4.49 -10.11 5.98
C GLY A 39 4.49 -9.75 4.49
N GLU A 40 3.41 -9.21 4.00
CA GLU A 40 3.36 -8.85 2.54
C GLU A 40 2.29 -7.79 2.28
N TRP A 41 1.38 -7.61 3.18
CA TRP A 41 0.32 -6.57 2.96
C TRP A 41 0.18 -5.73 4.24
N TRP A 42 0.85 -4.62 4.30
CA TRP A 42 0.77 -3.78 5.53
C TRP A 42 -0.41 -2.80 5.43
N LYS A 43 -1.02 -2.49 6.54
CA LYS A 43 -2.16 -1.52 6.50
C LYS A 43 -1.62 -0.13 6.81
N ALA A 44 -1.56 0.71 5.82
CA ALA A 44 -1.02 2.09 6.04
C ALA A 44 -2.16 3.10 6.06
N LYS A 45 -1.83 4.36 6.15
CA LYS A 45 -2.88 5.41 6.19
C LYS A 45 -2.60 6.45 5.10
N SER A 46 -3.60 6.80 4.33
CA SER A 46 -3.39 7.81 3.26
C SER A 46 -3.37 9.21 3.89
N LEU A 47 -2.37 9.99 3.59
CA LEU A 47 -2.31 11.36 4.14
C LEU A 47 -3.33 12.23 3.40
N LEU A 48 -3.94 11.69 2.37
CA LEU A 48 -4.95 12.46 1.60
C LEU A 48 -6.01 13.00 2.56
N THR A 49 -6.62 12.13 3.33
CA THR A 49 -7.65 12.59 4.29
C THR A 49 -7.87 11.55 5.38
N LYS A 50 -6.85 10.77 5.68
CA LYS A 50 -6.99 9.74 6.76
C LYS A 50 -7.56 8.45 6.21
N LYS A 51 -7.10 8.02 5.07
CA LYS A 51 -7.60 6.73 4.51
C LYS A 51 -6.78 5.60 5.11
N GLU A 52 -7.41 4.55 5.57
CA GLU A 52 -6.64 3.42 6.16
C GLU A 52 -6.98 2.14 5.43
N GLY A 53 -6.00 1.49 4.86
CA GLY A 53 -6.31 0.22 4.13
C GLY A 53 -5.03 -0.60 3.98
N PHE A 54 -5.19 -1.85 3.61
CA PHE A 54 -3.99 -2.73 3.43
C PHE A 54 -3.22 -2.29 2.19
N ILE A 55 -1.93 -2.17 2.30
CA ILE A 55 -1.12 -1.76 1.12
C ILE A 55 -0.09 -2.85 0.83
N PRO A 56 0.10 -3.18 -0.45
CA PRO A 56 1.04 -4.23 -0.85
C PRO A 56 2.50 -3.80 -0.64
N SER A 57 3.32 -4.70 -0.16
CA SER A 57 4.75 -4.37 0.08
C SER A 57 5.49 -4.22 -1.26
N ASN A 58 4.80 -4.39 -2.35
CA ASN A 58 5.48 -4.28 -3.68
C ASN A 58 5.31 -2.86 -4.24
N TYR A 59 4.11 -2.37 -4.26
CA TYR A 59 3.86 -1.01 -4.81
C TYR A 59 4.63 0.06 -4.02
N VAL A 60 4.42 0.13 -2.75
CA VAL A 60 5.09 1.19 -1.94
C VAL A 60 6.54 0.80 -1.63
N ALA A 61 7.35 1.79 -1.36
CA ALA A 61 8.78 1.57 -1.04
C ALA A 61 9.17 2.48 0.13
N LYS A 62 10.27 2.20 0.78
CA LYS A 62 10.68 3.08 1.91
C LYS A 62 11.24 4.38 1.37
N LEU A 63 11.05 5.47 2.07
CA LEU A 63 11.57 6.78 1.59
C LEU A 63 13.10 6.76 1.60
N ASN A 64 13.69 6.87 2.76
CA ASN A 64 15.18 6.86 2.83
C ASN A 64 15.62 6.09 4.09
N THR A 65 16.63 6.56 4.76
CA THR A 65 17.11 5.85 5.98
C THR A 65 16.26 6.27 7.18
N TRP B 1 -3.14 4.89 -21.61
CA TRP B 1 -1.76 4.96 -21.05
C TRP B 1 -0.92 5.95 -21.88
N ASP B 2 0.22 6.34 -21.39
CA ASP B 2 1.07 7.29 -22.15
C ASP B 2 2.45 7.34 -21.50
N PRO B 3 2.49 7.66 -20.20
CA PRO B 3 3.74 7.75 -19.45
C PRO B 3 4.40 6.37 -19.27
N GLY B 4 4.08 5.67 -18.22
CA GLY B 4 4.68 4.33 -17.99
C GLY B 4 3.62 3.37 -17.45
N MET B 5 2.77 3.86 -16.59
CA MET B 5 1.71 2.98 -16.01
C MET B 5 2.30 1.62 -15.67
N PRO B 6 3.27 1.58 -14.75
CA PRO B 6 3.93 0.37 -14.33
C PRO B 6 3.25 -0.26 -13.11
N THR B 7 3.65 -1.44 -12.74
CA THR B 7 3.04 -2.11 -11.55
C THR B 7 3.55 -3.54 -11.46
N PRO B 8 4.42 -3.81 -10.48
CA PRO B 8 4.99 -5.14 -10.26
C PRO B 8 3.95 -6.12 -9.72
N PRO B 9 4.33 -7.39 -9.55
CA PRO B 9 3.44 -8.44 -9.03
C PRO B 9 3.06 -8.19 -7.57
N LEU B 10 1.94 -7.60 -7.33
CA LEU B 10 1.50 -7.32 -5.93
C LEU B 10 1.87 -8.50 -5.05
N PRO B 11 1.88 -8.27 -3.73
CA PRO B 11 2.20 -9.32 -2.75
C PRO B 11 1.12 -10.41 -2.74
N PRO B 12 1.37 -11.51 -2.02
CA PRO B 12 0.45 -12.65 -1.97
C PRO B 12 -0.74 -12.46 -1.01
N ARG B 13 -0.54 -11.77 0.08
CA ARG B 13 -1.68 -11.59 1.03
C ARG B 13 -1.84 -12.87 1.85
N PRO B 14 -1.05 -12.99 2.93
CA PRO B 14 -1.09 -14.17 3.81
C PRO B 14 -2.37 -14.23 4.66
N ALA B 15 -2.93 -15.39 4.81
CA ALA B 15 -4.18 -15.52 5.62
C ALA B 15 -5.08 -14.31 5.37
N ASN B 16 -5.52 -14.13 4.16
CA ASN B 16 -6.40 -12.96 3.86
C ASN B 16 -5.81 -11.72 4.52
N LEU B 17 -4.55 -11.48 4.34
CA LEU B 17 -3.92 -10.28 4.95
C LEU B 17 -4.51 -9.03 4.34
N GLY B 18 -4.01 -8.61 3.20
CA GLY B 18 -4.56 -7.41 2.54
C GLY B 18 -6.01 -7.69 2.14
N GLU B 19 -6.42 -8.92 2.24
CA GLU B 19 -7.81 -9.27 1.86
C GLU B 19 -8.77 -8.70 2.90
N ARG B 20 -9.03 -9.44 3.95
CA ARG B 20 -9.96 -8.94 5.00
C ARG B 20 -9.27 -7.84 5.81
N GLN B 21 -9.79 -7.51 6.95
CA GLN B 21 -9.17 -6.44 7.78
C GLN B 21 -8.44 -7.07 8.97
N ALA B 22 -7.71 -8.12 8.73
CA ALA B 22 -6.98 -8.78 9.86
C ALA B 22 -5.83 -7.88 10.31
N GLN A 6 2.85 7.73 15.48
CA GLN A 6 3.89 7.73 14.42
C GLN A 6 4.20 6.29 14.00
N GLY A 7 5.24 6.09 13.24
CA GLY A 7 5.59 4.71 12.80
C GLY A 7 6.50 4.78 11.58
N ASP A 8 6.47 3.77 10.75
CA ASP A 8 7.34 3.78 9.54
C ASP A 8 6.58 4.44 8.38
N ILE A 9 7.11 5.49 7.83
CA ILE A 9 6.42 6.17 6.70
C ILE A 9 6.92 5.61 5.37
N VAL A 10 6.03 5.36 4.45
CA VAL A 10 6.44 4.80 3.13
C VAL A 10 5.79 5.62 2.02
N VAL A 11 6.31 5.55 0.83
CA VAL A 11 5.70 6.33 -0.28
C VAL A 11 5.29 5.37 -1.40
N ALA A 12 4.14 5.58 -1.99
CA ALA A 12 3.68 4.68 -3.07
C ALA A 12 4.53 4.90 -4.32
N LEU A 13 5.00 3.84 -4.92
CA LEU A 13 5.82 3.98 -6.16
C LEU A 13 4.90 3.75 -7.36
N TYR A 14 3.74 3.21 -7.10
CA TYR A 14 2.77 2.94 -8.18
C TYR A 14 1.37 2.93 -7.56
N PRO A 15 0.33 3.26 -8.34
CA PRO A 15 -1.04 3.26 -7.84
C PRO A 15 -1.45 1.83 -7.49
N TYR A 16 -2.31 1.64 -6.52
CA TYR A 16 -2.67 0.23 -6.16
C TYR A 16 -4.04 -0.13 -6.74
N ASP A 17 -4.52 -1.29 -6.43
CA ASP A 17 -5.83 -1.76 -6.96
C ASP A 17 -6.84 -1.88 -5.82
N GLY A 18 -7.51 -0.82 -5.44
CA GLY A 18 -8.52 -0.96 -4.35
C GLY A 18 -9.56 -1.97 -4.78
N ILE A 19 -9.37 -3.23 -4.45
CA ILE A 19 -10.38 -4.25 -4.82
C ILE A 19 -11.14 -4.70 -3.57
N HIS A 20 -10.43 -4.89 -2.50
CA HIS A 20 -11.10 -5.30 -1.25
C HIS A 20 -11.80 -4.08 -0.64
N PRO A 21 -12.82 -4.30 0.19
CA PRO A 21 -13.57 -3.21 0.81
C PRO A 21 -12.73 -2.46 1.85
N ASP A 22 -11.61 -3.01 2.24
CA ASP A 22 -10.76 -2.34 3.26
C ASP A 22 -9.44 -1.88 2.63
N ASP A 23 -9.11 -2.34 1.46
CA ASP A 23 -7.83 -1.92 0.83
C ASP A 23 -7.80 -0.40 0.70
N LEU A 24 -6.66 0.18 0.98
CA LEU A 24 -6.54 1.65 0.86
C LEU A 24 -5.96 1.96 -0.52
N SER A 25 -6.65 2.73 -1.31
CA SER A 25 -6.14 3.05 -2.67
C SER A 25 -5.08 4.14 -2.57
N PHE A 26 -4.03 4.03 -3.32
CA PHE A 26 -2.97 5.08 -3.29
C PHE A 26 -2.36 5.21 -4.68
N LYS A 27 -1.74 6.31 -4.97
CA LYS A 27 -1.15 6.49 -6.32
C LYS A 27 0.38 6.53 -6.19
N LYS A 28 1.08 6.55 -7.30
CA LYS A 28 2.56 6.60 -7.22
C LYS A 28 3.01 7.93 -6.61
N GLY A 29 4.14 7.96 -5.99
CA GLY A 29 4.63 9.23 -5.38
C GLY A 29 3.77 9.60 -4.16
N GLU A 30 2.70 8.89 -3.92
CA GLU A 30 1.84 9.24 -2.75
C GLU A 30 2.52 8.76 -1.46
N LYS A 31 2.38 9.51 -0.40
CA LYS A 31 3.01 9.10 0.89
C LYS A 31 1.99 8.36 1.74
N MET A 32 2.41 7.28 2.34
CA MET A 32 1.49 6.47 3.20
C MET A 32 2.23 6.03 4.46
N LYS A 33 1.52 5.80 5.52
CA LYS A 33 2.16 5.36 6.78
C LYS A 33 1.79 3.90 7.06
N VAL A 34 2.75 3.05 7.23
CA VAL A 34 2.44 1.63 7.53
C VAL A 34 2.27 1.46 9.04
N LEU A 35 1.19 0.87 9.47
CA LEU A 35 0.97 0.70 10.93
C LEU A 35 1.59 -0.62 11.41
N GLU A 36 1.66 -1.60 10.54
CA GLU A 36 2.24 -2.91 10.95
C GLU A 36 2.26 -3.87 9.76
N GLU A 37 3.39 -4.48 9.52
CA GLU A 37 3.49 -5.44 8.38
C GLU A 37 2.84 -6.76 8.77
N HIS A 38 2.01 -7.31 7.94
CA HIS A 38 1.33 -8.58 8.27
C HIS A 38 1.84 -9.72 7.38
N GLY A 39 3.07 -9.66 6.93
CA GLY A 39 3.59 -10.75 6.07
C GLY A 39 3.76 -10.27 4.63
N GLU A 40 2.78 -9.62 4.09
CA GLU A 40 2.91 -9.13 2.68
C GLU A 40 1.91 -7.99 2.41
N TRP A 41 1.07 -7.69 3.36
CA TRP A 41 0.09 -6.59 3.14
C TRP A 41 -0.09 -5.80 4.44
N TRP A 42 0.56 -4.68 4.56
CA TRP A 42 0.43 -3.88 5.82
C TRP A 42 -0.66 -2.82 5.64
N LYS A 43 -1.35 -2.48 6.69
CA LYS A 43 -2.41 -1.45 6.57
C LYS A 43 -1.80 -0.07 6.79
N ALA A 44 -1.70 0.71 5.76
CA ALA A 44 -1.09 2.06 5.90
C ALA A 44 -2.19 3.11 5.96
N LYS A 45 -1.81 4.36 6.10
CA LYS A 45 -2.82 5.44 6.18
C LYS A 45 -2.57 6.45 5.06
N SER A 46 -3.59 6.79 4.32
CA SER A 46 -3.41 7.77 3.21
C SER A 46 -3.34 9.18 3.77
N LEU A 47 -2.33 9.93 3.40
CA LEU A 47 -2.23 11.33 3.88
C LEU A 47 -3.28 12.18 3.17
N LEU A 48 -3.93 11.62 2.18
CA LEU A 48 -4.96 12.39 1.45
C LEU A 48 -5.97 12.97 2.44
N THR A 49 -6.55 12.13 3.26
CA THR A 49 -7.53 12.64 4.25
C THR A 49 -7.73 11.63 5.37
N LYS A 50 -6.72 10.84 5.66
CA LYS A 50 -6.83 9.84 6.76
C LYS A 50 -7.43 8.52 6.24
N LYS A 51 -6.98 8.07 5.11
CA LYS A 51 -7.51 6.79 4.57
C LYS A 51 -6.73 5.64 5.20
N GLU A 52 -7.39 4.63 5.67
CA GLU A 52 -6.66 3.49 6.28
C GLU A 52 -7.03 2.20 5.55
N GLY A 53 -6.09 1.58 4.88
CA GLY A 53 -6.43 0.33 4.15
C GLY A 53 -5.17 -0.54 4.02
N PHE A 54 -5.34 -1.76 3.60
CA PHE A 54 -4.17 -2.67 3.45
C PHE A 54 -3.36 -2.26 2.22
N ILE A 55 -2.07 -2.14 2.37
CA ILE A 55 -1.22 -1.75 1.21
C ILE A 55 -0.18 -2.83 0.96
N PRO A 56 0.10 -3.13 -0.32
CA PRO A 56 1.08 -4.17 -0.69
C PRO A 56 2.51 -3.76 -0.34
N SER A 57 3.34 -4.72 -0.04
CA SER A 57 4.76 -4.39 0.32
C SER A 57 5.57 -4.09 -0.93
N ASN A 58 4.94 -3.99 -2.07
CA ASN A 58 5.72 -3.73 -3.31
C ASN A 58 5.40 -2.33 -3.86
N TYR A 59 4.15 -2.01 -4.03
CA TYR A 59 3.79 -0.68 -4.58
C TYR A 59 4.52 0.44 -3.84
N VAL A 60 4.45 0.46 -2.55
CA VAL A 60 5.11 1.55 -1.78
C VAL A 60 6.56 1.19 -1.44
N ALA A 61 7.37 2.19 -1.24
CA ALA A 61 8.80 1.97 -0.89
C ALA A 61 9.17 2.89 0.27
N LYS A 62 10.24 2.62 0.95
CA LYS A 62 10.63 3.49 2.10
C LYS A 62 11.25 4.77 1.56
N LEU A 63 10.48 5.81 1.41
CA LEU A 63 11.02 7.10 0.89
C LEU A 63 12.03 6.81 -0.23
N ASN A 64 11.63 6.09 -1.23
CA ASN A 64 12.55 5.79 -2.36
C ASN A 64 12.76 7.03 -3.22
N THR A 65 13.91 7.64 -3.15
CA THR A 65 14.17 8.85 -3.98
C THR A 65 15.21 8.54 -5.04
N TRP B 1 6.59 8.99 -26.15
CA TRP B 1 6.38 8.45 -24.78
C TRP B 1 6.40 6.92 -24.82
N ASP B 2 6.50 6.29 -23.67
CA ASP B 2 6.53 4.80 -23.65
C ASP B 2 6.41 4.33 -22.20
N PRO B 3 7.33 4.80 -21.34
CA PRO B 3 7.33 4.44 -19.92
C PRO B 3 6.13 5.04 -19.19
N GLY B 4 6.27 6.23 -18.65
CA GLY B 4 5.13 6.85 -17.92
C GLY B 4 4.95 6.15 -16.58
N MET B 5 6.02 5.79 -15.93
CA MET B 5 5.90 5.11 -14.61
C MET B 5 5.11 3.81 -14.78
N PRO B 6 5.78 2.66 -14.61
CA PRO B 6 5.14 1.35 -14.75
C PRO B 6 4.34 0.98 -13.50
N THR B 7 4.05 -0.27 -13.35
CA THR B 7 3.27 -0.71 -12.15
C THR B 7 3.38 -2.24 -12.01
N PRO B 8 4.29 -2.69 -11.14
CA PRO B 8 4.51 -4.13 -10.90
C PRO B 8 3.33 -4.78 -10.16
N PRO B 9 3.29 -6.11 -10.16
CA PRO B 9 2.22 -6.87 -9.50
C PRO B 9 2.34 -6.77 -7.97
N LEU B 10 1.26 -6.98 -7.27
CA LEU B 10 1.32 -6.90 -5.78
C LEU B 10 1.60 -8.29 -5.19
N PRO B 11 1.77 -8.33 -3.87
CA PRO B 11 2.01 -9.58 -3.14
C PRO B 11 0.77 -10.49 -3.15
N PRO B 12 0.79 -11.59 -2.39
CA PRO B 12 -0.30 -12.55 -2.35
C PRO B 12 -1.35 -12.29 -1.27
N ARG B 13 -0.96 -11.81 -0.12
CA ARG B 13 -1.94 -11.56 0.98
C ARG B 13 -2.08 -12.83 1.81
N PRO B 14 -1.34 -12.92 2.92
CA PRO B 14 -1.38 -14.10 3.82
C PRO B 14 -2.72 -14.21 4.54
N ALA B 15 -3.38 -15.33 4.43
CA ALA B 15 -4.69 -15.51 5.11
C ALA B 15 -5.55 -14.27 4.89
N ASN B 16 -5.97 -14.04 3.68
CA ASN B 16 -6.82 -12.84 3.41
C ASN B 16 -6.24 -11.63 4.16
N LEU B 17 -4.97 -11.38 4.02
CA LEU B 17 -4.36 -10.22 4.72
C LEU B 17 -4.91 -8.92 4.13
N GLY B 18 -4.34 -8.46 3.04
CA GLY B 18 -4.85 -7.21 2.42
C GLY B 18 -6.26 -7.46 1.92
N GLU B 19 -6.70 -8.68 1.94
CA GLU B 19 -8.07 -9.00 1.46
C GLU B 19 -9.09 -8.43 2.43
N ARG B 20 -9.43 -9.16 3.46
CA ARG B 20 -10.42 -8.66 4.45
C ARG B 20 -11.82 -8.71 3.83
N GLN B 21 -12.80 -9.09 4.61
CA GLN B 21 -14.19 -9.15 4.07
C GLN B 21 -15.16 -8.61 5.11
N ALA B 22 -14.96 -8.95 6.35
CA ALA B 22 -15.89 -8.45 7.42
C ALA B 22 -15.06 -8.00 8.63
N GLN A 6 2.55 4.22 16.16
CA GLN A 6 3.44 4.69 15.07
C GLN A 6 3.93 3.47 14.27
N GLY A 7 5.05 3.59 13.61
CA GLY A 7 5.57 2.44 12.81
C GLY A 7 6.61 2.95 11.81
N ASP A 8 6.35 2.80 10.54
CA ASP A 8 7.32 3.27 9.51
C ASP A 8 6.57 4.01 8.41
N ILE A 9 7.26 4.86 7.69
CA ILE A 9 6.58 5.61 6.59
C ILE A 9 7.07 5.10 5.24
N VAL A 10 6.18 4.91 4.31
CA VAL A 10 6.57 4.41 2.97
C VAL A 10 5.94 5.28 1.89
N VAL A 11 6.45 5.26 0.69
CA VAL A 11 5.84 6.09 -0.38
C VAL A 11 5.38 5.18 -1.52
N ALA A 12 4.22 5.46 -2.07
CA ALA A 12 3.69 4.61 -3.17
C ALA A 12 4.49 4.86 -4.45
N LEU A 13 4.88 3.81 -5.13
CA LEU A 13 5.65 3.99 -6.39
C LEU A 13 4.67 3.81 -7.56
N TYR A 14 3.48 3.40 -7.27
CA TYR A 14 2.45 3.20 -8.32
C TYR A 14 1.08 3.14 -7.65
N PRO A 15 0.01 3.52 -8.37
CA PRO A 15 -1.35 3.48 -7.81
C PRO A 15 -1.72 2.06 -7.48
N TYR A 16 -2.55 1.84 -6.48
CA TYR A 16 -2.88 0.44 -6.11
C TYR A 16 -4.22 0.02 -6.72
N ASP A 17 -4.60 -1.20 -6.49
CA ASP A 17 -5.89 -1.71 -7.02
C ASP A 17 -6.87 -1.91 -5.86
N GLY A 18 -7.49 -0.86 -5.39
CA GLY A 18 -8.47 -1.03 -4.27
C GLY A 18 -9.54 -2.03 -4.70
N ILE A 19 -9.36 -3.28 -4.37
CA ILE A 19 -10.39 -4.28 -4.76
C ILE A 19 -11.17 -4.71 -3.51
N HIS A 20 -10.48 -4.93 -2.43
CA HIS A 20 -11.18 -5.32 -1.18
C HIS A 20 -11.83 -4.07 -0.58
N PRO A 21 -12.93 -4.26 0.17
CA PRO A 21 -13.64 -3.14 0.80
C PRO A 21 -12.80 -2.44 1.87
N ASP A 22 -11.70 -3.05 2.25
CA ASP A 22 -10.84 -2.43 3.29
C ASP A 22 -9.51 -1.98 2.68
N ASP A 23 -9.19 -2.43 1.49
CA ASP A 23 -7.90 -2.01 0.87
C ASP A 23 -7.84 -0.49 0.77
N LEU A 24 -6.68 0.07 0.99
CA LEU A 24 -6.53 1.55 0.88
C LEU A 24 -5.95 1.86 -0.49
N SER A 25 -6.63 2.65 -1.26
CA SER A 25 -6.11 3.01 -2.62
C SER A 25 -5.02 4.08 -2.47
N PHE A 26 -3.98 3.98 -3.23
CA PHE A 26 -2.91 5.02 -3.16
C PHE A 26 -2.32 5.21 -4.55
N LYS A 27 -1.73 6.34 -4.82
CA LYS A 27 -1.16 6.57 -6.16
C LYS A 27 0.37 6.62 -6.07
N LYS A 28 1.05 6.70 -7.18
CA LYS A 28 2.54 6.74 -7.13
C LYS A 28 2.99 8.05 -6.49
N GLY A 29 4.13 8.04 -5.86
CA GLY A 29 4.65 9.28 -5.20
C GLY A 29 3.79 9.61 -3.97
N GLU A 30 2.70 8.91 -3.77
CA GLU A 30 1.84 9.20 -2.59
C GLU A 30 2.50 8.67 -1.32
N LYS A 31 2.40 9.39 -0.24
CA LYS A 31 3.03 8.92 1.03
C LYS A 31 1.98 8.20 1.88
N MET A 32 2.36 7.11 2.49
CA MET A 32 1.40 6.34 3.32
C MET A 32 2.04 5.98 4.65
N LYS A 33 1.26 5.88 5.68
CA LYS A 33 1.80 5.52 7.01
C LYS A 33 1.48 4.06 7.33
N VAL A 34 2.48 3.26 7.54
CA VAL A 34 2.23 1.82 7.86
C VAL A 34 1.83 1.71 9.33
N LEU A 35 0.58 1.41 9.59
CA LEU A 35 0.13 1.30 11.01
C LEU A 35 0.35 -0.12 11.52
N GLU A 36 0.09 -1.11 10.71
CA GLU A 36 0.29 -2.52 11.16
C GLU A 36 1.00 -3.30 10.06
N GLU A 37 2.29 -3.46 10.17
CA GLU A 37 3.03 -4.21 9.12
C GLU A 37 2.87 -5.71 9.38
N HIS A 38 2.21 -6.40 8.49
CA HIS A 38 2.02 -7.85 8.66
C HIS A 38 2.93 -8.59 7.67
N GLY A 39 2.38 -9.39 6.80
CA GLY A 39 3.23 -10.12 5.82
C GLY A 39 3.48 -9.24 4.60
N GLU A 40 3.16 -9.72 3.43
CA GLU A 40 3.41 -8.91 2.20
C GLU A 40 2.33 -7.85 2.02
N TRP A 41 1.50 -7.61 2.99
CA TRP A 41 0.45 -6.56 2.83
C TRP A 41 0.28 -5.79 4.15
N TRP A 42 0.89 -4.64 4.28
CA TRP A 42 0.74 -3.87 5.54
C TRP A 42 -0.39 -2.86 5.42
N LYS A 43 -1.10 -2.63 6.49
CA LYS A 43 -2.21 -1.64 6.46
C LYS A 43 -1.63 -0.25 6.72
N ALA A 44 -1.58 0.57 5.71
CA ALA A 44 -1.02 1.94 5.89
C ALA A 44 -2.14 2.96 6.04
N LYS A 45 -1.79 4.20 6.15
CA LYS A 45 -2.82 5.26 6.29
C LYS A 45 -2.64 6.30 5.19
N SER A 46 -3.54 6.34 4.24
CA SER A 46 -3.42 7.33 3.15
C SER A 46 -3.31 8.74 3.73
N LEU A 47 -2.31 9.47 3.32
CA LEU A 47 -2.13 10.86 3.81
C LEU A 47 -3.14 11.75 3.10
N LEU A 48 -3.77 11.24 2.07
CA LEU A 48 -4.77 12.06 1.34
C LEU A 48 -5.68 12.74 2.35
N THR A 49 -5.75 12.22 3.55
CA THR A 49 -6.60 12.85 4.59
C THR A 49 -6.74 11.91 5.79
N LYS A 50 -6.52 10.62 5.60
CA LYS A 50 -6.63 9.66 6.74
C LYS A 50 -7.28 8.36 6.28
N LYS A 51 -6.90 7.88 5.13
CA LYS A 51 -7.48 6.59 4.64
C LYS A 51 -6.67 5.44 5.23
N GLU A 52 -7.32 4.44 5.73
CA GLU A 52 -6.56 3.29 6.32
C GLU A 52 -6.94 2.00 5.60
N GLY A 53 -6.01 1.41 4.90
CA GLY A 53 -6.32 0.14 4.17
C GLY A 53 -5.05 -0.69 4.02
N PHE A 54 -5.19 -1.90 3.53
CA PHE A 54 -4.00 -2.77 3.37
C PHE A 54 -3.18 -2.31 2.16
N ILE A 55 -1.89 -2.18 2.33
CA ILE A 55 -1.03 -1.75 1.19
C ILE A 55 0.01 -2.84 0.95
N PRO A 56 0.30 -3.16 -0.32
CA PRO A 56 1.26 -4.21 -0.65
C PRO A 56 2.70 -3.78 -0.32
N SER A 57 3.59 -4.73 -0.25
CA SER A 57 5.01 -4.39 0.07
C SER A 57 5.79 -4.12 -1.22
N ASN A 58 5.13 -4.07 -2.33
CA ASN A 58 5.86 -3.83 -3.62
C ASN A 58 5.55 -2.42 -4.14
N TYR A 59 4.30 -2.09 -4.30
CA TYR A 59 3.94 -0.74 -4.82
C TYR A 59 4.72 0.35 -4.08
N VAL A 60 4.50 0.48 -2.81
CA VAL A 60 5.19 1.55 -2.04
C VAL A 60 6.63 1.16 -1.72
N ALA A 61 7.46 2.13 -1.50
CA ALA A 61 8.88 1.87 -1.16
C ALA A 61 9.23 2.65 0.11
N LYS A 62 10.24 2.25 0.81
CA LYS A 62 10.59 2.98 2.06
C LYS A 62 11.31 4.28 1.69
N LEU A 63 11.25 5.26 2.56
CA LEU A 63 11.92 6.56 2.26
C LEU A 63 12.84 6.93 3.42
N ASN A 64 14.08 6.53 3.36
CA ASN A 64 15.03 6.85 4.46
C ASN A 64 14.84 8.31 4.88
N THR A 65 15.44 9.22 4.16
CA THR A 65 15.29 10.66 4.51
C THR A 65 14.23 11.30 3.61
N TRP B 1 16.40 8.00 -10.04
CA TRP B 1 15.27 8.22 -10.99
C TRP B 1 14.03 8.64 -10.20
N ASP B 2 12.92 8.81 -10.87
CA ASP B 2 11.68 9.22 -10.17
C ASP B 2 10.59 9.51 -11.21
N PRO B 3 10.26 8.51 -12.02
CA PRO B 3 9.25 8.63 -13.07
C PRO B 3 7.86 8.18 -12.58
N GLY B 4 7.64 6.89 -12.52
CA GLY B 4 6.32 6.39 -12.06
C GLY B 4 5.37 6.29 -13.26
N MET B 5 5.89 5.94 -14.40
CA MET B 5 5.02 5.83 -15.61
C MET B 5 4.34 4.45 -15.63
N PRO B 6 5.11 3.39 -15.35
CA PRO B 6 4.59 2.02 -15.33
C PRO B 6 3.87 1.69 -14.03
N THR B 7 3.62 0.44 -13.78
CA THR B 7 2.93 0.04 -12.52
C THR B 7 2.96 -1.48 -12.39
N PRO B 8 3.88 -1.99 -11.56
CA PRO B 8 4.05 -3.43 -11.33
C PRO B 8 2.85 -4.02 -10.57
N PRO B 9 2.74 -5.35 -10.57
CA PRO B 9 1.65 -6.05 -9.87
C PRO B 9 1.82 -5.93 -8.35
N LEU B 10 1.12 -6.72 -7.60
CA LEU B 10 1.25 -6.64 -6.13
C LEU B 10 1.57 -8.03 -5.57
N PRO B 11 1.82 -8.09 -4.25
CA PRO B 11 2.12 -9.35 -3.57
C PRO B 11 0.92 -10.29 -3.54
N PRO B 12 1.03 -11.42 -2.83
CA PRO B 12 -0.03 -12.44 -2.78
C PRO B 12 -1.00 -12.28 -1.59
N ARG B 13 -0.59 -11.64 -0.53
CA ARG B 13 -1.50 -11.50 0.64
C ARG B 13 -1.55 -12.83 1.39
N PRO B 14 -0.74 -12.95 2.46
CA PRO B 14 -0.69 -14.17 3.28
C PRO B 14 -2.00 -14.39 4.04
N ALA B 15 -2.78 -15.35 3.62
CA ALA B 15 -4.08 -15.60 4.31
C ALA B 15 -4.95 -14.35 4.19
N ASN B 16 -5.39 -14.04 3.02
CA ASN B 16 -6.24 -12.82 2.83
C ASN B 16 -5.68 -11.68 3.67
N LEU B 17 -4.40 -11.44 3.58
CA LEU B 17 -3.79 -10.34 4.37
C LEU B 17 -4.30 -8.99 3.84
N GLY B 18 -3.80 -8.57 2.72
CA GLY B 18 -4.25 -7.29 2.14
C GLY B 18 -5.71 -7.43 1.76
N GLU B 19 -6.22 -8.63 1.78
CA GLU B 19 -7.64 -8.84 1.41
C GLU B 19 -8.52 -8.54 2.63
N ARG B 20 -8.30 -9.22 3.72
CA ARG B 20 -9.10 -8.97 4.94
C ARG B 20 -8.26 -9.26 6.19
N GLN B 21 -8.88 -9.55 7.29
CA GLN B 21 -8.11 -9.84 8.53
C GLN B 21 -8.93 -10.75 9.44
N ALA B 22 -9.76 -11.58 8.87
CA ALA B 22 -10.59 -12.49 9.71
C ALA B 22 -11.70 -13.09 8.86
N GLN A 6 7.46 1.22 16.69
CA GLN A 6 6.94 1.04 15.30
C GLN A 6 6.65 2.42 14.70
N GLY A 7 6.00 2.44 13.56
CA GLY A 7 5.68 3.75 12.92
C GLY A 7 6.70 4.03 11.81
N ASP A 8 6.41 3.59 10.61
CA ASP A 8 7.36 3.84 9.49
C ASP A 8 6.61 4.50 8.33
N ILE A 9 7.23 5.44 7.67
CA ILE A 9 6.55 6.11 6.53
C ILE A 9 7.07 5.55 5.20
N VAL A 10 6.19 5.28 4.28
CA VAL A 10 6.60 4.73 2.96
C VAL A 10 5.93 5.53 1.86
N VAL A 11 6.44 5.47 0.66
CA VAL A 11 5.78 6.22 -0.44
C VAL A 11 5.37 5.25 -1.55
N ALA A 12 4.19 5.43 -2.09
CA ALA A 12 3.72 4.52 -3.17
C ALA A 12 4.51 4.78 -4.45
N LEU A 13 4.93 3.73 -5.11
CA LEU A 13 5.68 3.93 -6.39
C LEU A 13 4.69 3.75 -7.54
N TYR A 14 3.68 2.96 -7.30
CA TYR A 14 2.62 2.75 -8.33
C TYR A 14 1.28 2.69 -7.61
N PRO A 15 0.17 2.99 -8.29
CA PRO A 15 -1.15 2.96 -7.67
C PRO A 15 -1.49 1.54 -7.20
N TYR A 16 -2.20 1.44 -6.11
CA TYR A 16 -2.51 0.09 -5.54
C TYR A 16 -3.51 -0.67 -6.41
N ASP A 17 -4.77 -0.31 -6.31
CA ASP A 17 -5.85 -1.00 -7.07
C ASP A 17 -6.94 -1.41 -6.06
N GLY A 18 -7.68 -0.45 -5.56
CA GLY A 18 -8.73 -0.78 -4.56
C GLY A 18 -9.67 -1.86 -5.10
N ILE A 19 -9.27 -3.11 -4.99
CA ILE A 19 -10.16 -4.20 -5.47
C ILE A 19 -10.92 -4.78 -4.29
N HIS A 20 -10.67 -4.24 -3.12
CA HIS A 20 -11.37 -4.72 -1.90
C HIS A 20 -12.09 -3.53 -1.27
N PRO A 21 -13.18 -3.77 -0.55
CA PRO A 21 -13.97 -2.70 0.07
C PRO A 21 -13.21 -2.05 1.23
N ASP A 22 -12.17 -2.68 1.71
CA ASP A 22 -11.39 -2.13 2.86
C ASP A 22 -9.97 -1.76 2.42
N ASP A 23 -9.51 -2.27 1.33
CA ASP A 23 -8.11 -1.94 0.89
C ASP A 23 -7.94 -0.43 0.78
N LEU A 24 -6.82 0.07 1.21
CA LEU A 24 -6.58 1.54 1.12
C LEU A 24 -5.95 1.85 -0.24
N SER A 25 -6.63 2.61 -1.05
CA SER A 25 -6.10 2.95 -2.39
C SER A 25 -5.01 4.01 -2.28
N PHE A 26 -3.96 3.86 -3.03
CA PHE A 26 -2.87 4.89 -3.01
C PHE A 26 -2.33 5.02 -4.43
N LYS A 27 -1.76 6.14 -4.76
CA LYS A 27 -1.23 6.32 -6.14
C LYS A 27 0.30 6.37 -6.10
N LYS A 28 0.93 6.35 -7.24
CA LYS A 28 2.42 6.41 -7.25
C LYS A 28 2.87 7.75 -6.66
N GLY A 29 4.04 7.79 -6.09
CA GLY A 29 4.54 9.06 -5.49
C GLY A 29 3.71 9.45 -4.26
N GLU A 30 2.63 8.76 -4.00
CA GLU A 30 1.79 9.12 -2.82
C GLU A 30 2.49 8.69 -1.53
N LYS A 31 2.36 9.47 -0.48
CA LYS A 31 3.00 9.10 0.80
C LYS A 31 1.99 8.37 1.70
N MET A 32 2.43 7.32 2.33
CA MET A 32 1.51 6.54 3.21
C MET A 32 2.22 6.19 4.51
N LYS A 33 1.49 6.02 5.57
CA LYS A 33 2.11 5.69 6.88
C LYS A 33 1.78 4.25 7.26
N VAL A 34 2.77 3.46 7.55
CA VAL A 34 2.52 2.05 7.95
C VAL A 34 2.17 2.00 9.44
N LEU A 35 1.19 1.22 9.81
CA LEU A 35 0.82 1.15 11.25
C LEU A 35 1.16 -0.23 11.82
N GLU A 36 1.11 -1.24 11.01
CA GLU A 36 1.43 -2.62 11.50
C GLU A 36 1.78 -3.51 10.32
N GLU A 37 3.04 -3.66 10.05
CA GLU A 37 3.46 -4.54 8.91
C GLU A 37 2.75 -5.88 9.04
N HIS A 38 2.15 -6.33 7.97
CA HIS A 38 1.44 -7.64 8.01
C HIS A 38 1.93 -8.49 6.84
N GLY A 39 2.79 -9.43 7.11
CA GLY A 39 3.30 -10.29 6.00
C GLY A 39 3.57 -9.41 4.77
N GLU A 40 3.29 -9.91 3.60
CA GLU A 40 3.54 -9.10 2.37
C GLU A 40 2.45 -8.04 2.18
N TRP A 41 1.61 -7.82 3.17
CA TRP A 41 0.55 -6.79 3.00
C TRP A 41 0.43 -5.95 4.29
N TRP A 42 1.01 -4.77 4.32
CA TRP A 42 0.92 -3.94 5.55
C TRP A 42 -0.25 -2.97 5.47
N LYS A 43 -0.85 -2.63 6.58
CA LYS A 43 -1.99 -1.68 6.56
C LYS A 43 -1.45 -0.27 6.84
N ALA A 44 -1.47 0.59 5.87
CA ALA A 44 -0.94 1.97 6.09
C ALA A 44 -2.08 2.98 6.15
N LYS A 45 -1.75 4.23 6.24
CA LYS A 45 -2.80 5.28 6.32
C LYS A 45 -2.57 6.31 5.21
N SER A 46 -3.60 6.64 4.48
CA SER A 46 -3.44 7.65 3.39
C SER A 46 -3.37 9.05 3.98
N LEU A 47 -2.36 9.80 3.63
CA LEU A 47 -2.26 11.19 4.17
C LEU A 47 -3.30 12.05 3.45
N LEU A 48 -3.96 11.50 2.47
CA LEU A 48 -4.99 12.29 1.73
C LEU A 48 -6.02 12.82 2.72
N THR A 49 -6.61 11.96 3.49
CA THR A 49 -7.62 12.44 4.48
C THR A 49 -7.81 11.40 5.59
N LYS A 50 -6.79 10.63 5.88
CA LYS A 50 -6.90 9.61 6.97
C LYS A 50 -7.50 8.31 6.45
N LYS A 51 -7.09 7.86 5.30
CA LYS A 51 -7.61 6.57 4.78
C LYS A 51 -6.75 5.44 5.35
N GLU A 52 -7.35 4.41 5.87
CA GLU A 52 -6.56 3.29 6.44
C GLU A 52 -6.92 2.00 5.74
N GLY A 53 -5.98 1.37 5.09
CA GLY A 53 -6.30 0.10 4.39
C GLY A 53 -5.04 -0.75 4.23
N PHE A 54 -5.21 -1.99 3.89
CA PHE A 54 -4.04 -2.90 3.70
C PHE A 54 -3.29 -2.51 2.42
N ILE A 55 -1.99 -2.44 2.50
CA ILE A 55 -1.20 -2.08 1.29
C ILE A 55 -0.16 -3.17 1.02
N PRO A 56 0.12 -3.44 -0.26
CA PRO A 56 1.09 -4.47 -0.64
C PRO A 56 2.52 -4.05 -0.27
N SER A 57 3.43 -4.97 -0.23
CA SER A 57 4.83 -4.62 0.15
C SER A 57 5.67 -4.31 -1.09
N ASN A 58 5.06 -4.20 -2.24
CA ASN A 58 5.87 -3.91 -3.46
C ASN A 58 5.54 -2.51 -3.99
N TYR A 59 4.28 -2.22 -4.18
CA TYR A 59 3.89 -0.89 -4.71
C TYR A 59 4.67 0.22 -4.00
N VAL A 60 4.49 0.35 -2.72
CA VAL A 60 5.18 1.45 -1.98
C VAL A 60 6.63 1.10 -1.67
N ALA A 61 7.43 2.11 -1.48
CA ALA A 61 8.88 1.90 -1.17
C ALA A 61 9.24 2.78 0.03
N LYS A 62 10.33 2.50 0.69
CA LYS A 62 10.72 3.34 1.85
C LYS A 62 11.32 4.65 1.34
N LEU A 63 11.19 5.71 2.11
CA LEU A 63 11.75 7.03 1.66
C LEU A 63 13.17 7.17 2.20
N ASN A 64 13.32 7.57 3.42
CA ASN A 64 14.68 7.73 4.00
C ASN A 64 15.52 6.48 3.71
N THR A 65 16.79 6.64 3.51
CA THR A 65 17.66 5.46 3.22
C THR A 65 18.32 4.99 4.52
N TRP B 1 10.59 12.10 -20.19
CA TRP B 1 10.49 11.01 -19.20
C TRP B 1 11.45 9.88 -19.56
N ASP B 2 11.36 8.77 -18.89
CA ASP B 2 12.27 7.63 -19.21
C ASP B 2 11.67 6.35 -18.64
N PRO B 3 11.45 6.34 -17.31
CA PRO B 3 10.87 5.18 -16.62
C PRO B 3 9.40 4.97 -16.99
N GLY B 4 8.49 5.57 -16.26
CA GLY B 4 7.05 5.41 -16.59
C GLY B 4 6.32 4.80 -15.39
N MET B 5 6.99 4.67 -14.27
CA MET B 5 6.32 4.08 -13.07
C MET B 5 5.51 2.87 -13.48
N PRO B 6 6.14 1.68 -13.48
CA PRO B 6 5.47 0.43 -13.86
C PRO B 6 4.58 -0.09 -12.74
N THR B 7 4.25 -1.36 -12.79
CA THR B 7 3.38 -1.96 -11.75
C THR B 7 3.64 -3.47 -11.71
N PRO B 8 4.50 -3.91 -10.78
CA PRO B 8 4.84 -5.33 -10.63
C PRO B 8 3.68 -6.13 -10.06
N PRO B 9 3.85 -7.46 -9.97
CA PRO B 9 2.82 -8.35 -9.44
C PRO B 9 2.59 -8.15 -7.95
N LEU B 10 1.48 -7.58 -7.58
CA LEU B 10 1.21 -7.33 -6.14
C LEU B 10 1.65 -8.55 -5.32
N PRO B 11 1.78 -8.36 -4.01
CA PRO B 11 2.19 -9.42 -3.09
C PRO B 11 1.14 -10.54 -3.00
N PRO B 12 1.43 -11.61 -2.24
CA PRO B 12 0.55 -12.77 -2.11
C PRO B 12 -0.70 -12.50 -1.25
N ARG B 13 -0.54 -11.92 -0.10
CA ARG B 13 -1.72 -11.68 0.78
C ARG B 13 -2.01 -12.94 1.60
N PRO B 14 -1.42 -13.00 2.81
CA PRO B 14 -1.58 -14.15 3.72
C PRO B 14 -3.01 -14.24 4.29
N ALA B 15 -3.61 -15.39 4.20
CA ALA B 15 -5.00 -15.56 4.73
C ALA B 15 -5.80 -14.29 4.45
N ASN B 16 -6.08 -14.03 3.21
CA ASN B 16 -6.85 -12.80 2.88
C ASN B 16 -6.33 -11.64 3.72
N LEU B 17 -5.05 -11.52 3.83
CA LEU B 17 -4.46 -10.42 4.62
C LEU B 17 -5.01 -9.09 4.11
N GLY B 18 -4.32 -8.46 3.22
CA GLY B 18 -4.83 -7.19 2.67
C GLY B 18 -6.11 -7.50 1.90
N GLU B 19 -6.35 -8.77 1.67
CA GLU B 19 -7.58 -9.17 0.94
C GLU B 19 -8.80 -8.88 1.81
N ARG B 20 -9.00 -9.65 2.84
CA ARG B 20 -10.16 -9.43 3.74
C ARG B 20 -11.44 -9.87 3.05
N GLN B 21 -12.47 -10.16 3.80
CA GLN B 21 -13.75 -10.61 3.19
C GLN B 21 -14.93 -10.03 3.97
N ALA B 22 -14.72 -8.96 4.67
CA ALA B 22 -15.83 -8.34 5.45
C ALA B 22 -16.30 -9.33 6.52
N GLN A 6 4.81 -0.05 16.18
CA GLN A 6 5.85 0.64 15.37
C GLN A 6 5.18 1.62 14.41
N GLY A 7 5.95 2.32 13.62
CA GLY A 7 5.36 3.31 12.68
C GLY A 7 6.41 3.74 11.66
N ASP A 8 6.38 3.19 10.48
CA ASP A 8 7.37 3.57 9.44
C ASP A 8 6.66 4.27 8.28
N ILE A 9 7.24 5.31 7.75
CA ILE A 9 6.58 6.04 6.63
C ILE A 9 7.09 5.48 5.29
N VAL A 10 6.20 5.27 4.36
CA VAL A 10 6.61 4.72 3.03
C VAL A 10 5.96 5.57 1.93
N VAL A 11 6.46 5.49 0.74
CA VAL A 11 5.86 6.29 -0.36
C VAL A 11 5.39 5.34 -1.46
N ALA A 12 4.24 5.60 -2.04
CA ALA A 12 3.73 4.71 -3.12
C ALA A 12 4.56 4.89 -4.38
N LEU A 13 4.97 3.82 -4.99
CA LEU A 13 5.75 3.93 -6.25
C LEU A 13 4.80 3.71 -7.43
N TYR A 14 3.62 3.27 -7.14
CA TYR A 14 2.61 3.02 -8.20
C TYR A 14 1.23 3.00 -7.56
N PRO A 15 0.17 3.33 -8.32
CA PRO A 15 -1.19 3.33 -7.79
C PRO A 15 -1.59 1.90 -7.42
N TYR A 16 -2.42 1.73 -6.42
CA TYR A 16 -2.78 0.34 -6.03
C TYR A 16 -4.11 -0.08 -6.68
N ASP A 17 -4.52 -1.29 -6.44
CA ASP A 17 -5.81 -1.78 -7.00
C ASP A 17 -6.84 -1.92 -5.89
N GLY A 18 -7.47 -0.86 -5.47
CA GLY A 18 -8.49 -1.00 -4.39
C GLY A 18 -9.57 -1.97 -4.86
N ILE A 19 -9.45 -3.22 -4.51
CA ILE A 19 -10.48 -4.20 -4.94
C ILE A 19 -11.32 -4.60 -3.73
N HIS A 20 -10.69 -4.81 -2.61
CA HIS A 20 -11.45 -5.18 -1.39
C HIS A 20 -12.11 -3.92 -0.82
N PRO A 21 -13.15 -4.09 0.00
CA PRO A 21 -13.86 -2.96 0.60
C PRO A 21 -13.02 -2.25 1.67
N ASP A 22 -11.93 -2.85 2.08
CA ASP A 22 -11.08 -2.23 3.13
C ASP A 22 -9.71 -1.83 2.56
N ASP A 23 -9.35 -2.32 1.41
CA ASP A 23 -8.02 -1.97 0.85
C ASP A 23 -7.89 -0.45 0.72
N LEU A 24 -6.75 0.08 1.04
CA LEU A 24 -6.54 1.54 0.91
C LEU A 24 -5.92 1.82 -0.45
N SER A 25 -6.58 2.61 -1.25
CA SER A 25 -6.05 2.93 -2.60
C SER A 25 -5.00 4.03 -2.49
N PHE A 26 -3.94 3.95 -3.25
CA PHE A 26 -2.90 5.01 -3.19
C PHE A 26 -2.32 5.18 -4.59
N LYS A 27 -1.73 6.31 -4.88
CA LYS A 27 -1.15 6.52 -6.24
C LYS A 27 0.37 6.56 -6.14
N LYS A 28 1.04 6.62 -7.26
CA LYS A 28 2.53 6.67 -7.21
C LYS A 28 2.97 7.99 -6.62
N GLY A 29 4.11 8.01 -5.99
CA GLY A 29 4.62 9.28 -5.38
C GLY A 29 3.77 9.65 -4.15
N GLU A 30 2.69 8.95 -3.91
CA GLU A 30 1.85 9.29 -2.73
C GLU A 30 2.51 8.79 -1.45
N LYS A 31 2.39 9.51 -0.38
CA LYS A 31 3.02 9.06 0.91
C LYS A 31 1.97 8.36 1.77
N MET A 32 2.35 7.29 2.40
CA MET A 32 1.39 6.53 3.26
C MET A 32 2.07 6.17 4.58
N LYS A 33 1.30 6.04 5.62
CA LYS A 33 1.89 5.70 6.94
C LYS A 33 1.58 4.24 7.27
N VAL A 34 2.60 3.45 7.53
CA VAL A 34 2.37 2.02 7.87
C VAL A 34 1.98 1.90 9.33
N LEU A 35 1.00 1.09 9.64
CA LEU A 35 0.57 0.94 11.05
C LEU A 35 0.92 -0.46 11.55
N GLU A 36 0.68 -1.47 10.77
CA GLU A 36 1.00 -2.86 11.18
C GLU A 36 1.38 -3.68 9.96
N GLU A 37 2.65 -3.98 9.81
CA GLU A 37 3.10 -4.78 8.63
C GLU A 37 3.05 -6.26 8.98
N HIS A 38 2.26 -7.02 8.28
CA HIS A 38 2.16 -8.48 8.56
C HIS A 38 3.31 -9.20 7.87
N GLY A 39 3.08 -9.81 6.74
CA GLY A 39 4.17 -10.53 6.03
C GLY A 39 4.18 -10.17 4.55
N GLU A 40 3.13 -9.57 4.06
CA GLU A 40 3.10 -9.21 2.61
C GLU A 40 2.11 -8.07 2.35
N TRP A 41 1.22 -7.79 3.28
CA TRP A 41 0.24 -6.68 3.05
C TRP A 41 0.10 -5.86 4.34
N TRP A 42 0.73 -4.73 4.40
CA TRP A 42 0.63 -3.88 5.62
C TRP A 42 -0.49 -2.86 5.48
N LYS A 43 -1.17 -2.57 6.56
CA LYS A 43 -2.28 -1.57 6.49
C LYS A 43 -1.70 -0.19 6.78
N ALA A 44 -1.61 0.64 5.79
CA ALA A 44 -1.03 2.00 6.01
C ALA A 44 -2.16 3.03 6.06
N LYS A 45 -1.81 4.28 6.15
CA LYS A 45 -2.83 5.36 6.20
C LYS A 45 -2.56 6.38 5.10
N SER A 46 -3.55 6.73 4.33
CA SER A 46 -3.34 7.72 3.25
C SER A 46 -3.25 9.13 3.84
N LEU A 47 -2.20 9.84 3.53
CA LEU A 47 -2.07 11.22 4.05
C LEU A 47 -3.10 12.10 3.35
N LEU A 48 -3.75 11.57 2.35
CA LEU A 48 -4.78 12.36 1.61
C LEU A 48 -5.80 12.92 2.61
N THR A 49 -6.41 12.08 3.39
CA THR A 49 -7.40 12.59 4.38
C THR A 49 -7.63 11.54 5.47
N LYS A 50 -6.64 10.72 5.74
CA LYS A 50 -6.79 9.69 6.82
C LYS A 50 -7.42 8.41 6.27
N LYS A 51 -6.98 7.96 5.13
CA LYS A 51 -7.52 6.69 4.58
C LYS A 51 -6.72 5.54 5.17
N GLU A 52 -7.36 4.52 5.67
CA GLU A 52 -6.60 3.39 6.26
C GLU A 52 -6.97 2.09 5.54
N GLY A 53 -6.03 1.46 4.91
CA GLY A 53 -6.35 0.19 4.20
C GLY A 53 -5.09 -0.64 4.02
N PHE A 54 -5.24 -1.87 3.63
CA PHE A 54 -4.06 -2.76 3.44
C PHE A 54 -3.29 -2.32 2.19
N ILE A 55 -2.00 -2.20 2.32
CA ILE A 55 -1.16 -1.79 1.14
C ILE A 55 -0.15 -2.90 0.87
N PRO A 56 0.13 -3.19 -0.41
CA PRO A 56 1.08 -4.25 -0.77
C PRO A 56 2.52 -3.88 -0.40
N SER A 57 3.35 -4.86 -0.19
CA SER A 57 4.76 -4.56 0.18
C SER A 57 5.59 -4.30 -1.07
N ASN A 58 4.97 -4.22 -2.22
CA ASN A 58 5.75 -3.98 -3.46
C ASN A 58 5.50 -2.57 -4.00
N TYR A 59 4.27 -2.20 -4.17
CA TYR A 59 3.96 -0.85 -4.72
C TYR A 59 4.73 0.24 -3.98
N VAL A 60 4.49 0.39 -2.71
CA VAL A 60 5.17 1.47 -1.95
C VAL A 60 6.61 1.08 -1.60
N ALA A 61 7.43 2.06 -1.40
CA ALA A 61 8.86 1.82 -1.05
C ALA A 61 9.26 2.76 0.08
N LYS A 62 10.35 2.49 0.75
CA LYS A 62 10.77 3.39 1.86
C LYS A 62 11.38 4.67 1.27
N LEU A 63 11.24 5.77 1.95
CA LEU A 63 11.81 7.04 1.42
C LEU A 63 13.30 7.11 1.71
N ASN A 64 14.11 6.41 0.95
CA ASN A 64 15.58 6.44 1.20
C ASN A 64 16.32 6.26 -0.13
N THR A 65 15.62 6.36 -1.23
CA THR A 65 16.30 6.19 -2.55
C THR A 65 15.75 7.22 -3.54
N TRP B 1 5.68 10.05 -25.89
CA TRP B 1 5.29 9.16 -24.77
C TRP B 1 4.42 8.02 -25.30
N ASP B 2 4.06 7.08 -24.47
CA ASP B 2 3.22 5.95 -24.93
C ASP B 2 2.63 5.24 -23.70
N PRO B 3 3.51 4.75 -22.82
CA PRO B 3 3.09 4.06 -21.59
C PRO B 3 2.40 5.02 -20.62
N GLY B 4 3.15 5.64 -19.75
CA GLY B 4 2.54 6.59 -18.77
C GLY B 4 2.63 5.99 -17.36
N MET B 5 3.79 6.02 -16.77
CA MET B 5 3.96 5.46 -15.41
C MET B 5 3.57 3.97 -15.42
N PRO B 6 4.52 3.10 -15.07
CA PRO B 6 4.28 1.66 -15.04
C PRO B 6 3.56 1.24 -13.76
N THR B 7 3.58 -0.03 -13.45
CA THR B 7 2.90 -0.50 -12.21
C THR B 7 3.17 -2.00 -12.04
N PRO B 8 4.08 -2.36 -11.14
CA PRO B 8 4.44 -3.76 -10.87
C PRO B 8 3.29 -4.51 -10.17
N PRO B 9 3.28 -5.83 -10.29
CA PRO B 9 2.25 -6.67 -9.66
C PRO B 9 2.38 -6.67 -8.14
N LEU B 10 1.28 -6.71 -7.44
CA LEU B 10 1.35 -6.71 -5.95
C LEU B 10 1.59 -8.12 -5.44
N PRO B 11 1.79 -8.24 -4.13
CA PRO B 11 1.99 -9.52 -3.46
C PRO B 11 0.68 -10.31 -3.40
N PRO B 12 0.64 -11.42 -2.66
CA PRO B 12 -0.56 -12.23 -2.55
C PRO B 12 -1.49 -11.75 -1.44
N ARG B 13 -1.07 -11.89 -0.21
CA ARG B 13 -1.91 -11.45 0.95
C ARG B 13 -1.77 -12.46 2.10
N PRO B 14 -1.14 -12.04 3.21
CA PRO B 14 -0.93 -12.89 4.38
C PRO B 14 -2.24 -13.24 5.09
N ALA B 15 -2.49 -14.50 5.31
CA ALA B 15 -3.75 -14.92 5.99
C ALA B 15 -4.90 -14.03 5.51
N ASN B 16 -5.07 -13.92 4.22
CA ASN B 16 -6.17 -13.07 3.69
C ASN B 16 -6.14 -11.72 4.42
N LEU B 17 -4.98 -11.16 4.59
CA LEU B 17 -4.88 -9.84 5.28
C LEU B 17 -5.40 -8.76 4.36
N GLY B 18 -4.58 -8.29 3.47
CA GLY B 18 -5.03 -7.24 2.53
C GLY B 18 -6.17 -7.81 1.69
N GLU B 19 -6.37 -9.10 1.76
CA GLU B 19 -7.46 -9.72 0.97
C GLU B 19 -8.81 -9.36 1.62
N ARG B 20 -9.39 -10.28 2.35
CA ARG B 20 -10.69 -9.98 3.00
C ARG B 20 -10.45 -9.58 4.46
N GLN B 21 -11.37 -8.87 5.05
CA GLN B 21 -11.19 -8.43 6.45
C GLN B 21 -11.61 -9.57 7.40
N ALA B 22 -11.23 -9.49 8.64
CA ALA B 22 -11.60 -10.56 9.61
C ALA B 22 -13.12 -10.55 9.83
#